data_6S9O
#
_entry.id   6S9O
#
_cell.length_a   168.700
_cell.length_b   82.400
_cell.length_c   191.780
_cell.angle_alpha   90.000
_cell.angle_beta   90.360
_cell.angle_gamma   90.000
#
_symmetry.space_group_name_H-M   'C 1 2 1'
#
loop_
_entity.id
_entity.type
_entity.pdbx_description
1 polymer 'designed Armadillo repeat protein with internal Lock1 fused to target peptide KRKRKLKFKR'
2 non-polymer 'CALCIUM ION'
3 non-polymer 1,2-ETHANEDIOL
4 water water
#
_entity_poly.entity_id   1
_entity_poly.type   'polypeptide(L)'
_entity_poly.pdbx_seq_one_letter_code
;GPGSELPQMVQQLNSPDQQELQSALRKLSQIASGGNEQIQAVIDAGALPALVQLLSSPNEQILQEALWALSNIASGGNEQ
IQAVIDAGALPALVQLLSSPNEQILQEALWALRNIASGGNEQIQAVIDAGALPALVQLLSSPNEQILSSALGALSNIASG
GNEQIQAVIDAGALPALVQLLSSPNEQILQLALWALSNIASGGNEQIQAVIDAGALPALVQLLSSPNEQILQEALWALSN
IASGGNEQIQAVIDAGALPALVQLLSSPNEQILQEALWALSNIASGGNEQKQAVKEAGALEKLEQLQSHENEKIQKEAQE
ALEKLQSHGSGGSGKRKRKLKFKR
;
_entity_poly.pdbx_strand_id   A,B,C,D,E,F
#
loop_
_chem_comp.id
_chem_comp.type
_chem_comp.name
_chem_comp.formula
CA non-polymer 'CALCIUM ION' 'Ca 2'
EDO non-polymer 1,2-ETHANEDIOL 'C2 H6 O2'
#
# COMPACT_ATOMS: atom_id res chain seq x y z
N PRO A 2 -25.00 -34.04 1.96
CA PRO A 2 -25.13 -34.97 3.08
C PRO A 2 -24.87 -34.27 4.42
N GLY A 3 -25.83 -34.40 5.34
CA GLY A 3 -25.74 -33.76 6.63
C GLY A 3 -26.17 -32.30 6.58
N SER A 4 -26.32 -31.74 7.78
CA SER A 4 -26.70 -30.35 7.95
C SER A 4 -25.46 -29.49 8.17
N GLU A 5 -25.48 -28.29 7.59
CA GLU A 5 -24.35 -27.39 7.66
C GLU A 5 -24.39 -26.44 8.86
N LEU A 6 -25.43 -26.48 9.67
CA LEU A 6 -25.55 -25.51 10.74
C LEU A 6 -24.65 -25.81 11.93
N PRO A 7 -24.63 -27.04 12.44
CA PRO A 7 -23.80 -27.31 13.62
C PRO A 7 -22.32 -26.99 13.40
N GLN A 8 -21.75 -27.44 12.28
CA GLN A 8 -20.35 -27.16 12.00
C GLN A 8 -20.09 -25.66 11.87
N MET A 9 -21.01 -24.93 11.21
CA MET A 9 -20.82 -23.49 11.05
C MET A 9 -20.85 -22.78 12.41
N VAL A 10 -21.81 -23.14 13.25
CA VAL A 10 -21.92 -22.49 14.56
C VAL A 10 -20.68 -22.80 15.40
N GLN A 11 -20.20 -24.04 15.35
CA GLN A 11 -19.01 -24.37 16.13
C GLN A 11 -17.78 -23.66 15.60
N GLN A 12 -17.62 -23.58 14.27
CA GLN A 12 -16.47 -22.89 13.71
C GLN A 12 -16.52 -21.40 13.96
N LEU A 13 -17.69 -20.86 14.25
CA LEU A 13 -17.77 -19.43 14.54
C LEU A 13 -16.93 -19.08 15.78
N ASN A 14 -16.74 -20.05 16.69
CA ASN A 14 -15.92 -19.85 17.88
C ASN A 14 -14.49 -20.37 17.73
N SER A 15 -14.11 -20.83 16.54
CA SER A 15 -12.77 -21.35 16.34
C SER A 15 -11.75 -20.21 16.31
N PRO A 16 -10.53 -20.44 16.81
CA PRO A 16 -9.50 -19.38 16.75
C PRO A 16 -8.89 -19.19 15.37
N ASP A 17 -8.84 -20.23 14.54
CA ASP A 17 -8.23 -20.11 13.22
C ASP A 17 -9.03 -19.16 12.34
N GLN A 18 -8.31 -18.30 11.61
CA GLN A 18 -8.97 -17.26 10.85
C GLN A 18 -9.57 -17.80 9.55
N GLN A 19 -8.87 -18.71 8.87
CA GLN A 19 -9.36 -19.18 7.58
C GLN A 19 -10.64 -19.99 7.73
N GLU A 20 -10.65 -20.96 8.65
CA GLU A 20 -11.84 -21.78 8.84
C GLU A 20 -12.99 -20.97 9.43
N LEU A 21 -12.68 -20.03 10.32
CA LEU A 21 -13.73 -19.18 10.86
C LEU A 21 -14.38 -18.33 9.77
N GLN A 22 -13.56 -17.74 8.89
CA GLN A 22 -14.11 -16.98 7.77
C GLN A 22 -14.87 -17.90 6.81
N SER A 23 -14.43 -19.15 6.66
CA SER A 23 -15.18 -20.10 5.85
C SER A 23 -16.57 -20.32 6.44
N ALA A 24 -16.65 -20.44 7.77
CA ALA A 24 -17.95 -20.54 8.44
C ALA A 24 -18.78 -19.29 8.19
N LEU A 25 -18.14 -18.12 8.24
CA LEU A 25 -18.83 -16.86 7.95
C LEU A 25 -19.38 -16.86 6.52
N ARG A 26 -18.59 -17.37 5.57
CA ARG A 26 -19.05 -17.46 4.20
C ARG A 26 -20.26 -18.37 4.11
N LYS A 27 -20.22 -19.51 4.80
CA LYS A 27 -21.37 -20.41 4.82
C LYS A 27 -22.60 -19.71 5.39
N LEU A 28 -22.42 -18.93 6.45
CA LEU A 28 -23.54 -18.22 7.04
C LEU A 28 -24.13 -17.20 6.07
N SER A 29 -23.27 -16.45 5.38
CA SER A 29 -23.75 -15.50 4.38
C SER A 29 -24.50 -16.23 3.27
N GLN A 30 -23.95 -17.36 2.79
CA GLN A 30 -24.57 -18.07 1.69
C GLN A 30 -25.89 -18.72 2.10
N ILE A 31 -26.01 -19.16 3.36
CA ILE A 31 -27.25 -19.75 3.83
C ILE A 31 -28.31 -18.67 4.06
N ALA A 32 -27.92 -17.57 4.72
CA ALA A 32 -28.88 -16.52 5.00
C ALA A 32 -29.33 -15.79 3.74
N SER A 33 -28.59 -15.91 2.65
CA SER A 33 -29.00 -15.36 1.37
C SER A 33 -29.98 -16.33 0.72
N GLY A 34 -31.24 -16.23 1.12
CA GLY A 34 -32.27 -17.07 0.54
C GLY A 34 -33.63 -16.83 1.15
N GLY A 35 -34.19 -17.82 1.83
CA GLY A 35 -35.56 -17.71 2.32
C GLY A 35 -35.57 -17.41 3.79
N ASN A 36 -36.58 -16.65 4.21
CA ASN A 36 -36.69 -16.27 5.61
C ASN A 36 -36.71 -17.48 6.53
N GLU A 37 -37.28 -18.60 6.07
CA GLU A 37 -37.18 -19.83 6.84
C GLU A 37 -35.72 -20.22 7.04
N GLN A 38 -34.90 -20.05 5.99
CA GLN A 38 -33.48 -20.36 6.10
C GLN A 38 -32.78 -19.41 7.07
N ILE A 39 -33.10 -18.12 6.98
CA ILE A 39 -32.53 -17.15 7.91
C ILE A 39 -32.89 -17.52 9.34
N GLN A 40 -34.14 -17.93 9.55
CA GLN A 40 -34.59 -18.34 10.88
C GLN A 40 -33.90 -19.61 11.33
N ALA A 41 -33.67 -20.55 10.42
CA ALA A 41 -32.92 -21.76 10.78
C ALA A 41 -31.50 -21.42 11.19
N VAL A 42 -30.87 -20.46 10.52
CA VAL A 42 -29.55 -20.00 10.94
C VAL A 42 -29.61 -19.40 12.33
N ILE A 43 -30.60 -18.56 12.58
CA ILE A 43 -30.72 -17.94 13.90
C ILE A 43 -30.90 -19.00 14.98
N ASP A 44 -31.84 -19.93 14.75
CA ASP A 44 -32.08 -21.00 15.71
C ASP A 44 -30.84 -21.84 15.93
N ALA A 45 -29.94 -21.89 14.93
CA ALA A 45 -28.68 -22.60 15.07
C ALA A 45 -27.75 -21.95 16.09
N GLY A 46 -28.05 -20.73 16.52
CA GLY A 46 -27.24 -20.05 17.51
C GLY A 46 -26.04 -19.32 16.97
N ALA A 47 -26.16 -18.72 15.78
CA ALA A 47 -25.04 -18.05 15.14
C ALA A 47 -24.90 -16.60 15.59
N LEU A 48 -26.00 -15.97 15.96
CA LEU A 48 -25.99 -14.54 16.21
C LEU A 48 -25.02 -14.11 17.30
N PRO A 49 -24.92 -14.79 18.45
CA PRO A 49 -23.94 -14.34 19.45
C PRO A 49 -22.53 -14.33 18.91
N ALA A 50 -22.14 -15.40 18.20
CA ALA A 50 -20.81 -15.47 17.62
C ALA A 50 -20.61 -14.35 16.59
N LEU A 51 -21.65 -14.04 15.82
CA LEU A 51 -21.53 -12.98 14.83
C LEU A 51 -21.39 -11.60 15.50
N VAL A 52 -22.15 -11.36 16.57
CA VAL A 52 -22.07 -10.08 17.27
C VAL A 52 -20.71 -9.92 17.92
N GLN A 53 -20.11 -11.03 18.39
CA GLN A 53 -18.76 -10.92 18.95
C GLN A 53 -17.74 -10.72 17.84
N LEU A 54 -17.93 -11.39 16.70
CA LEU A 54 -17.02 -11.21 15.56
C LEU A 54 -17.09 -9.81 14.98
N LEU A 55 -18.22 -9.13 15.16
CA LEU A 55 -18.33 -7.75 14.71
C LEU A 55 -17.39 -6.81 15.46
N SER A 56 -16.83 -7.26 16.59
CA SER A 56 -15.86 -6.47 17.35
C SER A 56 -14.44 -7.00 17.20
N SER A 57 -14.17 -7.74 16.13
CA SER A 57 -12.86 -8.34 15.93
C SER A 57 -11.87 -7.34 15.35
N PRO A 58 -10.59 -7.48 15.71
CA PRO A 58 -9.56 -6.62 15.11
C PRO A 58 -9.16 -7.02 13.70
N ASN A 59 -9.61 -8.17 13.20
CA ASN A 59 -9.29 -8.62 11.86
C ASN A 59 -10.29 -8.04 10.86
N GLU A 60 -9.78 -7.31 9.86
CA GLU A 60 -10.65 -6.65 8.90
C GLU A 60 -11.42 -7.65 8.03
N GLN A 61 -10.81 -8.78 7.69
CA GLN A 61 -11.48 -9.76 6.84
C GLN A 61 -12.72 -10.32 7.54
N ILE A 62 -12.56 -10.75 8.79
CA ILE A 62 -13.70 -11.29 9.51
C ILE A 62 -14.74 -10.21 9.78
N LEU A 63 -14.31 -8.96 9.98
CA LEU A 63 -15.27 -7.87 10.18
C LEU A 63 -16.13 -7.67 8.93
N GLN A 64 -15.50 -7.60 7.76
CA GLN A 64 -16.26 -7.44 6.53
C GLN A 64 -17.16 -8.64 6.27
N GLU A 65 -16.67 -9.85 6.57
CA GLU A 65 -17.51 -11.03 6.35
C GLU A 65 -18.71 -11.05 7.29
N ALA A 66 -18.50 -10.61 8.53
CA ALA A 66 -19.61 -10.50 9.48
C ALA A 66 -20.62 -9.46 9.00
N LEU A 67 -20.14 -8.37 8.40
CA LEU A 67 -21.05 -7.37 7.84
C LEU A 67 -21.88 -7.98 6.71
N TRP A 68 -21.22 -8.76 5.84
CA TRP A 68 -21.93 -9.51 4.80
C TRP A 68 -23.07 -10.33 5.38
N ALA A 69 -22.72 -11.23 6.31
CA ALA A 69 -23.72 -12.11 6.92
C ALA A 69 -24.84 -11.31 7.55
N LEU A 70 -24.48 -10.22 8.25
CA LEU A 70 -25.48 -9.41 8.92
C LEU A 70 -26.45 -8.78 7.95
N SER A 71 -25.96 -8.24 6.84
CA SER A 71 -26.87 -7.70 5.82
C SER A 71 -27.82 -8.79 5.32
N ASN A 72 -27.27 -9.97 5.03
CA ASN A 72 -28.13 -11.04 4.52
C ASN A 72 -29.20 -11.41 5.52
N ILE A 73 -28.85 -11.46 6.80
CA ILE A 73 -29.84 -11.74 7.84
C ILE A 73 -30.84 -10.60 7.95
N ALA A 74 -30.38 -9.36 7.88
CA ALA A 74 -31.21 -8.16 8.03
C ALA A 74 -32.02 -7.85 6.79
N SER A 75 -32.04 -8.78 5.83
CA SER A 75 -32.92 -8.64 4.68
C SER A 75 -34.17 -9.51 4.82
N GLY A 76 -34.53 -9.90 6.05
CA GLY A 76 -35.67 -10.75 6.27
C GLY A 76 -36.80 -10.13 7.09
N GLY A 77 -37.52 -10.98 7.84
CA GLY A 77 -38.64 -10.50 8.63
C GLY A 77 -38.21 -9.61 9.79
N ASN A 78 -39.19 -8.92 10.37
CA ASN A 78 -38.93 -8.02 11.49
C ASN A 78 -38.57 -8.77 12.76
N GLU A 79 -39.07 -10.00 12.94
CA GLU A 79 -38.67 -10.76 14.11
C GLU A 79 -37.19 -11.12 14.04
N GLN A 80 -36.67 -11.38 12.84
CA GLN A 80 -35.26 -11.67 12.68
C GLN A 80 -34.41 -10.44 12.98
N ILE A 81 -34.84 -9.26 12.52
CA ILE A 81 -34.12 -8.03 12.86
C ILE A 81 -34.18 -7.80 14.36
N GLN A 82 -35.32 -8.12 14.98
CA GLN A 82 -35.40 -7.96 16.44
C GLN A 82 -34.47 -8.93 17.15
N ALA A 83 -34.29 -10.13 16.60
CA ALA A 83 -33.32 -11.07 17.16
C ALA A 83 -31.90 -10.53 17.04
N VAL A 84 -31.58 -9.95 15.88
CA VAL A 84 -30.28 -9.33 15.70
C VAL A 84 -30.07 -8.22 16.73
N ILE A 85 -31.08 -7.38 16.94
CA ILE A 85 -30.96 -6.28 17.89
C ILE A 85 -30.77 -6.83 19.31
N ASP A 86 -31.54 -7.85 19.68
CA ASP A 86 -31.40 -8.46 20.99
C ASP A 86 -30.03 -9.09 21.18
N ALA A 87 -29.36 -9.47 20.11
CA ALA A 87 -27.99 -9.95 20.21
C ALA A 87 -27.00 -8.86 20.59
N GLY A 88 -27.41 -7.59 20.52
CA GLY A 88 -26.54 -6.50 20.91
C GLY A 88 -25.60 -6.01 19.83
N ALA A 89 -25.98 -6.13 18.56
CA ALA A 89 -25.11 -5.84 17.44
C ALA A 89 -25.09 -4.37 17.03
N LEU A 90 -25.91 -3.52 17.64
CA LEU A 90 -26.01 -2.15 17.13
C LEU A 90 -24.78 -1.32 17.45
N PRO A 91 -24.28 -1.30 18.69
CA PRO A 91 -23.09 -0.47 18.97
C PRO A 91 -21.92 -0.84 18.08
N ALA A 92 -21.76 -2.14 17.80
CA ALA A 92 -20.74 -2.55 16.85
C ALA A 92 -20.95 -1.86 15.51
N LEU A 93 -22.19 -1.82 15.01
CA LEU A 93 -22.45 -1.17 13.74
C LEU A 93 -22.11 0.31 13.78
N VAL A 94 -22.44 0.99 14.88
CA VAL A 94 -22.10 2.42 14.96
C VAL A 94 -20.59 2.62 14.92
N GLN A 95 -19.87 1.87 15.74
CA GLN A 95 -18.41 1.99 15.72
C GLN A 95 -17.87 1.71 14.34
N LEU A 96 -18.43 0.72 13.64
CA LEU A 96 -18.01 0.45 12.27
C LEU A 96 -18.37 1.63 11.37
N LEU A 97 -19.46 2.33 11.68
CA LEU A 97 -19.79 3.57 10.98
C LEU A 97 -18.64 4.55 11.08
N SER A 98 -17.93 4.52 12.21
CA SER A 98 -16.73 5.36 12.33
C SER A 98 -15.48 4.67 11.77
N SER A 99 -15.55 4.06 10.58
CA SER A 99 -14.39 3.29 10.12
C SER A 99 -13.91 3.86 8.80
N PRO A 100 -12.60 3.94 8.61
CA PRO A 100 -12.05 4.52 7.38
C PRO A 100 -12.07 3.61 6.18
N ASN A 101 -12.50 2.36 6.33
CA ASN A 101 -12.60 1.46 5.20
C ASN A 101 -13.96 1.67 4.54
N GLU A 102 -13.94 2.27 3.33
CA GLU A 102 -15.18 2.65 2.68
C GLU A 102 -16.07 1.45 2.40
N GLN A 103 -15.49 0.28 2.18
CA GLN A 103 -16.29 -0.91 1.92
C GLN A 103 -17.03 -1.36 3.18
N ILE A 104 -16.30 -1.47 4.30
CA ILE A 104 -16.93 -1.82 5.56
C ILE A 104 -17.95 -0.74 5.96
N LEU A 105 -17.63 0.52 5.69
CA LEU A 105 -18.55 1.61 6.01
C LEU A 105 -19.85 1.47 5.23
N GLN A 106 -19.75 1.23 3.91
CA GLN A 106 -20.95 1.06 3.10
C GLN A 106 -21.77 -0.14 3.58
N GLU A 107 -21.09 -1.24 3.92
CA GLU A 107 -21.83 -2.42 4.37
C GLU A 107 -22.54 -2.14 5.69
N ALA A 108 -21.90 -1.42 6.60
CA ALA A 108 -22.54 -1.07 7.86
C ALA A 108 -23.72 -0.14 7.62
N LEU A 109 -23.59 0.79 6.68
CA LEU A 109 -24.72 1.65 6.34
C LEU A 109 -25.89 0.83 5.79
N TRP A 110 -25.60 -0.13 4.90
CA TRP A 110 -26.63 -1.04 4.43
C TRP A 110 -27.34 -1.73 5.60
N ALA A 111 -26.57 -2.29 6.52
CA ALA A 111 -27.17 -3.00 7.64
C ALA A 111 -28.05 -2.06 8.47
N LEU A 112 -27.55 -0.86 8.77
CA LEU A 112 -28.33 0.07 9.59
C LEU A 112 -29.61 0.49 8.89
N ARG A 113 -29.52 0.82 7.61
CA ARG A 113 -30.70 1.23 6.86
C ARG A 113 -31.74 0.14 6.83
N ASN A 114 -31.33 -1.11 6.56
CA ASN A 114 -32.31 -2.19 6.55
C ASN A 114 -32.86 -2.48 7.93
N ILE A 115 -32.05 -2.31 8.98
CA ILE A 115 -32.55 -2.50 10.34
C ILE A 115 -33.59 -1.45 10.67
N ALA A 116 -33.37 -0.21 10.23
CA ALA A 116 -34.25 0.91 10.53
C ALA A 116 -35.52 0.93 9.67
N SER A 117 -35.85 -0.16 9.00
CA SER A 117 -37.10 -0.25 8.24
C SER A 117 -38.18 -1.00 9.00
N GLY A 118 -38.00 -1.26 10.28
CA GLY A 118 -38.92 -2.05 11.06
C GLY A 118 -39.85 -1.22 11.91
N GLY A 119 -40.26 -1.79 13.05
CA GLY A 119 -41.15 -1.09 13.95
C GLY A 119 -40.46 0.05 14.66
N ASN A 120 -41.28 0.90 15.27
CA ASN A 120 -40.73 2.08 15.94
C ASN A 120 -39.79 1.69 17.07
N GLU A 121 -40.02 0.55 17.70
CA GLU A 121 -39.11 0.10 18.77
C GLU A 121 -37.71 -0.14 18.21
N GLN A 122 -37.63 -0.71 17.01
CA GLN A 122 -36.34 -0.96 16.39
C GLN A 122 -35.64 0.35 16.00
N ILE A 123 -36.41 1.31 15.49
CA ILE A 123 -35.83 2.62 15.19
C ILE A 123 -35.30 3.27 16.47
N GLN A 124 -36.06 3.15 17.57
CA GLN A 124 -35.61 3.70 18.84
C GLN A 124 -34.36 3.00 19.35
N ALA A 125 -34.27 1.69 19.14
CA ALA A 125 -33.06 0.96 19.53
C ALA A 125 -31.85 1.41 18.73
N VAL A 126 -32.03 1.63 17.42
CA VAL A 126 -30.94 2.17 16.61
C VAL A 126 -30.53 3.55 17.13
N ILE A 127 -31.52 4.40 17.46
CA ILE A 127 -31.21 5.73 17.95
C ILE A 127 -30.41 5.65 19.24
N ASP A 128 -30.87 4.81 20.17
CA ASP A 128 -30.18 4.67 21.45
C ASP A 128 -28.74 4.17 21.25
N ALA A 129 -28.49 3.42 20.18
CA ALA A 129 -27.13 2.99 19.89
C ALA A 129 -26.23 4.14 19.49
N GLY A 130 -26.80 5.33 19.22
CA GLY A 130 -26.01 6.50 18.90
C GLY A 130 -25.74 6.72 17.43
N ALA A 131 -26.64 6.28 16.54
CA ALA A 131 -26.34 6.35 15.11
C ALA A 131 -26.50 7.77 14.57
N LEU A 132 -27.47 8.52 15.08
CA LEU A 132 -27.86 9.78 14.45
C LEU A 132 -26.70 10.74 14.26
N PRO A 133 -25.88 11.03 15.27
CA PRO A 133 -24.76 11.96 15.03
C PRO A 133 -23.81 11.46 13.96
N ALA A 134 -23.54 10.16 13.94
CA ALA A 134 -22.69 9.59 12.89
C ALA A 134 -23.29 9.84 11.52
N LEU A 135 -24.60 9.61 11.37
CA LEU A 135 -25.22 9.80 10.06
C LEU A 135 -25.24 11.27 9.67
N VAL A 136 -25.55 12.16 10.61
CA VAL A 136 -25.56 13.59 10.30
C VAL A 136 -24.17 14.05 9.89
N GLN A 137 -23.12 13.47 10.49
CA GLN A 137 -21.77 13.83 10.09
C GLN A 137 -21.44 13.27 8.70
N LEU A 138 -21.89 12.04 8.43
CA LEU A 138 -21.66 11.46 7.12
C LEU A 138 -22.41 12.19 6.02
N LEU A 139 -23.45 12.94 6.40
CA LEU A 139 -24.21 13.72 5.42
C LEU A 139 -23.34 14.71 4.67
N SER A 140 -22.19 15.07 5.22
CA SER A 140 -21.25 15.98 4.56
C SER A 140 -20.21 15.26 3.70
N SER A 141 -20.28 13.94 3.60
CA SER A 141 -19.27 13.21 2.86
C SER A 141 -19.33 13.52 1.36
N PRO A 142 -18.19 13.65 0.70
CA PRO A 142 -18.17 13.78 -0.77
C PRO A 142 -18.32 12.46 -1.51
N ASN A 143 -18.45 11.34 -0.80
CA ASN A 143 -18.63 10.03 -1.43
C ASN A 143 -20.12 9.81 -1.68
N GLU A 144 -20.52 9.85 -2.95
CA GLU A 144 -21.94 9.74 -3.27
C GLU A 144 -22.54 8.44 -2.74
N GLN A 145 -21.74 7.38 -2.62
CA GLN A 145 -22.29 6.10 -2.19
C GLN A 145 -22.64 6.11 -0.70
N ILE A 146 -21.67 6.46 0.15
CA ILE A 146 -21.94 6.56 1.58
C ILE A 146 -23.00 7.62 1.84
N LEU A 147 -22.96 8.74 1.11
CA LEU A 147 -23.97 9.77 1.29
C LEU A 147 -25.36 9.22 0.98
N SER A 148 -25.50 8.51 -0.14
CA SER A 148 -26.80 7.95 -0.50
C SER A 148 -27.29 6.96 0.55
N SER A 149 -26.39 6.12 1.05
CA SER A 149 -26.79 5.14 2.05
C SER A 149 -27.19 5.82 3.36
N ALA A 150 -26.44 6.84 3.77
CA ALA A 150 -26.79 7.58 4.98
C ALA A 150 -28.10 8.33 4.83
N LEU A 151 -28.36 8.88 3.65
CA LEU A 151 -29.66 9.51 3.41
C LEU A 151 -30.79 8.49 3.53
N GLY A 152 -30.60 7.30 2.95
CA GLY A 152 -31.60 6.26 3.11
C GLY A 152 -31.83 5.91 4.56
N ALA A 153 -30.76 5.73 5.31
CA ALA A 153 -30.89 5.42 6.74
C ALA A 153 -31.64 6.54 7.48
N LEU A 154 -31.32 7.81 7.18
CA LEU A 154 -31.99 8.89 7.87
C LEU A 154 -33.47 8.93 7.52
N SER A 155 -33.81 8.76 6.24
CA SER A 155 -35.22 8.68 5.85
C SER A 155 -35.93 7.58 6.62
N ASN A 156 -35.30 6.41 6.71
CA ASN A 156 -35.94 5.29 7.40
C ASN A 156 -36.13 5.59 8.88
N ILE A 157 -35.16 6.24 9.52
CA ILE A 157 -35.33 6.58 10.92
C ILE A 157 -36.43 7.62 11.09
N ALA A 158 -36.52 8.58 10.17
CA ALA A 158 -37.55 9.61 10.24
C ALA A 158 -38.90 9.11 9.79
N SER A 159 -39.01 7.85 9.36
CA SER A 159 -40.29 7.26 9.02
C SER A 159 -41.01 6.67 10.23
N GLY A 160 -40.62 7.06 11.44
CA GLY A 160 -41.23 6.50 12.63
C GLY A 160 -42.14 7.45 13.36
N GLY A 161 -42.19 7.32 14.68
CA GLY A 161 -43.02 8.19 15.49
C GLY A 161 -42.49 9.61 15.53
N ASN A 162 -43.31 10.49 16.12
CA ASN A 162 -42.91 11.89 16.21
C ASN A 162 -41.63 12.06 17.02
N GLU A 163 -41.45 11.23 18.05
CA GLU A 163 -40.25 11.33 18.87
C GLU A 163 -38.99 10.99 18.09
N GLN A 164 -39.06 10.00 17.19
CA GLN A 164 -37.90 9.69 16.34
C GLN A 164 -37.60 10.82 15.37
N ILE A 165 -38.64 11.43 14.79
CA ILE A 165 -38.42 12.56 13.90
C ILE A 165 -37.78 13.72 14.66
N GLN A 166 -38.23 13.93 15.90
CA GLN A 166 -37.66 14.98 16.73
C GLN A 166 -36.20 14.68 17.07
N ALA A 167 -35.86 13.40 17.26
CA ALA A 167 -34.48 13.02 17.47
C ALA A 167 -33.63 13.30 16.24
N VAL A 168 -34.16 12.98 15.04
CA VAL A 168 -33.44 13.28 13.81
C VAL A 168 -33.19 14.77 13.69
N ILE A 169 -34.20 15.58 13.99
CA ILE A 169 -34.03 17.03 13.91
C ILE A 169 -33.00 17.51 14.91
N ASP A 170 -33.08 16.99 16.15
CA ASP A 170 -32.13 17.39 17.18
C ASP A 170 -30.70 17.04 16.81
N ALA A 171 -30.51 16.03 15.95
CA ALA A 171 -29.17 15.68 15.49
C ALA A 171 -28.59 16.76 14.58
N GLY A 172 -29.42 17.67 14.07
CA GLY A 172 -28.96 18.76 13.24
C GLY A 172 -28.91 18.46 11.76
N ALA A 173 -29.79 17.59 11.26
CA ALA A 173 -29.73 17.16 9.88
C ALA A 173 -30.38 18.16 8.92
N LEU A 174 -31.44 18.84 9.34
CA LEU A 174 -32.26 19.64 8.44
C LEU A 174 -31.47 20.57 7.53
N PRO A 175 -30.52 21.36 8.03
CA PRO A 175 -29.78 22.26 7.12
C PRO A 175 -29.06 21.52 6.01
N ALA A 176 -28.46 20.36 6.32
CA ALA A 176 -27.78 19.60 5.28
C ALA A 176 -28.76 19.15 4.20
N LEU A 177 -29.94 18.68 4.59
CA LEU A 177 -30.92 18.23 3.61
C LEU A 177 -31.44 19.40 2.77
N VAL A 178 -31.70 20.54 3.41
CA VAL A 178 -32.15 21.70 2.65
C VAL A 178 -31.07 22.14 1.67
N GLN A 179 -29.80 22.02 2.07
CA GLN A 179 -28.70 22.32 1.16
C GLN A 179 -28.72 21.36 -0.02
N LEU A 180 -28.88 20.06 0.26
CA LEU A 180 -28.91 19.06 -0.80
C LEU A 180 -30.09 19.23 -1.74
N LEU A 181 -31.17 19.90 -1.29
CA LEU A 181 -32.31 20.09 -2.17
C LEU A 181 -31.93 20.78 -3.48
N SER A 182 -30.83 21.51 -3.51
CA SER A 182 -30.38 22.20 -4.70
C SER A 182 -29.28 21.44 -5.42
N SER A 183 -29.17 20.13 -5.19
CA SER A 183 -28.12 19.33 -5.78
C SER A 183 -28.44 19.02 -7.24
N PRO A 184 -27.43 19.02 -8.11
CA PRO A 184 -27.65 18.57 -9.49
C PRO A 184 -27.61 17.07 -9.65
N ASN A 185 -27.46 16.32 -8.55
CA ASN A 185 -27.48 14.87 -8.58
C ASN A 185 -28.91 14.40 -8.33
N GLU A 186 -29.57 13.92 -9.38
CA GLU A 186 -30.97 13.55 -9.27
C GLU A 186 -31.16 12.42 -8.28
N GLN A 187 -30.18 11.51 -8.21
CA GLN A 187 -30.30 10.32 -7.37
C GLN A 187 -30.22 10.68 -5.90
N ILE A 188 -29.26 11.54 -5.54
CA ILE A 188 -29.19 12.01 -4.16
C ILE A 188 -30.36 12.93 -3.84
N LEU A 189 -30.82 13.71 -4.82
CA LEU A 189 -31.97 14.57 -4.60
C LEU A 189 -33.21 13.77 -4.25
N GLN A 190 -33.44 12.66 -4.94
CA GLN A 190 -34.58 11.80 -4.62
C GLN A 190 -34.54 11.41 -3.15
N LEU A 191 -33.39 10.97 -2.66
CA LEU A 191 -33.29 10.55 -1.26
C LEU A 191 -33.43 11.74 -0.32
N ALA A 192 -32.92 12.91 -0.69
CA ALA A 192 -33.10 14.07 0.16
C ALA A 192 -34.58 14.42 0.30
N LEU A 193 -35.31 14.38 -0.82
CA LEU A 193 -36.74 14.65 -0.78
C LEU A 193 -37.47 13.59 0.03
N TRP A 194 -37.05 12.33 -0.09
CA TRP A 194 -37.62 11.27 0.73
C TRP A 194 -37.44 11.58 2.22
N ALA A 195 -36.20 11.93 2.61
CA ALA A 195 -35.93 12.20 4.01
C ALA A 195 -36.76 13.36 4.52
N LEU A 196 -36.83 14.44 3.74
CA LEU A 196 -37.60 15.60 4.17
C LEU A 196 -39.10 15.30 4.24
N SER A 197 -39.63 14.63 3.22
CA SER A 197 -41.03 14.22 3.25
C SER A 197 -41.33 13.43 4.51
N ASN A 198 -40.51 12.42 4.82
CA ASN A 198 -40.77 11.62 6.01
C ASN A 198 -40.60 12.43 7.29
N ILE A 199 -39.71 13.42 7.30
CA ILE A 199 -39.59 14.27 8.48
C ILE A 199 -40.87 15.07 8.68
N ALA A 200 -41.39 15.65 7.59
CA ALA A 200 -42.60 16.47 7.64
C ALA A 200 -43.86 15.65 7.80
N SER A 201 -43.77 14.33 7.91
CA SER A 201 -44.93 13.52 8.21
C SER A 201 -45.23 13.46 9.70
N GLY A 202 -44.52 14.24 10.50
CA GLY A 202 -44.69 14.24 11.94
C GLY A 202 -45.67 15.29 12.41
N GLY A 203 -45.44 15.80 13.61
CA GLY A 203 -46.29 16.80 14.19
C GLY A 203 -46.11 18.18 13.56
N ASN A 204 -46.95 19.12 14.00
CA ASN A 204 -46.88 20.46 13.44
C ASN A 204 -45.55 21.12 13.73
N GLU A 205 -44.93 20.79 14.87
CA GLU A 205 -43.64 21.38 15.20
C GLU A 205 -42.56 20.95 14.21
N GLN A 206 -42.56 19.68 13.81
CA GLN A 206 -41.57 19.24 12.83
C GLN A 206 -41.78 19.92 11.48
N ILE A 207 -43.04 20.07 11.04
CA ILE A 207 -43.29 20.74 9.77
C ILE A 207 -42.87 22.20 9.84
N GLN A 208 -43.13 22.86 10.96
CA GLN A 208 -42.66 24.23 11.10
C GLN A 208 -41.14 24.30 11.12
N ALA A 209 -40.49 23.28 11.70
CA ALA A 209 -39.03 23.25 11.69
C ALA A 209 -38.49 23.12 10.28
N VAL A 210 -39.06 22.23 9.48
CA VAL A 210 -38.62 22.09 8.08
C VAL A 210 -38.86 23.40 7.33
N ILE A 211 -39.99 24.06 7.61
CA ILE A 211 -40.26 25.34 6.95
C ILE A 211 -39.20 26.38 7.33
N ASP A 212 -38.83 26.42 8.61
CA ASP A 212 -37.82 27.37 9.06
C ASP A 212 -36.47 27.11 8.42
N ALA A 213 -36.17 25.85 8.08
CA ALA A 213 -34.90 25.51 7.43
C ALA A 213 -34.79 26.12 6.04
N GLY A 214 -35.88 26.64 5.48
CA GLY A 214 -35.85 27.26 4.18
C GLY A 214 -36.10 26.34 3.02
N ALA A 215 -36.92 25.31 3.20
CA ALA A 215 -37.15 24.30 2.17
C ALA A 215 -38.23 24.71 1.17
N LEU A 216 -39.24 25.44 1.62
CA LEU A 216 -40.40 25.71 0.77
C LEU A 216 -40.04 26.35 -0.56
N PRO A 217 -39.16 27.34 -0.65
CA PRO A 217 -38.81 27.90 -1.96
C PRO A 217 -38.24 26.87 -2.92
N ALA A 218 -37.34 26.01 -2.43
CA ALA A 218 -36.77 24.99 -3.31
C ALA A 218 -37.83 24.08 -3.89
N LEU A 219 -38.78 23.64 -3.06
CA LEU A 219 -39.83 22.74 -3.54
C LEU A 219 -40.76 23.46 -4.51
N VAL A 220 -41.10 24.71 -4.21
CA VAL A 220 -41.96 25.47 -5.11
C VAL A 220 -41.29 25.66 -6.46
N GLN A 221 -39.97 25.84 -6.46
CA GLN A 221 -39.24 25.95 -7.72
C GLN A 221 -39.21 24.62 -8.46
N LEU A 222 -38.91 23.53 -7.74
CA LEU A 222 -38.90 22.21 -8.36
C LEU A 222 -40.27 21.80 -8.89
N LEU A 223 -41.35 22.41 -8.39
CA LEU A 223 -42.68 22.09 -8.89
C LEU A 223 -42.79 22.25 -10.40
N SER A 224 -41.90 23.04 -11.02
CA SER A 224 -41.92 23.25 -12.46
C SER A 224 -40.84 22.44 -13.18
N SER A 225 -40.29 21.40 -12.53
CA SER A 225 -39.23 20.61 -13.14
C SER A 225 -39.80 19.67 -14.20
N PRO A 226 -39.09 19.49 -15.33
CA PRO A 226 -39.54 18.53 -16.34
C PRO A 226 -39.21 17.08 -16.01
N ASN A 227 -38.65 16.81 -14.83
CA ASN A 227 -38.35 15.45 -14.42
C ASN A 227 -39.53 14.94 -13.59
N GLU A 228 -40.34 14.06 -14.20
CA GLU A 228 -41.57 13.61 -13.56
C GLU A 228 -41.31 12.96 -12.20
N GLN A 229 -40.16 12.31 -12.04
CA GLN A 229 -39.86 11.66 -10.76
C GLN A 229 -39.60 12.70 -9.68
N ILE A 230 -38.74 13.69 -9.97
CA ILE A 230 -38.51 14.76 -9.01
C ILE A 230 -39.79 15.55 -8.74
N LEU A 231 -40.65 15.69 -9.76
CA LEU A 231 -41.93 16.36 -9.56
C LEU A 231 -42.79 15.61 -8.56
N GLN A 232 -42.93 14.30 -8.75
CA GLN A 232 -43.69 13.48 -7.82
C GLN A 232 -43.10 13.56 -6.41
N GLU A 233 -41.77 13.56 -6.31
CA GLU A 233 -41.15 13.64 -4.98
C GLU A 233 -41.44 14.97 -4.31
N ALA A 234 -41.36 16.06 -5.08
CA ALA A 234 -41.67 17.38 -4.53
C ALA A 234 -43.14 17.48 -4.13
N LEU A 235 -44.03 16.85 -4.90
CA LEU A 235 -45.44 16.84 -4.52
C LEU A 235 -45.65 16.07 -3.23
N TRP A 236 -44.99 14.92 -3.08
CA TRP A 236 -45.05 14.20 -1.82
C TRP A 236 -44.64 15.09 -0.65
N ALA A 237 -43.49 15.75 -0.79
CA ALA A 237 -42.98 16.58 0.30
C ALA A 237 -43.95 17.73 0.61
N LEU A 238 -44.46 18.39 -0.43
CA LEU A 238 -45.36 19.51 -0.20
C LEU A 238 -46.66 19.05 0.44
N SER A 239 -47.21 17.91 0.01
CA SER A 239 -48.41 17.39 0.66
C SER A 239 -48.17 17.12 2.13
N ASN A 240 -47.03 16.48 2.46
CA ASN A 240 -46.74 16.22 3.85
C ASN A 240 -46.56 17.50 4.65
N ILE A 241 -46.02 18.54 4.02
CA ILE A 241 -45.88 19.82 4.72
C ILE A 241 -47.24 20.45 4.96
N ALA A 242 -48.11 20.42 3.95
CA ALA A 242 -49.43 21.02 4.04
C ALA A 242 -50.44 20.17 4.80
N SER A 243 -50.04 19.05 5.37
CA SER A 243 -50.96 18.26 6.19
C SER A 243 -51.01 18.76 7.63
N GLY A 244 -50.37 19.87 7.95
CA GLY A 244 -50.27 20.38 9.30
C GLY A 244 -51.32 21.43 9.60
N GLY A 245 -50.95 22.37 10.49
CA GLY A 245 -51.87 23.41 10.91
C GLY A 245 -52.01 24.52 9.89
N ASN A 246 -52.93 25.45 10.20
CA ASN A 246 -53.24 26.53 9.27
C ASN A 246 -52.01 27.40 9.01
N GLU A 247 -51.17 27.61 10.01
CA GLU A 247 -49.98 28.43 9.81
C GLU A 247 -49.04 27.80 8.78
N GLN A 248 -48.87 26.47 8.84
CA GLN A 248 -48.02 25.82 7.86
C GLN A 248 -48.61 25.90 6.45
N ILE A 249 -49.92 25.66 6.33
CA ILE A 249 -50.57 25.79 5.02
C ILE A 249 -50.43 27.19 4.49
N GLN A 250 -50.52 28.19 5.37
CA GLN A 250 -50.36 29.58 4.94
C GLN A 250 -48.94 29.84 4.48
N ALA A 251 -47.95 29.26 5.16
CA ALA A 251 -46.58 29.38 4.70
C ALA A 251 -46.41 28.74 3.33
N VAL A 252 -47.04 27.59 3.12
CA VAL A 252 -47.00 26.92 1.81
C VAL A 252 -47.56 27.85 0.74
N ILE A 253 -48.70 28.48 1.02
CA ILE A 253 -49.31 29.38 0.05
C ILE A 253 -48.40 30.58 -0.20
N ASP A 254 -47.75 31.08 0.85
CA ASP A 254 -46.85 32.22 0.70
C ASP A 254 -45.72 31.92 -0.25
N ALA A 255 -45.30 30.65 -0.33
CA ALA A 255 -44.23 30.25 -1.24
C ALA A 255 -44.65 30.26 -2.70
N GLY A 256 -45.95 30.42 -3.00
CA GLY A 256 -46.40 30.48 -4.37
C GLY A 256 -46.68 29.14 -5.01
N ALA A 257 -47.17 28.17 -4.24
CA ALA A 257 -47.42 26.83 -4.76
C ALA A 257 -48.73 26.75 -5.54
N LEU A 258 -49.68 27.62 -5.22
CA LEU A 258 -51.02 27.48 -5.79
C LEU A 258 -51.03 27.55 -7.30
N PRO A 259 -50.35 28.49 -7.96
CA PRO A 259 -50.38 28.50 -9.43
C PRO A 259 -49.85 27.21 -10.04
N ALA A 260 -48.71 26.72 -9.56
CA ALA A 260 -48.14 25.49 -10.11
C ALA A 260 -49.09 24.32 -9.92
N LEU A 261 -49.73 24.23 -8.75
CA LEU A 261 -50.67 23.13 -8.53
C LEU A 261 -51.89 23.24 -9.42
N VAL A 262 -52.47 24.45 -9.54
CA VAL A 262 -53.65 24.62 -10.36
C VAL A 262 -53.35 24.29 -11.81
N GLN A 263 -52.14 24.64 -12.28
CA GLN A 263 -51.76 24.27 -13.64
C GLN A 263 -51.59 22.76 -13.76
N LEU A 264 -50.93 22.13 -12.78
CA LEU A 264 -50.78 20.67 -12.82
C LEU A 264 -52.12 19.96 -12.80
N LEU A 265 -53.19 20.62 -12.34
CA LEU A 265 -54.50 19.98 -12.37
C LEU A 265 -54.93 19.60 -13.78
N SER A 266 -54.37 20.23 -14.81
CA SER A 266 -54.75 19.93 -16.20
C SER A 266 -53.76 18.99 -16.90
N SER A 267 -52.91 18.31 -16.14
CA SER A 267 -51.92 17.42 -16.75
C SER A 267 -52.57 16.10 -17.18
N PRO A 268 -52.03 15.46 -18.22
CA PRO A 268 -52.50 14.13 -18.63
C PRO A 268 -51.83 12.96 -17.92
N ASN A 269 -50.88 13.22 -17.01
CA ASN A 269 -50.19 12.16 -16.28
C ASN A 269 -51.00 11.83 -15.03
N GLU A 270 -51.57 10.61 -15.00
CA GLU A 270 -52.46 10.26 -13.90
C GLU A 270 -51.75 10.26 -12.55
N GLN A 271 -50.47 9.89 -12.52
CA GLN A 271 -49.73 9.93 -11.25
C GLN A 271 -49.60 11.36 -10.74
N ILE A 272 -49.20 12.29 -11.63
CA ILE A 272 -49.08 13.68 -11.24
C ILE A 272 -50.43 14.26 -10.89
N LEU A 273 -51.48 13.83 -11.60
CA LEU A 273 -52.83 14.31 -11.31
C LEU A 273 -53.26 13.92 -9.90
N GLN A 274 -53.10 12.64 -9.55
CA GLN A 274 -53.47 12.21 -8.21
C GLN A 274 -52.62 12.92 -7.17
N GLU A 275 -51.34 13.14 -7.45
CA GLU A 275 -50.49 13.77 -6.44
C GLU A 275 -50.86 15.24 -6.24
N ALA A 276 -51.19 15.95 -7.32
CA ALA A 276 -51.63 17.33 -7.18
C ALA A 276 -52.97 17.40 -6.47
N LEU A 277 -53.87 16.46 -6.75
CA LEU A 277 -55.15 16.41 -6.04
C LEU A 277 -54.92 16.20 -4.55
N TRP A 278 -54.02 15.28 -4.18
CA TRP A 278 -53.65 15.10 -2.77
C TRP A 278 -53.14 16.39 -2.16
N ALA A 279 -52.24 17.08 -2.87
CA ALA A 279 -51.66 18.31 -2.34
C ALA A 279 -52.75 19.36 -2.09
N LEU A 280 -53.61 19.58 -3.09
CA LEU A 280 -54.65 20.59 -2.92
C LEU A 280 -55.66 20.18 -1.85
N SER A 281 -55.95 18.88 -1.73
CA SER A 281 -56.84 18.40 -0.69
C SER A 281 -56.28 18.71 0.69
N ASN A 282 -54.99 18.43 0.90
CA ASN A 282 -54.38 18.78 2.17
C ASN A 282 -54.37 20.30 2.37
N ILE A 283 -54.20 21.07 1.30
CA ILE A 283 -54.22 22.52 1.42
C ILE A 283 -55.62 22.99 1.82
N ALA A 284 -56.64 22.51 1.14
CA ALA A 284 -58.02 22.88 1.47
C ALA A 284 -58.51 22.16 2.71
N SER A 285 -57.60 21.82 3.63
CA SER A 285 -58.00 21.15 4.85
C SER A 285 -57.71 22.01 6.07
N GLY A 286 -58.15 23.27 6.05
CA GLY A 286 -57.90 24.12 7.19
C GLY A 286 -58.62 25.45 7.17
N GLY A 287 -57.87 26.54 7.21
CA GLY A 287 -58.45 27.85 7.40
C GLY A 287 -59.25 28.31 6.20
N ASN A 288 -60.30 29.11 6.48
CA ASN A 288 -61.08 29.71 5.41
C ASN A 288 -60.23 30.64 4.56
N GLU A 289 -59.19 31.22 5.15
CA GLU A 289 -58.25 32.04 4.37
C GLU A 289 -57.58 31.21 3.29
N GLN A 290 -57.10 30.02 3.65
CA GLN A 290 -56.42 29.17 2.69
C GLN A 290 -57.39 28.65 1.63
N LYS A 291 -58.60 28.27 2.04
CA LYS A 291 -59.61 27.86 1.08
C LYS A 291 -59.93 28.97 0.10
N GLN A 292 -60.02 30.22 0.59
CA GLN A 292 -60.28 31.33 -0.30
C GLN A 292 -59.13 31.57 -1.26
N ALA A 293 -57.89 31.44 -0.77
CA ALA A 293 -56.73 31.58 -1.66
C ALA A 293 -56.76 30.53 -2.77
N VAL A 294 -57.13 29.30 -2.40
CA VAL A 294 -57.25 28.23 -3.40
C VAL A 294 -58.36 28.55 -4.40
N LYS A 295 -59.50 29.05 -3.91
CA LYS A 295 -60.60 29.39 -4.80
C LYS A 295 -60.20 30.46 -5.80
N GLU A 296 -59.59 31.55 -5.32
CA GLU A 296 -59.17 32.63 -6.21
C GLU A 296 -57.99 32.24 -7.07
N ALA A 297 -57.35 31.10 -6.81
CA ALA A 297 -56.31 30.59 -7.68
C ALA A 297 -56.87 29.83 -8.88
N GLY A 298 -58.19 29.79 -9.02
CA GLY A 298 -58.81 29.12 -10.16
C GLY A 298 -58.94 27.62 -10.03
N ALA A 299 -59.07 27.09 -8.81
CA ALA A 299 -59.11 25.65 -8.64
C ALA A 299 -60.52 25.09 -8.86
N LEU A 300 -61.56 25.80 -8.41
CA LEU A 300 -62.91 25.25 -8.46
C LEU A 300 -63.30 24.84 -9.87
N GLU A 301 -62.98 25.67 -10.87
CA GLU A 301 -63.32 25.34 -12.25
C GLU A 301 -62.68 24.04 -12.69
N LYS A 302 -61.37 23.89 -12.45
CA LYS A 302 -60.66 22.69 -12.87
C LYS A 302 -61.16 21.45 -12.12
N LEU A 303 -61.50 21.60 -10.84
CA LEU A 303 -62.03 20.45 -10.09
C LEU A 303 -63.40 20.03 -10.62
N GLU A 304 -64.25 21.01 -10.92
CA GLU A 304 -65.55 20.69 -11.49
C GLU A 304 -65.39 20.00 -12.84
N GLN A 305 -64.37 20.40 -13.60
CA GLN A 305 -64.15 19.72 -14.88
C GLN A 305 -63.62 18.31 -14.65
N LEU A 306 -62.69 18.15 -13.70
CA LEU A 306 -62.09 16.86 -13.45
C LEU A 306 -63.04 15.90 -12.76
N GLN A 307 -64.21 16.38 -12.34
CA GLN A 307 -65.24 15.46 -11.90
C GLN A 307 -65.84 14.68 -13.06
N SER A 308 -65.52 15.04 -14.30
CA SER A 308 -65.96 14.32 -15.48
C SER A 308 -64.91 13.37 -16.04
N HIS A 309 -63.71 13.33 -15.47
CA HIS A 309 -62.67 12.42 -15.94
C HIS A 309 -63.15 10.97 -15.87
N GLU A 310 -62.79 10.19 -16.89
CA GLU A 310 -63.27 8.82 -16.99
C GLU A 310 -62.72 7.93 -15.87
N ASN A 311 -61.49 8.19 -15.43
CA ASN A 311 -60.91 7.41 -14.36
C ASN A 311 -61.68 7.66 -13.07
N GLU A 312 -61.91 6.60 -12.29
CA GLU A 312 -62.82 6.72 -11.17
C GLU A 312 -62.17 7.26 -9.91
N LYS A 313 -60.92 6.87 -9.62
CA LYS A 313 -60.28 7.39 -8.41
C LYS A 313 -59.99 8.88 -8.54
N ILE A 314 -59.58 9.33 -9.72
CA ILE A 314 -59.33 10.76 -9.89
C ILE A 314 -60.64 11.54 -9.77
N GLN A 315 -61.72 11.01 -10.32
CA GLN A 315 -63.04 11.62 -10.18
C GLN A 315 -63.43 11.73 -8.71
N LYS A 316 -63.33 10.62 -7.97
CA LYS A 316 -63.71 10.62 -6.56
C LYS A 316 -62.86 11.59 -5.75
N GLU A 317 -61.55 11.61 -6.00
CA GLU A 317 -60.69 12.50 -5.23
C GLU A 317 -60.94 13.96 -5.57
N ALA A 318 -61.28 14.27 -6.84
CA ALA A 318 -61.64 15.64 -7.18
C ALA A 318 -62.93 16.05 -6.47
N GLN A 319 -63.90 15.12 -6.40
CA GLN A 319 -65.13 15.41 -5.67
C GLN A 319 -64.85 15.62 -4.19
N GLU A 320 -63.93 14.85 -3.62
CA GLU A 320 -63.57 15.02 -2.22
C GLU A 320 -62.93 16.39 -1.99
N ALA A 321 -62.03 16.80 -2.88
CA ALA A 321 -61.39 18.10 -2.73
C ALA A 321 -62.41 19.23 -2.86
N LEU A 322 -63.36 19.08 -3.78
CA LEU A 322 -64.39 20.11 -3.95
C LEU A 322 -65.26 20.22 -2.68
N GLU A 323 -65.69 19.07 -2.15
CA GLU A 323 -66.47 19.09 -0.91
C GLU A 323 -65.69 19.74 0.21
N LYS A 324 -64.40 19.41 0.34
CA LYS A 324 -63.59 20.08 1.35
C LYS A 324 -63.49 21.57 1.11
N LEU A 325 -63.50 21.99 -0.16
CA LEU A 325 -63.39 23.41 -0.45
C LEU A 325 -64.65 24.17 -0.09
N GLN A 326 -65.81 23.52 -0.18
CA GLN A 326 -67.06 24.20 0.17
C GLN A 326 -67.37 24.05 1.67
N SER A 327 -67.74 22.84 2.09
CA SER A 327 -67.97 22.60 3.50
C SER A 327 -66.71 22.90 4.30
N HIS A 328 -66.90 23.37 5.54
CA HIS A 328 -65.80 23.90 6.33
C HIS A 328 -64.93 22.80 6.91
N GLY A 329 -63.68 23.16 7.22
CA GLY A 329 -62.67 22.22 7.64
C GLY A 329 -63.08 21.20 8.68
N SER A 333 -57.16 15.58 6.41
CA SER A 333 -55.70 15.72 6.43
C SER A 333 -55.02 14.35 6.44
N GLY A 334 -54.19 14.09 5.43
CA GLY A 334 -53.55 12.79 5.29
C GLY A 334 -52.06 12.90 5.16
N LYS A 335 -51.34 11.98 5.83
CA LYS A 335 -49.90 11.95 5.82
C LYS A 335 -49.40 10.59 5.32
N ARG A 336 -48.22 10.60 4.69
CA ARG A 336 -47.66 9.43 4.04
C ARG A 336 -46.19 9.29 4.42
N LYS A 337 -45.81 8.10 4.87
CA LYS A 337 -44.42 7.76 5.20
C LYS A 337 -43.93 6.68 4.25
N ARG A 338 -42.60 6.59 4.10
CA ARG A 338 -42.01 5.61 3.19
C ARG A 338 -40.73 5.03 3.80
N LYS A 339 -40.60 3.71 3.73
CA LYS A 339 -39.43 2.99 4.22
C LYS A 339 -38.69 2.32 3.07
N LEU A 340 -37.36 2.32 3.17
CA LEU A 340 -36.48 1.67 2.20
C LEU A 340 -35.92 0.40 2.82
N LYS A 341 -36.22 -0.75 2.22
CA LYS A 341 -35.69 -2.03 2.67
C LYS A 341 -35.19 -2.80 1.46
N PHE A 342 -33.94 -3.27 1.53
CA PHE A 342 -33.28 -3.94 0.42
C PHE A 342 -32.74 -5.29 0.86
N LYS A 343 -32.92 -6.29 0.01
CA LYS A 343 -32.36 -7.61 0.23
C LYS A 343 -31.06 -7.77 -0.57
N ARG A 344 -30.49 -8.97 -0.53
CA ARG A 344 -29.22 -9.27 -1.18
C ARG A 344 -28.82 -10.72 -0.92
N SER B 4 -55.08 -21.07 -5.21
CA SER B 4 -55.97 -20.05 -4.66
C SER B 4 -56.64 -19.21 -5.75
N GLU B 5 -56.78 -17.92 -5.47
CA GLU B 5 -57.45 -16.98 -6.36
C GLU B 5 -56.50 -16.34 -7.38
N LEU B 6 -55.39 -16.99 -7.69
CA LEU B 6 -54.38 -16.43 -8.58
C LEU B 6 -54.85 -16.45 -10.04
N PRO B 7 -55.42 -17.55 -10.52
CA PRO B 7 -55.89 -17.57 -11.92
C PRO B 7 -56.84 -16.42 -12.24
N GLN B 8 -57.77 -16.12 -11.32
CA GLN B 8 -58.70 -15.01 -11.51
C GLN B 8 -57.97 -13.70 -11.76
N MET B 9 -56.78 -13.54 -11.17
CA MET B 9 -56.02 -12.30 -11.34
C MET B 9 -55.73 -12.04 -12.82
N VAL B 10 -55.31 -13.08 -13.54
CA VAL B 10 -55.00 -12.91 -14.96
C VAL B 10 -56.23 -12.46 -15.73
N GLN B 11 -57.40 -13.00 -15.37
CA GLN B 11 -58.63 -12.56 -16.04
C GLN B 11 -58.93 -11.11 -15.70
N GLN B 12 -58.68 -10.71 -14.44
CA GLN B 12 -58.93 -9.31 -14.07
C GLN B 12 -57.96 -8.36 -14.78
N LEU B 13 -56.82 -8.86 -15.23
CA LEU B 13 -55.92 -7.99 -15.99
C LEU B 13 -56.57 -7.54 -17.28
N ASN B 14 -57.50 -8.33 -17.81
CA ASN B 14 -58.28 -7.96 -18.98
C ASN B 14 -59.65 -7.41 -18.59
N SER B 15 -59.89 -7.19 -17.30
CA SER B 15 -61.18 -6.69 -16.85
C SER B 15 -61.35 -5.23 -17.26
N PRO B 16 -62.58 -4.80 -17.52
CA PRO B 16 -62.80 -3.40 -17.90
C PRO B 16 -62.65 -2.43 -16.75
N ASP B 17 -62.95 -2.83 -15.52
CA ASP B 17 -62.83 -1.93 -14.38
C ASP B 17 -61.37 -1.57 -14.16
N GLN B 18 -61.10 -0.28 -13.93
CA GLN B 18 -59.71 0.15 -13.79
C GLN B 18 -59.18 -0.13 -12.39
N GLN B 19 -60.02 0.06 -11.37
CA GLN B 19 -59.57 -0.14 -10.00
C GLN B 19 -59.23 -1.60 -9.75
N GLU B 20 -60.11 -2.51 -10.17
CA GLU B 20 -59.82 -3.93 -9.98
C GLU B 20 -58.63 -4.35 -10.81
N LEU B 21 -58.45 -3.76 -11.98
CA LEU B 21 -57.27 -4.06 -12.79
C LEU B 21 -55.98 -3.66 -12.07
N GLN B 22 -55.96 -2.47 -11.46
CA GLN B 22 -54.77 -2.04 -10.73
C GLN B 22 -54.54 -2.89 -9.49
N SER B 23 -55.61 -3.29 -8.79
CA SER B 23 -55.44 -4.14 -7.62
C SER B 23 -54.87 -5.50 -8.02
N ALA B 24 -55.41 -6.11 -9.08
CA ALA B 24 -54.88 -7.38 -9.54
C ALA B 24 -53.42 -7.25 -9.97
N LEU B 25 -53.11 -6.18 -10.71
CA LEU B 25 -51.74 -5.97 -11.16
C LEU B 25 -50.79 -5.85 -9.99
N ARG B 26 -51.17 -5.06 -8.98
CA ARG B 26 -50.32 -4.91 -7.81
C ARG B 26 -50.15 -6.22 -7.06
N LYS B 27 -51.24 -6.99 -6.91
CA LYS B 27 -51.12 -8.27 -6.22
C LYS B 27 -50.16 -9.21 -6.96
N LEU B 28 -50.26 -9.26 -8.29
CA LEU B 28 -49.37 -10.12 -9.05
C LEU B 28 -47.93 -9.64 -8.95
N SER B 29 -47.70 -8.33 -9.05
CA SER B 29 -46.36 -7.80 -8.92
C SER B 29 -45.77 -8.15 -7.55
N GLN B 30 -46.58 -8.02 -6.49
CA GLN B 30 -46.11 -8.33 -5.15
C GLN B 30 -45.88 -9.83 -4.99
N ILE B 31 -46.61 -10.66 -5.73
CA ILE B 31 -46.40 -12.10 -5.65
C ILE B 31 -45.07 -12.47 -6.29
N ALA B 32 -44.74 -11.86 -7.43
CA ALA B 32 -43.49 -12.19 -8.10
C ALA B 32 -42.25 -11.70 -7.34
N SER B 33 -42.40 -10.83 -6.35
CA SER B 33 -41.27 -10.35 -5.57
C SER B 33 -40.84 -11.31 -4.47
N GLY B 34 -41.27 -12.57 -4.50
CA GLY B 34 -40.96 -13.51 -3.44
C GLY B 34 -39.98 -14.58 -3.86
N GLY B 35 -40.49 -15.74 -4.26
CA GLY B 35 -39.66 -16.88 -4.57
C GLY B 35 -39.87 -17.26 -6.01
N ASN B 36 -38.79 -17.78 -6.62
CA ASN B 36 -38.83 -18.08 -8.04
C ASN B 36 -39.96 -19.05 -8.38
N GLU B 37 -40.29 -19.95 -7.46
CA GLU B 37 -41.46 -20.81 -7.66
C GLU B 37 -42.73 -19.98 -7.78
N GLN B 38 -42.85 -18.92 -7.00
CA GLN B 38 -44.04 -18.08 -7.12
C GLN B 38 -44.07 -17.39 -8.48
N ILE B 39 -42.92 -16.90 -8.95
CA ILE B 39 -42.86 -16.27 -10.26
C ILE B 39 -43.30 -17.27 -11.33
N GLN B 40 -42.86 -18.52 -11.20
CA GLN B 40 -43.29 -19.55 -12.14
C GLN B 40 -44.78 -19.81 -12.06
N ALA B 41 -45.34 -19.80 -10.84
CA ALA B 41 -46.78 -19.97 -10.69
C ALA B 41 -47.54 -18.83 -11.37
N VAL B 42 -47.04 -17.61 -11.25
CA VAL B 42 -47.66 -16.48 -11.93
C VAL B 42 -47.60 -16.66 -13.43
N ILE B 43 -46.46 -17.11 -13.95
CA ILE B 43 -46.31 -17.33 -15.39
C ILE B 43 -47.29 -18.38 -15.86
N ASP B 44 -47.36 -19.52 -15.14
CA ASP B 44 -48.27 -20.59 -15.52
C ASP B 44 -49.72 -20.11 -15.56
N ALA B 45 -50.04 -19.07 -14.80
CA ALA B 45 -51.37 -18.48 -14.85
C ALA B 45 -51.66 -17.81 -16.18
N GLY B 46 -50.64 -17.56 -17.01
CA GLY B 46 -50.86 -16.95 -18.30
C GLY B 46 -50.98 -15.45 -18.25
N ALA B 47 -50.19 -14.79 -17.39
CA ALA B 47 -50.34 -13.36 -17.18
C ALA B 47 -49.51 -12.51 -18.14
N LEU B 48 -48.39 -13.01 -18.64
CA LEU B 48 -47.47 -12.14 -19.37
C LEU B 48 -48.11 -11.45 -20.56
N PRO B 49 -48.94 -12.10 -21.38
CA PRO B 49 -49.52 -11.38 -22.54
C PRO B 49 -50.27 -10.13 -22.13
N ALA B 50 -51.05 -10.19 -21.05
CA ALA B 50 -51.76 -9.00 -20.59
C ALA B 50 -50.79 -7.89 -20.22
N LEU B 51 -49.66 -8.24 -19.61
CA LEU B 51 -48.67 -7.23 -19.25
C LEU B 51 -48.04 -6.60 -20.48
N VAL B 52 -47.71 -7.43 -21.47
CA VAL B 52 -47.10 -6.93 -22.69
C VAL B 52 -48.08 -6.02 -23.42
N GLN B 53 -49.38 -6.32 -23.31
CA GLN B 53 -50.38 -5.43 -23.91
C GLN B 53 -50.52 -4.16 -23.10
N LEU B 54 -50.48 -4.25 -21.77
CA LEU B 54 -50.60 -3.07 -20.92
C LEU B 54 -49.42 -2.13 -21.04
N LEU B 55 -48.26 -2.61 -21.50
CA LEU B 55 -47.16 -1.68 -21.68
C LEU B 55 -47.46 -0.55 -22.67
N SER B 56 -48.52 -0.68 -23.47
CA SER B 56 -48.91 0.36 -24.41
C SER B 56 -50.10 1.17 -23.91
N SER B 57 -50.34 1.16 -22.60
CA SER B 57 -51.47 1.84 -22.00
C SER B 57 -51.17 3.33 -21.86
N PRO B 58 -52.19 4.18 -21.98
CA PRO B 58 -52.00 5.62 -21.77
C PRO B 58 -51.98 6.06 -20.31
N ASN B 59 -52.31 5.17 -19.38
CA ASN B 59 -52.29 5.53 -17.96
C ASN B 59 -50.90 5.23 -17.40
N GLU B 60 -50.24 6.27 -16.87
CA GLU B 60 -48.86 6.12 -16.40
C GLU B 60 -48.78 5.26 -15.14
N GLN B 61 -49.77 5.31 -14.25
CA GLN B 61 -49.68 4.53 -13.02
C GLN B 61 -49.70 3.03 -13.31
N ILE B 62 -50.66 2.58 -14.11
CA ILE B 62 -50.73 1.15 -14.43
C ILE B 62 -49.52 0.75 -15.27
N LEU B 63 -49.00 1.66 -16.09
CA LEU B 63 -47.78 1.36 -16.85
C LEU B 63 -46.61 1.12 -15.90
N GLN B 64 -46.45 1.98 -14.89
CA GLN B 64 -45.39 1.81 -13.91
C GLN B 64 -45.54 0.50 -13.16
N GLU B 65 -46.78 0.15 -12.79
CA GLU B 65 -46.99 -1.11 -12.08
C GLU B 65 -46.70 -2.31 -12.97
N ALA B 66 -47.06 -2.22 -14.26
CA ALA B 66 -46.76 -3.30 -15.18
C ALA B 66 -45.26 -3.47 -15.38
N LEU B 67 -44.52 -2.36 -15.45
CA LEU B 67 -43.06 -2.45 -15.54
C LEU B 67 -42.48 -3.05 -14.26
N TRP B 68 -43.02 -2.69 -13.10
CA TRP B 68 -42.62 -3.34 -11.85
C TRP B 68 -42.81 -4.84 -11.94
N ALA B 69 -44.00 -5.27 -12.40
CA ALA B 69 -44.27 -6.69 -12.50
C ALA B 69 -43.32 -7.38 -13.46
N LEU B 70 -43.06 -6.75 -14.61
CA LEU B 70 -42.16 -7.35 -15.59
C LEU B 70 -40.75 -7.49 -15.03
N SER B 71 -40.26 -6.45 -14.34
CA SER B 71 -38.97 -6.54 -13.69
C SER B 71 -38.94 -7.68 -12.69
N ASN B 72 -40.01 -7.83 -11.90
CA ASN B 72 -40.05 -8.91 -10.93
C ASN B 72 -39.98 -10.27 -11.60
N ILE B 73 -40.68 -10.43 -12.72
CA ILE B 73 -40.56 -11.69 -13.44
C ILE B 73 -39.12 -11.87 -13.93
N ALA B 74 -38.51 -10.80 -14.42
CA ALA B 74 -37.14 -10.84 -14.92
C ALA B 74 -36.10 -10.82 -13.79
N SER B 75 -36.51 -11.01 -12.54
CA SER B 75 -35.57 -11.14 -11.44
C SER B 75 -35.41 -12.58 -11.00
N GLY B 76 -35.76 -13.54 -11.85
CA GLY B 76 -35.66 -14.94 -11.50
C GLY B 76 -34.71 -15.72 -12.37
N GLY B 77 -35.02 -16.99 -12.60
CA GLY B 77 -34.20 -17.83 -13.43
C GLY B 77 -34.22 -17.39 -14.89
N ASN B 78 -33.30 -17.96 -15.67
CA ASN B 78 -33.20 -17.63 -17.08
C ASN B 78 -34.43 -18.09 -17.85
N GLU B 79 -35.11 -19.12 -17.38
CA GLU B 79 -36.33 -19.55 -18.05
C GLU B 79 -37.44 -18.49 -17.93
N GLN B 80 -37.51 -17.79 -16.80
CA GLN B 80 -38.50 -16.72 -16.68
C GLN B 80 -38.18 -15.53 -17.59
N ILE B 81 -36.90 -15.15 -17.67
CA ILE B 81 -36.54 -14.08 -18.59
C ILE B 81 -36.84 -14.49 -20.03
N GLN B 82 -36.59 -15.76 -20.36
CA GLN B 82 -36.91 -16.24 -21.69
C GLN B 82 -38.42 -16.22 -21.94
N ALA B 83 -39.21 -16.51 -20.90
CA ALA B 83 -40.66 -16.42 -21.05
C ALA B 83 -41.08 -14.98 -21.31
N VAL B 84 -40.49 -14.03 -20.59
CA VAL B 84 -40.78 -12.62 -20.83
C VAL B 84 -40.44 -12.26 -22.27
N ILE B 85 -39.30 -12.72 -22.76
CA ILE B 85 -38.92 -12.41 -24.14
C ILE B 85 -39.91 -13.02 -25.12
N ASP B 86 -40.30 -14.28 -24.89
CA ASP B 86 -41.26 -14.95 -25.75
C ASP B 86 -42.61 -14.25 -25.74
N ALA B 87 -42.93 -13.52 -24.67
CA ALA B 87 -44.13 -12.70 -24.63
C ALA B 87 -44.06 -11.50 -25.55
N GLY B 88 -42.88 -11.17 -26.06
CA GLY B 88 -42.72 -10.05 -26.97
C GLY B 88 -42.54 -8.70 -26.31
N ALA B 89 -41.94 -8.66 -25.11
CA ALA B 89 -41.83 -7.43 -24.36
C ALA B 89 -40.65 -6.55 -24.72
N LEU B 90 -39.78 -6.99 -25.62
CA LEU B 90 -38.53 -6.25 -25.81
C LEU B 90 -38.70 -4.94 -26.58
N PRO B 91 -39.31 -4.96 -27.76
CA PRO B 91 -39.41 -3.71 -28.54
C PRO B 91 -40.15 -2.61 -27.82
N ALA B 92 -41.21 -2.94 -27.09
CA ALA B 92 -41.88 -1.93 -26.27
C ALA B 92 -40.90 -1.31 -25.29
N LEU B 93 -40.09 -2.14 -24.62
CA LEU B 93 -39.15 -1.62 -23.64
C LEU B 93 -38.13 -0.70 -24.31
N VAL B 94 -37.64 -1.09 -25.49
CA VAL B 94 -36.68 -0.25 -26.19
C VAL B 94 -37.30 1.09 -26.53
N GLN B 95 -38.54 1.06 -27.05
CA GLN B 95 -39.23 2.31 -27.34
C GLN B 95 -39.35 3.17 -26.10
N LEU B 96 -39.64 2.54 -24.95
CA LEU B 96 -39.72 3.30 -23.70
C LEU B 96 -38.37 3.91 -23.34
N LEU B 97 -37.27 3.25 -23.69
CA LEU B 97 -35.96 3.86 -23.48
C LEU B 97 -35.87 5.23 -24.16
N SER B 98 -36.50 5.36 -25.32
CA SER B 98 -36.59 6.64 -26.05
C SER B 98 -37.83 7.43 -25.64
N SER B 99 -37.96 7.71 -24.34
CA SER B 99 -39.14 8.39 -23.81
C SER B 99 -38.74 9.62 -22.99
N PRO B 100 -39.50 10.71 -23.07
CA PRO B 100 -39.18 11.91 -22.29
C PRO B 100 -39.63 11.84 -20.83
N ASN B 101 -40.34 10.79 -20.42
CA ASN B 101 -40.75 10.62 -19.04
C ASN B 101 -39.63 9.91 -18.28
N GLU B 102 -38.95 10.64 -17.38
CA GLU B 102 -37.79 10.08 -16.71
C GLU B 102 -38.13 8.85 -15.87
N GLN B 103 -39.34 8.80 -15.32
CA GLN B 103 -39.72 7.67 -14.47
C GLN B 103 -39.91 6.41 -15.31
N ILE B 104 -40.67 6.52 -16.41
CA ILE B 104 -40.85 5.38 -17.30
C ILE B 104 -39.51 4.94 -17.86
N LEU B 105 -38.62 5.89 -18.15
CA LEU B 105 -37.30 5.55 -18.65
C LEU B 105 -36.51 4.74 -17.62
N GLN B 106 -36.51 5.20 -16.37
CA GLN B 106 -35.81 4.47 -15.32
C GLN B 106 -36.37 3.06 -15.16
N GLU B 107 -37.70 2.94 -15.20
CA GLU B 107 -38.33 1.63 -15.04
C GLU B 107 -38.00 0.70 -16.20
N ALA B 108 -38.00 1.24 -17.43
CA ALA B 108 -37.67 0.42 -18.59
C ALA B 108 -36.21 -0.02 -18.56
N LEU B 109 -35.31 0.88 -18.13
CA LEU B 109 -33.92 0.47 -17.98
C LEU B 109 -33.77 -0.60 -16.91
N TRP B 110 -34.50 -0.47 -15.79
CA TRP B 110 -34.52 -1.50 -14.77
C TRP B 110 -34.91 -2.85 -15.37
N ALA B 111 -36.02 -2.87 -16.11
CA ALA B 111 -36.50 -4.11 -16.71
C ALA B 111 -35.49 -4.68 -17.70
N LEU B 112 -34.92 -3.82 -18.56
CA LEU B 112 -33.96 -4.28 -19.55
C LEU B 112 -32.70 -4.85 -18.90
N ARG B 113 -32.19 -4.19 -17.87
CA ARG B 113 -31.02 -4.70 -17.16
C ARG B 113 -31.30 -6.07 -16.57
N ASN B 114 -32.46 -6.22 -15.91
CA ASN B 114 -32.78 -7.53 -15.34
C ASN B 114 -32.95 -8.58 -16.42
N ILE B 115 -33.49 -8.20 -17.57
CA ILE B 115 -33.61 -9.17 -18.67
C ILE B 115 -32.23 -9.55 -19.19
N ALA B 116 -31.34 -8.57 -19.35
CA ALA B 116 -29.99 -8.78 -19.86
C ALA B 116 -29.03 -9.29 -18.80
N SER B 117 -29.53 -9.73 -17.66
CA SER B 117 -28.70 -10.35 -16.65
C SER B 117 -28.76 -11.88 -16.70
N GLY B 118 -29.33 -12.44 -17.75
CA GLY B 118 -29.51 -13.87 -17.87
C GLY B 118 -28.49 -14.52 -18.76
N GLY B 119 -28.89 -15.61 -19.40
CA GLY B 119 -28.01 -16.36 -20.26
C GLY B 119 -27.69 -15.63 -21.55
N ASN B 120 -26.70 -16.16 -22.27
CA ASN B 120 -26.29 -15.51 -23.51
C ASN B 120 -27.43 -15.42 -24.51
N GLU B 121 -28.36 -16.38 -24.48
CA GLU B 121 -29.49 -16.31 -25.40
C GLU B 121 -30.33 -15.06 -25.13
N GLN B 122 -30.58 -14.76 -23.86
CA GLN B 122 -31.35 -13.57 -23.53
C GLN B 122 -30.58 -12.31 -23.86
N ILE B 123 -29.26 -12.31 -23.63
CA ILE B 123 -28.45 -11.15 -24.00
C ILE B 123 -28.51 -10.93 -25.51
N GLN B 124 -28.47 -12.01 -26.29
CA GLN B 124 -28.57 -11.88 -27.74
C GLN B 124 -29.94 -11.37 -28.15
N ALA B 125 -31.00 -11.80 -27.44
CA ALA B 125 -32.33 -11.28 -27.72
C ALA B 125 -32.42 -9.79 -27.43
N VAL B 126 -31.83 -9.36 -26.31
CA VAL B 126 -31.78 -7.94 -25.98
C VAL B 126 -31.06 -7.16 -27.06
N ILE B 127 -29.92 -7.70 -27.53
CA ILE B 127 -29.13 -7.03 -28.55
C ILE B 127 -29.94 -6.90 -29.84
N ASP B 128 -30.58 -7.99 -30.26
CA ASP B 128 -31.38 -7.99 -31.47
C ASP B 128 -32.56 -7.03 -31.37
N ALA B 129 -33.07 -6.79 -30.16
CA ALA B 129 -34.16 -5.85 -29.95
C ALA B 129 -33.76 -4.40 -30.20
N GLY B 130 -32.46 -4.13 -30.34
CA GLY B 130 -32.00 -2.78 -30.63
C GLY B 130 -31.70 -1.92 -29.42
N ALA B 131 -31.27 -2.52 -28.31
CA ALA B 131 -31.05 -1.74 -27.10
C ALA B 131 -29.73 -0.99 -27.14
N LEU B 132 -28.70 -1.60 -27.71
CA LEU B 132 -27.34 -1.07 -27.57
C LEU B 132 -27.21 0.38 -28.03
N PRO B 133 -27.68 0.77 -29.21
CA PRO B 133 -27.52 2.19 -29.59
C PRO B 133 -28.24 3.13 -28.63
N ALA B 134 -29.45 2.76 -28.19
CA ALA B 134 -30.17 3.58 -27.23
C ALA B 134 -29.39 3.74 -25.93
N LEU B 135 -28.78 2.66 -25.43
CA LEU B 135 -27.99 2.75 -24.21
C LEU B 135 -26.74 3.59 -24.43
N VAL B 136 -26.09 3.42 -25.57
CA VAL B 136 -24.89 4.22 -25.86
C VAL B 136 -25.23 5.69 -25.92
N GLN B 137 -26.42 6.04 -26.42
CA GLN B 137 -26.84 7.43 -26.43
C GLN B 137 -27.19 7.90 -25.03
N LEU B 138 -27.85 7.05 -24.24
CA LEU B 138 -28.20 7.40 -22.87
C LEU B 138 -26.96 7.55 -22.00
N LEU B 139 -25.83 7.03 -22.44
CA LEU B 139 -24.59 7.17 -21.68
C LEU B 139 -24.22 8.64 -21.45
N SER B 140 -24.74 9.55 -22.26
CA SER B 140 -24.50 10.98 -22.11
C SER B 140 -25.53 11.68 -21.23
N SER B 141 -26.46 10.93 -20.64
CA SER B 141 -27.52 11.55 -19.85
C SER B 141 -26.93 12.28 -18.64
N PRO B 142 -27.40 13.49 -18.34
CA PRO B 142 -26.99 14.16 -17.10
C PRO B 142 -27.74 13.70 -15.87
N ASN B 143 -28.73 12.82 -16.03
CA ASN B 143 -29.49 12.29 -14.91
C ASN B 143 -28.77 11.06 -14.38
N GLU B 144 -28.16 11.19 -13.20
CA GLU B 144 -27.34 10.12 -12.65
C GLU B 144 -28.11 8.81 -12.55
N GLN B 145 -29.43 8.87 -12.41
CA GLN B 145 -30.22 7.64 -12.32
C GLN B 145 -30.24 6.94 -13.67
N ILE B 146 -30.57 7.67 -14.73
CA ILE B 146 -30.53 7.09 -16.07
C ILE B 146 -29.13 6.61 -16.40
N LEU B 147 -28.11 7.39 -16.03
CA LEU B 147 -26.74 6.99 -16.33
C LEU B 147 -26.37 5.68 -15.65
N SER B 148 -26.65 5.58 -14.34
CA SER B 148 -26.31 4.37 -13.61
C SER B 148 -27.08 3.17 -14.15
N SER B 149 -28.37 3.36 -14.47
CA SER B 149 -29.14 2.23 -14.97
C SER B 149 -28.64 1.78 -16.34
N ALA B 150 -28.34 2.72 -17.23
CA ALA B 150 -27.82 2.36 -18.54
C ALA B 150 -26.46 1.68 -18.43
N LEU B 151 -25.61 2.16 -17.52
CA LEU B 151 -24.33 1.51 -17.32
C LEU B 151 -24.52 0.08 -16.84
N GLY B 152 -25.42 -0.14 -15.89
CA GLY B 152 -25.69 -1.49 -15.44
C GLY B 152 -26.17 -2.39 -16.57
N ALA B 153 -27.10 -1.87 -17.38
CA ALA B 153 -27.60 -2.65 -18.51
C ALA B 153 -26.47 -3.02 -19.47
N LEU B 154 -25.59 -2.06 -19.76
CA LEU B 154 -24.49 -2.33 -20.69
C LEU B 154 -23.53 -3.36 -20.13
N SER B 155 -23.20 -3.26 -18.84
CA SER B 155 -22.30 -4.25 -18.24
C SER B 155 -22.91 -5.64 -18.30
N ASN B 156 -24.19 -5.76 -17.93
CA ASN B 156 -24.86 -7.05 -18.02
C ASN B 156 -24.84 -7.58 -19.44
N ILE B 157 -25.02 -6.70 -20.43
CA ILE B 157 -24.96 -7.15 -21.82
C ILE B 157 -23.56 -7.65 -22.16
N ALA B 158 -22.54 -6.97 -21.63
CA ALA B 158 -21.14 -7.32 -21.87
C ALA B 158 -20.65 -8.50 -21.04
N SER B 159 -21.47 -9.04 -20.14
CA SER B 159 -21.09 -10.23 -19.39
C SER B 159 -21.41 -11.52 -20.14
N GLY B 160 -21.56 -11.44 -21.47
CA GLY B 160 -21.93 -12.60 -22.25
C GLY B 160 -20.79 -13.14 -23.08
N GLY B 161 -21.12 -13.70 -24.25
CA GLY B 161 -20.10 -14.24 -25.11
C GLY B 161 -19.22 -13.15 -25.70
N ASN B 162 -18.12 -13.59 -26.31
CA ASN B 162 -17.19 -12.63 -26.91
C ASN B 162 -17.81 -11.85 -28.06
N GLU B 163 -18.69 -12.49 -28.83
CA GLU B 163 -19.36 -11.79 -29.93
C GLU B 163 -20.27 -10.70 -29.39
N GLN B 164 -20.94 -10.95 -28.27
CA GLN B 164 -21.78 -9.93 -27.67
C GLN B 164 -20.94 -8.76 -27.15
N ILE B 165 -19.78 -9.04 -26.56
CA ILE B 165 -18.90 -7.97 -26.14
C ILE B 165 -18.41 -7.19 -27.35
N GLN B 166 -18.18 -7.88 -28.46
CA GLN B 166 -17.79 -7.18 -29.68
C GLN B 166 -18.92 -6.30 -30.19
N ALA B 167 -20.16 -6.76 -30.06
CA ALA B 167 -21.31 -5.92 -30.42
C ALA B 167 -21.40 -4.69 -29.54
N VAL B 168 -21.17 -4.86 -28.23
CA VAL B 168 -21.16 -3.72 -27.32
C VAL B 168 -20.08 -2.72 -27.73
N ILE B 169 -18.89 -3.22 -28.05
CA ILE B 169 -17.80 -2.35 -28.45
C ILE B 169 -18.13 -1.60 -29.73
N ASP B 170 -18.66 -2.33 -30.72
CA ASP B 170 -19.01 -1.74 -32.00
C ASP B 170 -20.07 -0.65 -31.86
N ALA B 171 -20.87 -0.70 -30.81
CA ALA B 171 -21.85 0.35 -30.56
C ALA B 171 -21.22 1.69 -30.21
N GLY B 172 -19.93 1.71 -29.88
CA GLY B 172 -19.26 2.94 -29.56
C GLY B 172 -19.26 3.33 -28.09
N ALA B 173 -19.28 2.35 -27.19
CA ALA B 173 -19.37 2.65 -25.77
C ALA B 173 -18.01 2.97 -25.16
N LEU B 174 -16.94 2.31 -25.64
CA LEU B 174 -15.63 2.39 -24.99
C LEU B 174 -15.15 3.80 -24.68
N PRO B 175 -15.20 4.75 -25.62
CA PRO B 175 -14.76 6.12 -25.28
C PRO B 175 -15.57 6.74 -24.15
N ALA B 176 -16.87 6.50 -24.12
CA ALA B 176 -17.69 7.03 -23.03
C ALA B 176 -17.24 6.49 -21.68
N LEU B 177 -16.96 5.19 -21.62
CA LEU B 177 -16.50 4.59 -20.36
C LEU B 177 -15.13 5.12 -19.95
N VAL B 178 -14.23 5.28 -20.92
CA VAL B 178 -12.92 5.85 -20.59
C VAL B 178 -13.07 7.27 -20.07
N GLN B 179 -14.03 8.02 -20.63
CA GLN B 179 -14.29 9.36 -20.13
C GLN B 179 -14.83 9.31 -18.70
N LEU B 180 -15.78 8.40 -18.44
CA LEU B 180 -16.35 8.27 -17.11
C LEU B 180 -15.31 7.84 -16.08
N LEU B 181 -14.25 7.17 -16.53
CA LEU B 181 -13.23 6.70 -15.59
C LEU B 181 -12.63 7.83 -14.75
N SER B 182 -12.73 9.08 -15.21
CA SER B 182 -12.24 10.24 -14.47
C SER B 182 -13.34 11.00 -13.75
N SER B 183 -14.50 10.36 -13.51
CA SER B 183 -15.61 11.05 -12.88
C SER B 183 -15.41 11.16 -11.37
N PRO B 184 -15.81 12.28 -10.76
CA PRO B 184 -15.77 12.41 -9.30
C PRO B 184 -16.96 11.77 -8.59
N ASN B 185 -17.88 11.14 -9.31
CA ASN B 185 -19.04 10.49 -8.69
C ASN B 185 -18.69 9.02 -8.48
N GLU B 186 -18.54 8.63 -7.21
CA GLU B 186 -18.06 7.29 -6.88
C GLU B 186 -18.99 6.19 -7.41
N GLN B 187 -20.30 6.42 -7.43
CA GLN B 187 -21.21 5.36 -7.84
C GLN B 187 -21.14 5.10 -9.34
N ILE B 188 -21.15 6.17 -10.14
CA ILE B 188 -20.99 5.99 -11.58
C ILE B 188 -19.61 5.49 -11.91
N LEU B 189 -18.58 5.91 -11.16
CA LEU B 189 -17.24 5.38 -11.37
C LEU B 189 -17.20 3.88 -11.12
N GLN B 190 -17.84 3.42 -10.04
CA GLN B 190 -17.93 1.99 -9.77
C GLN B 190 -18.58 1.25 -10.93
N LEU B 191 -19.69 1.77 -11.42
CA LEU B 191 -20.38 1.09 -12.52
C LEU B 191 -19.56 1.13 -13.81
N ALA B 192 -18.83 2.22 -14.06
CA ALA B 192 -17.98 2.28 -15.23
C ALA B 192 -16.86 1.24 -15.15
N LEU B 193 -16.24 1.09 -13.98
CA LEU B 193 -15.23 0.06 -13.82
C LEU B 193 -15.84 -1.33 -14.00
N TRP B 194 -17.04 -1.54 -13.48
CA TRP B 194 -17.74 -2.81 -13.69
C TRP B 194 -17.90 -3.11 -15.17
N ALA B 195 -18.43 -2.13 -15.93
CA ALA B 195 -18.66 -2.33 -17.35
C ALA B 195 -17.35 -2.60 -18.10
N LEU B 196 -16.29 -1.84 -17.77
CA LEU B 196 -15.02 -2.03 -18.45
C LEU B 196 -14.45 -3.40 -18.14
N SER B 197 -14.56 -3.85 -16.89
N SER B 197 -14.56 -3.85 -16.89
CA SER B 197 -14.08 -5.18 -16.54
CA SER B 197 -14.08 -5.18 -16.55
C SER B 197 -14.82 -6.25 -17.34
C SER B 197 -14.82 -6.25 -17.35
N ASN B 198 -16.15 -6.12 -17.45
CA ASN B 198 -16.92 -7.11 -18.22
C ASN B 198 -16.60 -7.06 -19.70
N ILE B 199 -16.27 -5.89 -20.23
CA ILE B 199 -15.84 -5.81 -21.63
C ILE B 199 -14.50 -6.50 -21.81
N ALA B 200 -13.56 -6.24 -20.90
CA ALA B 200 -12.22 -6.80 -20.96
C ALA B 200 -12.17 -8.27 -20.53
N SER B 201 -13.28 -8.87 -20.15
CA SER B 201 -13.33 -10.29 -19.82
C SER B 201 -13.49 -11.18 -21.04
N GLY B 202 -13.44 -10.62 -22.23
CA GLY B 202 -13.61 -11.39 -23.46
C GLY B 202 -12.30 -11.85 -24.04
N GLY B 203 -12.26 -11.96 -25.37
CA GLY B 203 -11.07 -12.40 -26.05
C GLY B 203 -9.99 -11.33 -26.08
N ASN B 204 -8.83 -11.70 -26.62
CA ASN B 204 -7.72 -10.77 -26.69
C ASN B 204 -8.04 -9.56 -27.56
N GLU B 205 -8.89 -9.73 -28.58
CA GLU B 205 -9.25 -8.58 -29.41
C GLU B 205 -10.04 -7.54 -28.63
N GLN B 206 -10.98 -7.98 -27.80
CA GLN B 206 -11.73 -7.04 -26.98
C GLN B 206 -10.83 -6.35 -25.96
N ILE B 207 -9.90 -7.09 -25.36
CA ILE B 207 -8.99 -6.48 -24.41
C ILE B 207 -8.12 -5.45 -25.11
N GLN B 208 -7.66 -5.77 -26.31
CA GLN B 208 -6.88 -4.78 -27.07
C GLN B 208 -7.72 -3.56 -27.42
N ALA B 209 -9.02 -3.77 -27.68
CA ALA B 209 -9.89 -2.63 -27.94
C ALA B 209 -10.00 -1.73 -26.72
N VAL B 210 -10.19 -2.33 -25.54
CA VAL B 210 -10.26 -1.53 -24.31
C VAL B 210 -8.94 -0.79 -24.09
N ILE B 211 -7.82 -1.46 -24.39
CA ILE B 211 -6.51 -0.82 -24.24
C ILE B 211 -6.39 0.39 -25.17
N ASP B 212 -6.85 0.23 -26.41
CA ASP B 212 -6.74 1.32 -27.38
C ASP B 212 -7.53 2.54 -26.94
N ALA B 213 -8.62 2.35 -26.19
CA ALA B 213 -9.43 3.48 -25.75
C ALA B 213 -8.71 4.40 -24.75
N GLY B 214 -7.59 3.97 -24.20
CA GLY B 214 -6.85 4.82 -23.28
C GLY B 214 -7.26 4.70 -21.82
N ALA B 215 -7.66 3.52 -21.38
CA ALA B 215 -8.14 3.33 -20.01
C ALA B 215 -7.03 3.06 -19.01
N LEU B 216 -5.96 2.39 -19.45
CA LEU B 216 -4.96 1.89 -18.51
C LEU B 216 -4.35 2.95 -17.61
N PRO B 217 -3.98 4.14 -18.10
CA PRO B 217 -3.43 5.16 -17.18
C PRO B 217 -4.37 5.50 -16.04
N ALA B 218 -5.66 5.64 -16.31
CA ALA B 218 -6.61 5.93 -15.24
C ALA B 218 -6.60 4.84 -14.18
N LEU B 219 -6.57 3.57 -14.61
CA LEU B 219 -6.57 2.46 -13.66
C LEU B 219 -5.28 2.40 -12.86
N VAL B 220 -4.14 2.62 -13.52
CA VAL B 220 -2.88 2.62 -12.80
C VAL B 220 -2.86 3.74 -11.77
N GLN B 221 -3.47 4.89 -12.10
CA GLN B 221 -3.53 5.99 -11.13
C GLN B 221 -4.46 5.65 -9.98
N LEU B 222 -5.63 5.09 -10.28
CA LEU B 222 -6.57 4.69 -9.24
C LEU B 222 -6.00 3.62 -8.34
N LEU B 223 -4.98 2.87 -8.81
CA LEU B 223 -4.32 1.88 -7.98
C LEU B 223 -3.83 2.46 -6.65
N SER B 224 -3.67 3.79 -6.57
CA SER B 224 -3.25 4.46 -5.35
C SER B 224 -4.40 5.15 -4.61
N SER B 225 -5.65 4.77 -4.91
CA SER B 225 -6.80 5.41 -4.27
C SER B 225 -6.96 4.92 -2.84
N PRO B 226 -7.32 5.79 -1.90
CA PRO B 226 -7.59 5.36 -0.53
C PRO B 226 -8.98 4.76 -0.34
N ASN B 227 -9.75 4.59 -1.41
CA ASN B 227 -11.08 3.98 -1.34
C ASN B 227 -10.93 2.51 -1.68
N GLU B 228 -11.04 1.65 -0.67
CA GLU B 228 -10.78 0.23 -0.87
C GLU B 228 -11.69 -0.37 -1.93
N GLN B 229 -12.91 0.15 -2.07
CA GLN B 229 -13.81 -0.38 -3.08
C GLN B 229 -13.33 -0.05 -4.49
N ILE B 230 -13.02 1.22 -4.75
CA ILE B 230 -12.47 1.58 -6.05
C ILE B 230 -11.15 0.86 -6.30
N LEU B 231 -10.38 0.63 -5.24
CA LEU B 231 -9.12 -0.11 -5.41
C LEU B 231 -9.39 -1.52 -5.90
N GLN B 232 -10.31 -2.23 -5.26
CA GLN B 232 -10.68 -3.57 -5.72
C GLN B 232 -11.22 -3.54 -7.14
N GLU B 233 -12.01 -2.53 -7.48
CA GLU B 233 -12.58 -2.48 -8.83
C GLU B 233 -11.49 -2.26 -9.88
N ALA B 234 -10.56 -1.36 -9.61
CA ALA B 234 -9.46 -1.15 -10.54
C ALA B 234 -8.61 -2.40 -10.65
N LEU B 235 -8.44 -3.11 -9.52
CA LEU B 235 -7.68 -4.36 -9.55
C LEU B 235 -8.39 -5.42 -10.38
N TRP B 236 -9.71 -5.55 -10.23
CA TRP B 236 -10.50 -6.44 -11.08
C TRP B 236 -10.28 -6.11 -12.55
N ALA B 237 -10.41 -4.83 -12.90
CA ALA B 237 -10.25 -4.43 -14.30
C ALA B 237 -8.86 -4.77 -14.81
N LEU B 238 -7.83 -4.47 -14.02
CA LEU B 238 -6.46 -4.74 -14.45
C LEU B 238 -6.20 -6.24 -14.58
N SER B 239 -6.76 -7.04 -13.66
CA SER B 239 -6.62 -8.50 -13.76
C SER B 239 -7.22 -9.01 -15.06
N ASN B 240 -8.44 -8.57 -15.37
CA ASN B 240 -9.06 -9.00 -16.62
C ASN B 240 -8.29 -8.51 -17.83
N ILE B 241 -7.64 -7.34 -17.73
CA ILE B 241 -6.82 -6.86 -18.84
C ILE B 241 -5.59 -7.75 -19.02
N ALA B 242 -4.97 -8.13 -17.90
CA ALA B 242 -3.79 -8.97 -17.92
C ALA B 242 -4.12 -10.44 -18.14
N SER B 243 -5.39 -10.79 -18.31
CA SER B 243 -5.78 -12.15 -18.62
C SER B 243 -5.73 -12.44 -20.11
N GLY B 244 -5.23 -11.50 -20.91
CA GLY B 244 -5.22 -11.64 -22.35
C GLY B 244 -3.90 -12.17 -22.87
N GLY B 245 -3.54 -11.76 -24.09
CA GLY B 245 -2.33 -12.19 -24.73
C GLY B 245 -1.11 -11.45 -24.20
N ASN B 246 0.06 -11.89 -24.68
CA ASN B 246 1.32 -11.32 -24.20
C ASN B 246 1.39 -9.82 -24.47
N GLU B 247 0.83 -9.38 -25.59
CA GLU B 247 0.82 -7.95 -25.90
C GLU B 247 0.01 -7.17 -24.88
N GLN B 248 -1.12 -7.73 -24.43
CA GLN B 248 -1.94 -7.04 -23.44
C GLN B 248 -1.22 -6.93 -22.10
N ILE B 249 -0.60 -8.02 -21.64
CA ILE B 249 0.14 -7.96 -20.38
C ILE B 249 1.28 -6.95 -20.50
N GLN B 250 1.95 -6.91 -21.66
CA GLN B 250 3.04 -5.97 -21.84
C GLN B 250 2.55 -4.52 -21.85
N ALA B 251 1.37 -4.27 -22.44
CA ALA B 251 0.79 -2.94 -22.39
C ALA B 251 0.46 -2.54 -20.95
N VAL B 252 -0.07 -3.48 -20.17
CA VAL B 252 -0.32 -3.18 -18.75
C VAL B 252 0.98 -2.82 -18.04
N ILE B 253 2.05 -3.59 -18.32
CA ILE B 253 3.33 -3.31 -17.67
C ILE B 253 3.86 -1.94 -18.09
N ASP B 254 3.67 -1.57 -19.36
CA ASP B 254 4.11 -0.28 -19.83
C ASP B 254 3.42 0.85 -19.07
N ALA B 255 2.18 0.62 -18.62
CA ALA B 255 1.48 1.62 -17.84
C ALA B 255 2.05 1.77 -16.43
N GLY B 256 2.98 0.91 -16.03
CA GLY B 256 3.61 1.02 -14.74
C GLY B 256 2.88 0.37 -13.60
N ALA B 257 2.18 -0.74 -13.84
CA ALA B 257 1.39 -1.39 -12.79
C ALA B 257 2.25 -2.24 -11.84
N LEU B 258 3.37 -2.74 -12.33
CA LEU B 258 4.14 -3.72 -11.56
C LEU B 258 4.58 -3.17 -10.21
N PRO B 259 5.16 -1.97 -10.11
CA PRO B 259 5.57 -1.48 -8.79
C PRO B 259 4.40 -1.36 -7.82
N ALA B 260 3.28 -0.80 -8.26
CA ALA B 260 2.13 -0.65 -7.38
C ALA B 260 1.62 -2.01 -6.91
N LEU B 261 1.54 -2.99 -7.80
CA LEU B 261 1.04 -4.30 -7.39
C LEU B 261 1.99 -4.98 -6.41
N VAL B 262 3.29 -4.96 -6.70
CA VAL B 262 4.25 -5.60 -5.81
C VAL B 262 4.22 -4.91 -4.45
N GLN B 263 4.02 -3.60 -4.43
CA GLN B 263 3.90 -2.90 -3.16
C GLN B 263 2.63 -3.30 -2.44
N LEU B 264 1.51 -3.38 -3.16
CA LEU B 264 0.25 -3.77 -2.56
C LEU B 264 0.31 -5.17 -1.95
N LEU B 265 1.25 -6.00 -2.41
CA LEU B 265 1.40 -7.31 -1.80
C LEU B 265 1.71 -7.25 -0.30
N SER B 266 2.24 -6.12 0.19
CA SER B 266 2.61 -5.97 1.59
C SER B 266 1.55 -5.24 2.41
N SER B 267 0.32 -5.11 1.90
CA SER B 267 -0.74 -4.42 2.61
C SER B 267 -1.29 -5.29 3.74
N PRO B 268 -1.83 -4.68 4.79
CA PRO B 268 -2.46 -5.46 5.86
C PRO B 268 -3.91 -5.84 5.58
N ASN B 269 -4.46 -5.40 4.46
CA ASN B 269 -5.82 -5.75 4.06
C ASN B 269 -5.76 -7.04 3.25
N GLU B 270 -6.29 -8.12 3.80
CA GLU B 270 -6.17 -9.43 3.15
C GLU B 270 -6.84 -9.44 1.78
N GLN B 271 -7.93 -8.69 1.63
CA GLN B 271 -8.60 -8.61 0.33
C GLN B 271 -7.67 -7.98 -0.71
N ILE B 272 -6.98 -6.90 -0.34
CA ILE B 272 -6.07 -6.26 -1.28
C ILE B 272 -4.95 -7.20 -1.67
N LEU B 273 -4.45 -8.00 -0.72
CA LEU B 273 -3.44 -8.99 -1.07
C LEU B 273 -3.98 -10.02 -2.06
N GLN B 274 -5.19 -10.54 -1.79
CA GLN B 274 -5.76 -11.52 -2.69
C GLN B 274 -5.95 -10.96 -4.11
N GLU B 275 -6.38 -9.70 -4.21
CA GLU B 275 -6.60 -9.09 -5.52
C GLU B 275 -5.27 -8.78 -6.22
N ALA B 276 -4.28 -8.30 -5.48
CA ALA B 276 -2.98 -8.05 -6.09
C ALA B 276 -2.31 -9.36 -6.52
N LEU B 277 -2.47 -10.41 -5.71
CA LEU B 277 -1.97 -11.73 -6.09
C LEU B 277 -2.64 -12.21 -7.36
N TRP B 278 -3.96 -12.02 -7.47
CA TRP B 278 -4.67 -12.38 -8.69
C TRP B 278 -4.11 -11.63 -9.89
N ALA B 279 -3.92 -10.32 -9.75
CA ALA B 279 -3.40 -9.54 -10.87
C ALA B 279 -2.01 -10.01 -11.28
N LEU B 280 -1.11 -10.15 -10.31
CA LEU B 280 0.26 -10.55 -10.65
C LEU B 280 0.30 -11.97 -11.18
N SER B 281 -0.54 -12.87 -10.67
CA SER B 281 -0.58 -14.23 -11.19
C SER B 281 -1.02 -14.23 -12.65
N ASN B 282 -2.07 -13.48 -12.97
CA ASN B 282 -2.49 -13.37 -14.37
C ASN B 282 -1.41 -12.72 -15.22
N ILE B 283 -0.67 -11.77 -14.66
CA ILE B 283 0.41 -11.12 -15.40
C ILE B 283 1.51 -12.12 -15.74
N ALA B 284 1.89 -12.92 -14.76
CA ALA B 284 2.96 -13.90 -14.91
C ALA B 284 2.49 -15.09 -15.74
N SER B 285 1.61 -14.86 -16.71
CA SER B 285 1.13 -15.93 -17.57
C SER B 285 1.56 -15.77 -19.03
N GLY B 286 2.59 -15.00 -19.31
CA GLY B 286 2.97 -14.93 -20.71
C GLY B 286 4.42 -15.20 -21.04
N GLY B 287 5.04 -14.30 -21.79
CA GLY B 287 6.38 -14.50 -22.31
C GLY B 287 7.46 -14.42 -21.25
N ASN B 288 8.65 -14.86 -21.64
CA ASN B 288 9.78 -14.69 -20.74
C ASN B 288 9.98 -13.22 -20.41
N GLU B 289 9.61 -12.33 -21.32
CA GLU B 289 9.71 -10.90 -21.05
C GLU B 289 8.82 -10.51 -19.88
N GLN B 290 7.55 -10.93 -19.88
CA GLN B 290 6.64 -10.55 -18.81
C GLN B 290 7.02 -11.20 -17.48
N LYS B 291 7.35 -12.49 -17.51
CA LYS B 291 7.79 -13.16 -16.29
C LYS B 291 9.03 -12.48 -15.71
N GLN B 292 9.98 -12.12 -16.58
CA GLN B 292 11.19 -11.46 -16.13
C GLN B 292 10.89 -10.09 -15.55
N ALA B 293 9.96 -9.35 -16.15
CA ALA B 293 9.55 -8.07 -15.58
C ALA B 293 8.97 -8.27 -14.18
N VAL B 294 8.16 -9.31 -14.01
CA VAL B 294 7.61 -9.60 -12.69
C VAL B 294 8.73 -9.90 -11.70
N LYS B 295 9.71 -10.70 -12.13
CA LYS B 295 10.83 -11.04 -11.25
C LYS B 295 11.63 -9.80 -10.88
N GLU B 296 11.97 -8.98 -11.89
CA GLU B 296 12.74 -7.77 -11.67
C GLU B 296 11.98 -6.71 -10.90
N ALA B 297 10.67 -6.87 -10.76
CA ALA B 297 9.91 -5.95 -9.90
C ALA B 297 9.99 -6.33 -8.44
N GLY B 298 10.75 -7.36 -8.09
CA GLY B 298 10.91 -7.76 -6.71
C GLY B 298 9.74 -8.55 -6.16
N ALA B 299 9.06 -9.32 -7.02
CA ALA B 299 7.88 -10.05 -6.60
C ALA B 299 8.24 -11.37 -5.92
N LEU B 300 9.26 -12.06 -6.43
CA LEU B 300 9.57 -13.40 -5.95
C LEU B 300 9.76 -13.46 -4.44
N GLU B 301 10.44 -12.46 -3.86
CA GLU B 301 10.63 -12.43 -2.42
C GLU B 301 9.29 -12.39 -1.69
N LYS B 302 8.41 -11.47 -2.11
CA LYS B 302 7.11 -11.35 -1.45
C LYS B 302 6.28 -12.61 -1.64
N LEU B 303 6.38 -13.25 -2.80
CA LEU B 303 5.64 -14.49 -3.02
C LEU B 303 6.16 -15.61 -2.13
N GLU B 304 7.48 -15.71 -1.96
CA GLU B 304 8.05 -16.71 -1.06
C GLU B 304 7.61 -16.47 0.37
N GLN B 305 7.49 -15.20 0.78
CA GLN B 305 7.01 -14.91 2.13
C GLN B 305 5.53 -15.22 2.27
N LEU B 306 4.73 -14.88 1.25
CA LEU B 306 3.30 -15.07 1.31
C LEU B 306 2.85 -16.51 1.14
N GLN B 307 3.74 -17.42 0.74
CA GLN B 307 3.40 -18.84 0.80
C GLN B 307 3.46 -19.38 2.21
N SER B 308 4.04 -18.62 3.13
CA SER B 308 4.04 -18.94 4.55
C SER B 308 2.99 -18.14 5.31
N HIS B 309 2.30 -17.22 4.65
CA HIS B 309 1.26 -16.43 5.29
C HIS B 309 0.19 -17.32 5.90
N GLU B 310 -0.35 -16.88 7.03
CA GLU B 310 -1.29 -17.71 7.78
C GLU B 310 -2.52 -18.03 6.95
N ASN B 311 -2.98 -17.08 6.13
CA ASN B 311 -4.12 -17.35 5.28
C ASN B 311 -3.73 -18.35 4.20
N GLU B 312 -4.61 -19.33 3.96
CA GLU B 312 -4.28 -20.43 3.07
C GLU B 312 -4.63 -20.15 1.61
N LYS B 313 -5.70 -19.41 1.34
CA LYS B 313 -6.07 -19.14 -0.05
C LYS B 313 -4.99 -18.30 -0.72
N ILE B 314 -4.46 -17.30 -0.01
CA ILE B 314 -3.36 -16.52 -0.56
C ILE B 314 -2.11 -17.38 -0.69
N GLN B 315 -1.89 -18.29 0.24
CA GLN B 315 -0.76 -19.21 0.13
C GLN B 315 -0.85 -20.01 -1.17
N LYS B 316 -2.00 -20.63 -1.42
CA LYS B 316 -2.15 -21.42 -2.64
C LYS B 316 -1.99 -20.56 -3.88
N GLU B 317 -2.55 -19.35 -3.88
CA GLU B 317 -2.45 -18.54 -5.08
C GLU B 317 -1.00 -18.10 -5.32
N ALA B 318 -0.28 -17.79 -4.24
CA ALA B 318 1.12 -17.39 -4.36
C ALA B 318 2.00 -18.54 -4.83
N GLN B 319 1.77 -19.75 -4.31
CA GLN B 319 2.56 -20.89 -4.76
C GLN B 319 2.28 -21.22 -6.22
N GLU B 320 1.01 -21.10 -6.63
CA GLU B 320 0.69 -21.32 -8.05
C GLU B 320 1.33 -20.26 -8.91
N ALA B 321 1.33 -18.99 -8.46
CA ALA B 321 1.97 -17.93 -9.23
C ALA B 321 3.47 -18.15 -9.34
N LEU B 322 4.10 -18.64 -8.27
CA LEU B 322 5.53 -18.94 -8.31
C LEU B 322 5.81 -20.06 -9.30
N GLU B 323 5.00 -21.13 -9.25
CA GLU B 323 5.14 -22.21 -10.21
C GLU B 323 4.99 -21.68 -11.63
N LYS B 324 4.02 -20.79 -11.84
CA LYS B 324 3.83 -20.16 -13.14
C LYS B 324 5.04 -19.33 -13.55
N LEU B 325 5.71 -18.71 -12.58
CA LEU B 325 6.89 -17.90 -12.86
C LEU B 325 8.11 -18.74 -13.21
N GLN B 326 8.16 -19.99 -12.75
CA GLN B 326 9.34 -20.81 -12.99
C GLN B 326 9.17 -21.82 -14.13
N SER B 327 7.96 -21.98 -14.66
CA SER B 327 7.76 -22.92 -15.76
C SER B 327 8.19 -22.28 -17.09
N HIS B 328 8.37 -23.13 -18.10
CA HIS B 328 8.74 -22.68 -19.44
C HIS B 328 7.54 -22.54 -20.36
N GLY B 329 6.32 -22.73 -19.86
CA GLY B 329 5.13 -22.62 -20.66
C GLY B 329 4.39 -21.32 -20.40
N SER B 330 3.49 -21.00 -21.33
CA SER B 330 2.62 -19.83 -21.21
C SER B 330 1.37 -20.22 -20.43
N GLY B 331 1.16 -19.58 -19.28
CA GLY B 331 0.12 -20.02 -18.37
C GLY B 331 -1.25 -19.47 -18.69
N GLY B 332 -2.25 -20.16 -18.17
CA GLY B 332 -3.64 -19.75 -18.33
C GLY B 332 -4.13 -18.90 -17.19
N SER B 333 -4.32 -17.60 -17.46
CA SER B 333 -4.79 -16.66 -16.45
C SER B 333 -6.28 -16.89 -16.18
N GLY B 334 -6.83 -16.04 -15.33
CA GLY B 334 -8.23 -16.17 -14.94
C GLY B 334 -9.08 -14.93 -15.21
N LYS B 335 -10.21 -15.12 -15.88
CA LYS B 335 -11.13 -14.03 -16.16
C LYS B 335 -12.34 -14.13 -15.24
N ARG B 336 -12.89 -12.98 -14.88
CA ARG B 336 -14.01 -12.87 -13.95
C ARG B 336 -15.05 -11.90 -14.51
N LYS B 337 -16.30 -12.35 -14.59
CA LYS B 337 -17.43 -11.53 -15.02
C LYS B 337 -18.42 -11.38 -13.86
N ARG B 338 -19.21 -10.31 -13.93
CA ARG B 338 -20.17 -9.97 -12.89
C ARG B 338 -21.45 -9.48 -13.51
N LYS B 339 -22.58 -9.98 -13.03
CA LYS B 339 -23.89 -9.58 -13.51
C LYS B 339 -24.64 -8.86 -12.40
N LEU B 340 -25.39 -7.83 -12.78
CA LEU B 340 -26.20 -7.06 -11.83
C LEU B 340 -27.65 -7.44 -12.03
N LYS B 341 -28.26 -8.00 -10.99
CA LYS B 341 -29.69 -8.33 -11.00
C LYS B 341 -30.30 -7.78 -9.72
N PHE B 342 -31.31 -6.93 -9.87
CA PHE B 342 -31.97 -6.29 -8.75
C PHE B 342 -33.46 -6.52 -8.91
N LYS B 343 -34.13 -6.91 -7.82
CA LYS B 343 -35.58 -7.01 -7.89
C LYS B 343 -36.20 -5.76 -7.26
N ARG B 344 -37.52 -5.73 -7.25
CA ARG B 344 -38.31 -4.58 -6.80
C ARG B 344 -39.55 -4.49 -7.66
N GLY C 1 4.54 7.75 46.50
CA GLY C 1 3.88 6.52 46.83
C GLY C 1 3.21 5.85 45.66
N PRO C 2 3.98 5.54 44.61
CA PRO C 2 3.41 4.83 43.46
C PRO C 2 2.98 3.41 43.78
N GLY C 3 3.61 2.77 44.77
CA GLY C 3 3.37 1.35 44.99
C GLY C 3 1.98 1.04 45.51
N SER C 4 1.31 2.01 46.15
CA SER C 4 0.06 1.73 46.82
C SER C 4 -1.17 1.89 45.91
N GLU C 5 -1.13 2.84 44.98
CA GLU C 5 -2.29 3.15 44.13
C GLU C 5 -2.33 2.33 42.84
N LEU C 6 -1.33 1.50 42.55
CA LEU C 6 -1.30 0.76 41.30
C LEU C 6 -2.23 -0.46 41.34
N PRO C 7 -2.18 -1.27 42.40
CA PRO C 7 -3.04 -2.46 42.43
C PRO C 7 -4.51 -2.14 42.29
N GLN C 8 -5.01 -1.18 43.08
CA GLN C 8 -6.41 -0.78 42.99
C GLN C 8 -6.73 -0.24 41.60
N MET C 9 -5.81 0.58 41.07
CA MET C 9 -6.00 1.24 39.78
C MET C 9 -6.16 0.26 38.64
N VAL C 10 -5.36 -0.80 38.61
CA VAL C 10 -5.44 -1.74 37.48
C VAL C 10 -6.83 -2.37 37.42
N GLN C 11 -7.38 -2.75 38.57
CA GLN C 11 -8.72 -3.33 38.56
C GLN C 11 -9.77 -2.29 38.20
N GLN C 12 -9.63 -1.06 38.70
CA GLN C 12 -10.62 -0.04 38.36
C GLN C 12 -10.54 0.39 36.90
N LEU C 13 -9.42 0.13 36.22
CA LEU C 13 -9.29 0.57 34.84
C LEU C 13 -10.33 -0.05 33.90
N ASN C 14 -10.86 -1.22 34.25
CA ASN C 14 -11.89 -1.87 33.44
C ASN C 14 -13.30 -1.61 33.95
N SER C 15 -13.48 -0.65 34.86
CA SER C 15 -14.78 -0.38 35.44
C SER C 15 -15.75 0.19 34.40
N PRO C 16 -17.05 -0.06 34.54
CA PRO C 16 -18.01 0.44 33.53
C PRO C 16 -18.23 1.94 33.56
N ASP C 17 -18.19 2.59 34.73
CA ASP C 17 -18.42 4.03 34.76
C ASP C 17 -17.27 4.78 34.07
N GLN C 18 -17.64 5.79 33.27
CA GLN C 18 -16.66 6.49 32.44
C GLN C 18 -15.83 7.48 33.23
N GLN C 19 -16.42 8.14 34.24
CA GLN C 19 -15.71 9.17 34.98
C GLN C 19 -14.52 8.57 35.73
N GLU C 20 -14.74 7.45 36.42
CA GLU C 20 -13.64 6.81 37.14
C GLU C 20 -12.57 6.30 36.18
N LEU C 21 -12.96 5.82 35.00
CA LEU C 21 -11.99 5.41 34.01
C LEU C 21 -11.13 6.59 33.56
N GLN C 22 -11.75 7.75 33.32
CA GLN C 22 -10.98 8.91 32.90
C GLN C 22 -10.02 9.37 34.01
N SER C 23 -10.46 9.30 35.26
CA SER C 23 -9.57 9.65 36.36
C SER C 23 -8.39 8.69 36.43
N ALA C 24 -8.66 7.39 36.32
CA ALA C 24 -7.59 6.39 36.35
C ALA C 24 -6.63 6.57 35.19
N LEU C 25 -7.15 6.80 33.98
CA LEU C 25 -6.30 7.00 32.82
C LEU C 25 -5.43 8.23 32.97
N ARG C 26 -5.99 9.34 33.43
CA ARG C 26 -5.18 10.54 33.60
C ARG C 26 -4.10 10.31 34.64
N LYS C 27 -4.45 9.67 35.76
CA LYS C 27 -3.44 9.39 36.79
C LYS C 27 -2.34 8.49 36.24
N LEU C 28 -2.69 7.43 35.51
CA LEU C 28 -1.66 6.55 34.96
C LEU C 28 -0.80 7.27 33.92
N SER C 29 -1.43 8.08 33.08
CA SER C 29 -0.68 8.81 32.05
C SER C 29 0.35 9.73 32.69
N GLN C 30 -0.07 10.50 33.70
CA GLN C 30 0.89 11.41 34.34
C GLN C 30 1.89 10.63 35.19
N ILE C 31 1.50 9.46 35.70
CA ILE C 31 2.41 8.63 36.49
C ILE C 31 3.48 8.02 35.60
N ALA C 32 3.10 7.57 34.40
CA ALA C 32 4.07 6.95 33.52
C ALA C 32 5.13 7.92 33.02
N SER C 33 4.95 9.23 33.20
CA SER C 33 5.97 10.20 32.80
C SER C 33 7.10 10.33 33.81
N GLY C 34 7.09 9.51 34.86
CA GLY C 34 8.10 9.54 35.89
C GLY C 34 9.45 9.13 35.34
N GLY C 35 9.71 7.82 35.41
CA GLY C 35 10.97 7.23 35.02
C GLY C 35 10.79 5.76 34.71
N ASN C 36 11.66 5.18 33.87
CA ASN C 36 11.52 3.78 33.49
C ASN C 36 11.37 2.89 34.70
N GLU C 37 11.99 3.26 35.82
CA GLU C 37 11.82 2.54 37.07
C GLU C 37 10.36 2.50 37.49
N GLN C 38 9.67 3.63 37.39
CA GLN C 38 8.27 3.72 37.77
C GLN C 38 7.37 2.96 36.78
N ILE C 39 7.59 3.18 35.49
CA ILE C 39 6.77 2.54 34.46
C ILE C 39 6.92 1.02 34.51
N GLN C 40 8.10 0.50 34.82
CA GLN C 40 8.23 -0.95 34.92
C GLN C 40 7.34 -1.49 36.03
N ALA C 41 7.26 -0.78 37.16
CA ALA C 41 6.34 -1.17 38.21
C ALA C 41 4.89 -1.09 37.72
N VAL C 42 4.59 -0.09 36.90
CA VAL C 42 3.25 0.00 36.30
C VAL C 42 2.97 -1.22 35.45
N ILE C 43 3.95 -1.64 34.66
CA ILE C 43 3.79 -2.84 33.82
C ILE C 43 3.55 -4.06 34.69
N ASP C 44 4.34 -4.21 35.74
CA ASP C 44 4.18 -5.37 36.62
C ASP C 44 2.77 -5.42 37.21
N ALA C 45 2.10 -4.28 37.32
CA ALA C 45 0.72 -4.26 37.78
C ALA C 45 -0.24 -4.90 36.79
N GLY C 46 0.18 -5.09 35.54
CA GLY C 46 -0.68 -5.72 34.55
C GLY C 46 -1.67 -4.78 33.89
N ALA C 47 -1.26 -3.55 33.59
CA ALA C 47 -2.18 -2.54 33.06
C ALA C 47 -2.32 -2.58 31.55
N LEU C 48 -1.32 -3.06 30.83
CA LEU C 48 -1.32 -2.92 29.37
C LEU C 48 -2.56 -3.52 28.69
N PRO C 49 -3.07 -4.69 29.09
CA PRO C 49 -4.27 -5.21 28.41
C PRO C 49 -5.45 -4.25 28.46
N ALA C 50 -5.65 -3.59 29.60
CA ALA C 50 -6.74 -2.62 29.70
C ALA C 50 -6.56 -1.49 28.70
N LEU C 51 -5.32 -1.04 28.50
CA LEU C 51 -5.07 0.01 27.53
C LEU C 51 -5.31 -0.48 26.10
N VAL C 52 -4.87 -1.70 25.78
CA VAL C 52 -5.09 -2.19 24.42
C VAL C 52 -6.58 -2.35 24.15
N GLN C 53 -7.37 -2.71 25.17
CA GLN C 53 -8.81 -2.77 24.96
C GLN C 53 -9.42 -1.38 24.85
N LEU C 54 -8.93 -0.43 25.63
CA LEU C 54 -9.40 0.96 25.55
C LEU C 54 -9.06 1.59 24.21
N LEU C 55 -8.07 1.07 23.50
CA LEU C 55 -7.77 1.58 22.17
C LEU C 55 -8.94 1.42 21.21
N SER C 56 -9.92 0.57 21.55
CA SER C 56 -11.11 0.37 20.72
C SER C 56 -12.34 1.04 21.32
N SER C 57 -12.16 2.04 22.17
CA SER C 57 -13.29 2.68 22.82
C SER C 57 -13.96 3.68 21.88
N PRO C 58 -15.29 3.82 21.99
CA PRO C 58 -16.00 4.80 21.15
C PRO C 58 -15.87 6.22 21.65
N ASN C 59 -15.32 6.42 22.84
CA ASN C 59 -15.10 7.76 23.40
C ASN C 59 -13.74 8.26 22.91
N GLU C 60 -13.75 9.36 22.18
CA GLU C 60 -12.50 9.87 21.62
C GLU C 60 -11.58 10.38 22.72
N GLN C 61 -12.15 10.94 23.79
CA GLN C 61 -11.33 11.45 24.89
C GLN C 61 -10.56 10.31 25.56
N ILE C 62 -11.26 9.22 25.89
CA ILE C 62 -10.60 8.10 26.55
C ILE C 62 -9.60 7.43 25.61
N LEU C 63 -9.89 7.40 24.30
CA LEU C 63 -8.94 6.84 23.35
C LEU C 63 -7.65 7.66 23.32
N GLN C 64 -7.78 8.98 23.25
CA GLN C 64 -6.58 9.82 23.26
C GLN C 64 -5.79 9.65 24.55
N GLU C 65 -6.49 9.50 25.68
CA GLU C 65 -5.76 9.30 26.93
C GLU C 65 -5.03 7.96 26.96
N ALA C 66 -5.66 6.91 26.42
CA ALA C 66 -4.99 5.61 26.35
C ALA C 66 -3.78 5.68 25.43
N LEU C 67 -3.89 6.41 24.32
CA LEU C 67 -2.75 6.59 23.44
C LEU C 67 -1.63 7.34 24.15
N TRP C 68 -1.97 8.36 24.92
CA TRP C 68 -0.96 9.08 25.70
C TRP C 68 -0.24 8.14 26.66
N ALA C 69 -1.00 7.29 27.36
CA ALA C 69 -0.37 6.38 28.31
C ALA C 69 0.54 5.39 27.59
N LEU C 70 0.09 4.84 26.46
CA LEU C 70 0.92 3.90 25.72
C LEU C 70 2.19 4.57 25.23
N SER C 71 2.07 5.79 24.70
CA SER C 71 3.27 6.50 24.25
C SER C 71 4.26 6.67 25.39
N ASN C 72 3.79 7.10 26.56
CA ASN C 72 4.71 7.30 27.67
C ASN C 72 5.37 6.00 28.12
N ILE C 73 4.58 4.91 28.21
CA ILE C 73 5.17 3.64 28.62
C ILE C 73 6.19 3.15 27.59
N ALA C 74 5.90 3.32 26.30
CA ALA C 74 6.78 2.85 25.25
C ALA C 74 8.01 3.74 25.05
N SER C 75 8.32 4.63 25.98
CA SER C 75 9.53 5.45 25.91
C SER C 75 10.62 4.96 26.86
N GLY C 76 10.59 3.69 27.25
CA GLY C 76 11.56 3.18 28.20
C GLY C 76 12.49 2.15 27.61
N GLY C 77 12.90 1.18 28.43
CA GLY C 77 13.82 0.16 27.97
C GLY C 77 13.20 -0.69 26.88
N ASN C 78 14.07 -1.46 26.22
CA ASN C 78 13.60 -2.28 25.11
C ASN C 78 12.66 -3.39 25.59
N GLU C 79 12.86 -3.89 26.81
CA GLU C 79 11.96 -4.92 27.32
C GLU C 79 10.56 -4.36 27.58
N GLN C 80 10.47 -3.09 27.99
CA GLN C 80 9.16 -2.48 28.16
C GLN C 80 8.44 -2.32 26.82
N ILE C 81 9.17 -1.93 25.77
CA ILE C 81 8.58 -1.86 24.44
C ILE C 81 8.14 -3.25 23.97
N GLN C 82 8.93 -4.27 24.29
CA GLN C 82 8.53 -5.63 23.94
C GLN C 82 7.29 -6.06 24.70
N ALA C 83 7.14 -5.62 25.95
CA ALA C 83 5.93 -5.89 26.72
C ALA C 83 4.73 -5.20 26.10
N VAL C 84 4.90 -3.95 25.66
CA VAL C 84 3.81 -3.26 24.97
C VAL C 84 3.40 -4.03 23.72
N ILE C 85 4.38 -4.48 22.94
CA ILE C 85 4.08 -5.22 21.71
C ILE C 85 3.39 -6.54 22.03
N ASP C 86 3.85 -7.23 23.08
CA ASP C 86 3.23 -8.48 23.50
C ASP C 86 1.77 -8.30 23.90
N ALA C 87 1.38 -7.08 24.29
CA ALA C 87 -0.01 -6.79 24.57
C ALA C 87 -0.88 -6.79 23.31
N GLY C 88 -0.28 -6.78 22.13
CA GLY C 88 -1.04 -6.82 20.90
C GLY C 88 -1.53 -5.48 20.43
N ALA C 89 -0.80 -4.41 20.74
CA ALA C 89 -1.25 -3.05 20.46
C ALA C 89 -0.91 -2.59 19.04
N LEU C 90 -0.21 -3.42 18.26
CA LEU C 90 0.27 -2.97 16.96
C LEU C 90 -0.85 -2.88 15.93
N PRO C 91 -1.67 -3.92 15.72
CA PRO C 91 -2.74 -3.79 14.70
C PRO C 91 -3.72 -2.67 14.98
N ALA C 92 -4.06 -2.44 16.25
CA ALA C 92 -4.89 -1.29 16.58
C ALA C 92 -4.25 -0.01 16.08
N LEU C 93 -2.95 0.15 16.34
CA LEU C 93 -2.26 1.37 15.93
C LEU C 93 -2.22 1.51 14.42
N VAL C 94 -1.98 0.42 13.70
CA VAL C 94 -1.96 0.50 12.25
C VAL C 94 -3.33 0.93 11.72
N GLN C 95 -4.39 0.29 12.25
CA GLN C 95 -5.74 0.68 11.84
C GLN C 95 -6.00 2.16 12.10
N LEU C 96 -5.54 2.66 13.25
CA LEU C 96 -5.71 4.08 13.59
C LEU C 96 -4.89 4.99 12.69
N LEU C 97 -3.77 4.53 12.15
CA LEU C 97 -3.01 5.37 11.24
C LEU C 97 -3.86 5.89 10.08
N SER C 98 -4.75 5.05 9.57
CA SER C 98 -5.68 5.47 8.52
C SER C 98 -6.97 6.01 9.14
N SER C 99 -6.83 7.08 9.94
CA SER C 99 -8.01 7.60 10.62
C SER C 99 -8.18 9.09 10.33
N PRO C 100 -9.41 9.55 10.12
CA PRO C 100 -9.66 10.97 9.81
C PRO C 100 -9.61 11.88 11.03
N ASN C 101 -9.44 11.34 12.23
CA ASN C 101 -9.31 12.15 13.42
C ASN C 101 -7.84 12.51 13.60
N GLU C 102 -7.50 13.78 13.37
CA GLU C 102 -6.11 14.20 13.41
C GLU C 102 -5.48 13.97 14.78
N GLN C 103 -6.28 14.04 15.85
CA GLN C 103 -5.72 13.87 17.18
C GLN C 103 -5.32 12.41 17.43
N ILE C 104 -6.22 11.46 17.16
CA ILE C 104 -5.87 10.07 17.30
C ILE C 104 -4.76 9.69 16.33
N LEU C 105 -4.76 10.26 15.13
CA LEU C 105 -3.70 9.98 14.17
C LEU C 105 -2.35 10.40 14.70
N GLN C 106 -2.26 11.64 15.21
CA GLN C 106 -1.00 12.13 15.76
C GLN C 106 -0.55 11.26 16.92
N GLU C 107 -1.49 10.86 17.79
CA GLU C 107 -1.11 10.04 18.94
C GLU C 107 -0.62 8.66 18.50
N ALA C 108 -1.29 8.05 17.51
CA ALA C 108 -0.86 6.74 17.04
C ALA C 108 0.49 6.80 16.36
N LEU C 109 0.74 7.85 15.57
CA LEU C 109 2.06 8.01 14.96
C LEU C 109 3.13 8.21 16.03
N TRP C 110 2.82 9.00 17.06
CA TRP C 110 3.72 9.18 18.20
C TRP C 110 4.08 7.83 18.81
N ALA C 111 3.05 7.01 19.09
CA ALA C 111 3.28 5.72 19.72
C ALA C 111 4.13 4.81 18.85
N LEU C 112 3.84 4.75 17.54
CA LEU C 112 4.63 3.90 16.67
C LEU C 112 6.08 4.37 16.60
N ARG C 113 6.28 5.68 16.50
CA ARG C 113 7.64 6.21 16.47
C ARG C 113 8.41 5.81 17.72
N ASN C 114 7.77 5.93 18.88
CA ASN C 114 8.46 5.53 20.11
C ASN C 114 8.69 4.02 20.19
N ILE C 115 7.76 3.23 19.67
CA ILE C 115 7.93 1.78 19.69
C ILE C 115 9.10 1.38 18.79
N ALA C 116 9.23 2.04 17.65
CA ALA C 116 10.28 1.73 16.70
C ALA C 116 11.64 2.29 17.10
N SER C 117 11.79 2.73 18.36
CA SER C 117 13.07 3.19 18.88
C SER C 117 13.78 2.14 19.71
N GLY C 118 13.33 0.90 19.66
CA GLY C 118 13.90 -0.18 20.43
C GLY C 118 14.81 -1.06 19.61
N GLY C 119 14.90 -2.33 20.00
CA GLY C 119 15.73 -3.26 19.28
C GLY C 119 15.17 -3.58 17.91
N ASN C 120 16.01 -4.21 17.08
CA ASN C 120 15.61 -4.54 15.73
C ASN C 120 14.40 -5.48 15.71
N GLU C 121 14.26 -6.30 16.77
CA GLU C 121 13.09 -7.17 16.86
C GLU C 121 11.81 -6.35 16.94
N GLN C 122 11.82 -5.26 17.71
CA GLN C 122 10.63 -4.42 17.81
C GLN C 122 10.32 -3.72 16.48
N ILE C 123 11.35 -3.24 15.79
CA ILE C 123 11.13 -2.63 14.49
C ILE C 123 10.53 -3.64 13.52
N GLN C 124 11.02 -4.88 13.57
CA GLN C 124 10.47 -5.91 12.70
C GLN C 124 9.03 -6.24 13.07
N ALA C 125 8.70 -6.22 14.38
CA ALA C 125 7.32 -6.45 14.78
C ALA C 125 6.41 -5.35 14.26
N VAL C 126 6.87 -4.10 14.33
CA VAL C 126 6.11 -2.98 13.77
C VAL C 126 5.90 -3.18 12.28
N ILE C 127 6.95 -3.59 11.57
CA ILE C 127 6.84 -3.80 10.13
C ILE C 127 5.82 -4.89 9.84
N ASP C 128 5.93 -6.03 10.54
CA ASP C 128 5.01 -7.13 10.33
C ASP C 128 3.57 -6.73 10.60
N ALA C 129 3.36 -5.76 11.48
CA ALA C 129 2.02 -5.26 11.77
C ALA C 129 1.41 -4.52 10.60
N GLY C 130 2.18 -4.20 9.56
CA GLY C 130 1.65 -3.57 8.37
C GLY C 130 1.66 -2.06 8.38
N ALA C 131 2.62 -1.44 9.08
CA ALA C 131 2.61 0.01 9.23
C ALA C 131 3.17 0.74 8.01
N LEU C 132 4.17 0.17 7.34
CA LEU C 132 4.95 0.94 6.36
C LEU C 132 4.11 1.60 5.29
N PRO C 133 3.20 0.91 4.59
CA PRO C 133 2.43 1.60 3.53
C PRO C 133 1.64 2.80 4.03
N ALA C 134 1.06 2.71 5.23
CA ALA C 134 0.34 3.85 5.79
C ALA C 134 1.25 5.07 5.92
N LEU C 135 2.48 4.87 6.42
CA LEU C 135 3.39 5.99 6.57
C LEU C 135 3.85 6.53 5.22
N VAL C 136 4.13 5.63 4.27
CA VAL C 136 4.57 6.08 2.95
C VAL C 136 3.47 6.91 2.28
N GLN C 137 2.20 6.55 2.52
CA GLN C 137 1.11 7.37 1.99
C GLN C 137 0.96 8.66 2.77
N LEU C 138 1.19 8.62 4.09
CA LEU C 138 1.10 9.83 4.91
C LEU C 138 2.17 10.85 4.55
N LEU C 139 3.25 10.43 3.89
CA LEU C 139 4.23 11.41 3.48
C LEU C 139 3.64 12.46 2.54
N SER C 140 2.50 12.18 1.91
CA SER C 140 1.88 13.13 1.01
C SER C 140 0.91 14.08 1.70
N SER C 141 0.75 14.00 3.02
CA SER C 141 -0.21 14.84 3.70
C SER C 141 0.18 16.32 3.60
N PRO C 142 -0.78 17.21 3.37
CA PRO C 142 -0.51 18.65 3.45
C PRO C 142 -0.48 19.16 4.89
N ASN C 143 -0.71 18.29 5.86
CA ASN C 143 -0.66 18.66 7.28
C ASN C 143 0.78 18.48 7.74
N GLU C 144 1.47 19.60 7.97
CA GLU C 144 2.89 19.51 8.34
C GLU C 144 3.09 18.67 9.58
N GLN C 145 2.11 18.62 10.47
CA GLN C 145 2.27 17.85 11.71
C GLN C 145 2.30 16.36 11.43
N ILE C 146 1.31 15.86 10.69
CA ILE C 146 1.31 14.45 10.31
C ILE C 146 2.55 14.11 9.51
N LEU C 147 2.99 15.00 8.62
CA LEU C 147 4.19 14.74 7.84
C LEU C 147 5.40 14.56 8.75
N SER C 148 5.58 15.49 9.68
CA SER C 148 6.72 15.40 10.60
C SER C 148 6.66 14.13 11.43
N SER C 149 5.46 13.76 11.90
CA SER C 149 5.35 12.54 12.70
C SER C 149 5.64 11.30 11.87
N ALA C 150 5.16 11.26 10.64
CA ALA C 150 5.46 10.12 9.77
C ALA C 150 6.95 10.04 9.48
N LEU C 151 7.59 11.20 9.28
CA LEU C 151 9.04 11.20 9.07
C LEU C 151 9.79 10.67 10.28
N GLY C 152 9.39 11.09 11.48
CA GLY C 152 10.02 10.56 12.68
C GLY C 152 9.88 9.05 12.78
N ALA C 153 8.66 8.55 12.54
CA ALA C 153 8.45 7.11 12.59
C ALA C 153 9.30 6.39 11.55
N LEU C 154 9.39 6.93 10.34
CA LEU C 154 10.17 6.30 9.28
C LEU C 154 11.66 6.30 9.60
N SER C 155 12.19 7.40 10.13
CA SER C 155 13.59 7.40 10.54
C SER C 155 13.85 6.33 11.59
N ASN C 156 12.98 6.22 12.60
CA ASN C 156 13.16 5.19 13.60
C ASN C 156 13.13 3.80 12.97
N ILE C 157 12.25 3.60 12.00
CA ILE C 157 12.18 2.28 11.36
C ILE C 157 13.44 2.00 10.56
N ALA C 158 13.97 3.01 9.86
CA ALA C 158 15.17 2.87 9.03
C ALA C 158 16.46 2.90 9.83
N SER C 159 16.40 3.12 11.14
CA SER C 159 17.60 3.05 11.97
C SER C 159 17.91 1.63 12.43
N GLY C 160 17.37 0.63 11.76
CA GLY C 160 17.57 -0.75 12.17
C GLY C 160 18.49 -1.51 11.25
N GLY C 161 18.25 -2.81 11.10
CA GLY C 161 19.06 -3.63 10.24
C GLY C 161 18.84 -3.32 8.77
N ASN C 162 19.69 -3.91 7.93
CA ASN C 162 19.61 -3.67 6.50
C ASN C 162 18.28 -4.17 5.91
N GLU C 163 17.74 -5.26 6.45
CA GLU C 163 16.46 -5.78 5.95
C GLU C 163 15.32 -4.80 6.24
N GLN C 164 15.36 -4.13 7.39
CA GLN C 164 14.33 -3.13 7.67
C GLN C 164 14.44 -1.94 6.71
N ILE C 165 15.66 -1.48 6.42
CA ILE C 165 15.83 -0.38 5.48
C ILE C 165 15.37 -0.81 4.08
N GLN C 166 15.61 -2.07 3.72
CA GLN C 166 15.13 -2.56 2.43
C GLN C 166 13.61 -2.61 2.39
N ALA C 167 12.98 -2.96 3.52
CA ALA C 167 11.52 -2.93 3.58
C ALA C 167 11.01 -1.51 3.43
N VAL C 168 11.66 -0.55 4.09
CA VAL C 168 11.29 0.86 3.95
C VAL C 168 11.40 1.30 2.50
N ILE C 169 12.49 0.91 1.83
CA ILE C 169 12.69 1.29 0.44
C ILE C 169 11.62 0.67 -0.46
N ASP C 170 11.36 -0.62 -0.25
CA ASP C 170 10.35 -1.31 -1.06
C ASP C 170 8.98 -0.68 -0.95
N ALA C 171 8.70 0.02 0.15
CA ALA C 171 7.44 0.74 0.30
C ALA C 171 7.33 1.94 -0.63
N GLY C 172 8.43 2.36 -1.25
CA GLY C 172 8.39 3.47 -2.18
C GLY C 172 8.64 4.82 -1.58
N ALA C 173 9.44 4.91 -0.51
CA ALA C 173 9.61 6.17 0.19
C ALA C 173 10.62 7.08 -0.49
N LEU C 174 11.68 6.53 -1.07
CA LEU C 174 12.79 7.34 -1.54
C LEU C 174 12.38 8.53 -2.40
N PRO C 175 11.53 8.38 -3.41
CA PRO C 175 11.14 9.55 -4.23
C PRO C 175 10.48 10.65 -3.41
N ALA C 176 9.64 10.27 -2.44
CA ALA C 176 9.00 11.29 -1.60
C ALA C 176 10.03 12.08 -0.81
N LEU C 177 11.03 11.40 -0.24
CA LEU C 177 12.05 12.11 0.52
C LEU C 177 12.90 12.99 -0.40
N VAL C 178 13.25 12.48 -1.58
CA VAL C 178 14.01 13.30 -2.52
C VAL C 178 13.22 14.55 -2.89
N GLN C 179 11.90 14.41 -3.03
CA GLN C 179 11.06 15.57 -3.28
C GLN C 179 11.11 16.53 -2.11
N LEU C 180 11.00 16.01 -0.88
CA LEU C 180 11.02 16.86 0.30
C LEU C 180 12.36 17.57 0.45
N LEU C 181 13.42 17.02 -0.12
CA LEU C 181 14.74 17.66 -0.01
C LEU C 181 14.74 19.09 -0.53
N SER C 182 13.80 19.45 -1.40
CA SER C 182 13.70 20.81 -1.92
C SER C 182 12.59 21.59 -1.24
N SER C 183 12.18 21.19 -0.02
CA SER C 183 11.08 21.84 0.68
C SER C 183 11.55 23.16 1.30
N PRO C 184 10.69 24.18 1.29
CA PRO C 184 11.02 25.45 1.97
C PRO C 184 10.76 25.42 3.46
N ASN C 185 10.30 24.30 4.01
CA ASN C 185 10.09 24.14 5.43
C ASN C 185 11.34 23.54 6.06
N GLU C 186 12.07 24.35 6.84
CA GLU C 186 13.35 23.90 7.38
C GLU C 186 13.18 22.68 8.29
N GLN C 187 12.05 22.60 9.01
CA GLN C 187 11.83 21.49 9.93
C GLN C 187 11.57 20.19 9.19
N ILE C 188 10.74 20.25 8.15
CA ILE C 188 10.53 19.06 7.34
C ILE C 188 11.82 18.66 6.62
N LEU C 189 12.63 19.64 6.21
CA LEU C 189 13.90 19.33 5.58
C LEU C 189 14.82 18.58 6.55
N GLN C 190 14.92 19.07 7.79
CA GLN C 190 15.72 18.39 8.80
C GLN C 190 15.25 16.95 9.00
N LEU C 191 13.95 16.75 9.14
CA LEU C 191 13.47 15.38 9.38
C LEU C 191 13.67 14.49 8.15
N ALA C 192 13.54 15.03 6.95
CA ALA C 192 13.82 14.25 5.74
C ALA C 192 15.28 13.86 5.67
N LEU C 193 16.18 14.78 6.02
CA LEU C 193 17.60 14.46 6.04
C LEU C 193 17.91 13.38 7.08
N TRP C 194 17.24 13.43 8.24
CA TRP C 194 17.38 12.35 9.22
C TRP C 194 17.00 11.01 8.59
N ALA C 195 15.83 10.95 7.96
CA ALA C 195 15.38 9.69 7.37
C ALA C 195 16.36 9.19 6.31
N LEU C 196 16.86 10.10 5.46
CA LEU C 196 17.80 9.69 4.43
C LEU C 196 19.12 9.20 5.04
N SER C 197 19.62 9.88 6.07
CA SER C 197 20.84 9.42 6.74
C SER C 197 20.65 8.02 7.29
N ASN C 198 19.53 7.77 7.97
CA ASN C 198 19.31 6.43 8.51
C ASN C 198 19.17 5.39 7.41
N ILE C 199 18.60 5.76 6.27
CA ILE C 199 18.52 4.82 5.16
C ILE C 199 19.91 4.48 4.64
N ALA C 200 20.76 5.49 4.46
CA ALA C 200 22.10 5.28 3.95
C ALA C 200 23.05 4.67 4.98
N SER C 201 22.57 4.40 6.19
CA SER C 201 23.39 3.71 7.18
C SER C 201 23.39 2.20 7.00
N GLY C 202 22.76 1.70 5.95
CA GLY C 202 22.66 0.28 5.68
C GLY C 202 23.72 -0.23 4.73
N GLY C 203 23.38 -1.28 3.99
CA GLY C 203 24.30 -1.88 3.04
C GLY C 203 24.46 -1.06 1.77
N ASN C 204 25.37 -1.53 0.91
CA ASN C 204 25.63 -0.84 -0.35
C ASN C 204 24.41 -0.85 -1.26
N GLU C 205 23.55 -1.86 -1.16
CA GLU C 205 22.36 -1.88 -2.00
C GLU C 205 21.41 -0.74 -1.65
N GLN C 206 21.22 -0.47 -0.36
CA GLN C 206 20.37 0.65 0.03
C GLN C 206 21.00 1.98 -0.35
N ILE C 207 22.32 2.11 -0.19
CA ILE C 207 22.99 3.35 -0.58
C ILE C 207 22.84 3.59 -2.07
N GLN C 208 23.00 2.53 -2.87
CA GLN C 208 22.80 2.66 -4.30
C GLN C 208 21.35 2.99 -4.65
N ALA C 209 20.39 2.46 -3.88
CA ALA C 209 19.00 2.83 -4.11
C ALA C 209 18.78 4.31 -3.86
N VAL C 210 19.34 4.83 -2.75
CA VAL C 210 19.22 6.25 -2.46
C VAL C 210 19.85 7.08 -3.57
N ILE C 211 21.00 6.65 -4.06
CA ILE C 211 21.65 7.37 -5.15
C ILE C 211 20.78 7.36 -6.39
N ASP C 212 20.20 6.21 -6.71
CA ASP C 212 19.34 6.10 -7.88
C ASP C 212 18.12 7.00 -7.76
N ALA C 213 17.66 7.25 -6.53
CA ALA C 213 16.51 8.12 -6.33
C ALA C 213 16.79 9.57 -6.70
N GLY C 214 18.06 9.92 -6.92
CA GLY C 214 18.41 11.27 -7.32
C GLY C 214 18.66 12.24 -6.18
N ALA C 215 19.18 11.76 -5.06
CA ALA C 215 19.36 12.60 -3.87
C ALA C 215 20.66 13.40 -3.90
N LEU C 216 21.73 12.84 -4.48
CA LEU C 216 23.04 13.47 -4.36
C LEU C 216 23.08 14.92 -4.84
N PRO C 217 22.47 15.29 -5.95
CA PRO C 217 22.48 16.72 -6.33
C PRO C 217 21.88 17.62 -5.26
N ALA C 218 20.76 17.19 -4.66
CA ALA C 218 20.15 17.99 -3.61
C ALA C 218 21.10 18.18 -2.44
N LEU C 219 21.77 17.11 -2.01
CA LEU C 219 22.68 17.23 -0.87
C LEU C 219 23.89 18.09 -1.21
N VAL C 220 24.44 17.92 -2.42
CA VAL C 220 25.57 18.75 -2.83
C VAL C 220 25.16 20.21 -2.87
N GLN C 221 23.91 20.51 -3.24
CA GLN C 221 23.43 21.88 -3.19
C GLN C 221 23.30 22.37 -1.75
N LEU C 222 22.72 21.55 -0.88
CA LEU C 222 22.58 21.95 0.52
C LEU C 222 23.93 22.15 1.18
N LEU C 223 24.98 21.57 0.64
CA LEU C 223 26.32 21.80 1.16
C LEU C 223 26.66 23.28 1.26
N SER C 224 25.97 24.14 0.51
CA SER C 224 26.24 25.57 0.53
C SER C 224 25.22 26.35 1.34
N SER C 225 24.45 25.68 2.17
CA SER C 225 23.45 26.37 2.95
C SER C 225 24.09 27.07 4.15
N PRO C 226 23.63 28.27 4.49
CA PRO C 226 24.09 28.93 5.72
C PRO C 226 23.36 28.48 6.98
N ASN C 227 22.47 27.50 6.88
CA ASN C 227 21.73 27.01 8.04
C ASN C 227 22.49 25.83 8.62
N GLU C 228 23.16 26.07 9.76
CA GLU C 228 24.09 25.10 10.34
C GLU C 228 23.42 23.76 10.66
N GLN C 229 22.13 23.78 11.03
CA GLN C 229 21.46 22.53 11.39
C GLN C 229 21.27 21.63 10.17
N ILE C 230 20.66 22.17 9.11
CA ILE C 230 20.52 21.40 7.88
C ILE C 230 21.89 21.06 7.30
N LEU C 231 22.88 21.94 7.52
CA LEU C 231 24.23 21.65 7.04
C LEU C 231 24.80 20.41 7.72
N GLN C 232 24.71 20.35 9.05
CA GLN C 232 25.17 19.17 9.78
C GLN C 232 24.44 17.93 9.30
N GLU C 233 23.12 18.05 9.08
CA GLU C 233 22.36 16.89 8.66
C GLU C 233 22.79 16.42 7.26
N ALA C 234 23.02 17.35 6.35
CA ALA C 234 23.48 16.99 5.01
C ALA C 234 24.85 16.34 5.07
N LEU C 235 25.73 16.81 5.96
CA LEU C 235 27.02 16.16 6.11
C LEU C 235 26.87 14.74 6.65
N TRP C 236 25.98 14.54 7.63
CA TRP C 236 25.69 13.19 8.10
C TRP C 236 25.30 12.30 6.93
N ALA C 237 24.35 12.78 6.12
CA ALA C 237 23.86 11.97 5.01
C ALA C 237 24.96 11.66 4.01
N LEU C 238 25.76 12.66 3.65
CA LEU C 238 26.81 12.43 2.66
C LEU C 238 27.87 11.47 3.19
N SER C 239 28.24 11.60 4.47
N SER C 239 28.24 11.60 4.47
CA SER C 239 29.19 10.66 5.06
CA SER C 239 29.18 10.66 5.07
C SER C 239 28.65 9.23 5.01
C SER C 239 28.65 9.24 5.00
N ASN C 240 27.40 9.04 5.42
CA ASN C 240 26.81 7.71 5.37
C ASN C 240 26.74 7.18 3.95
N ILE C 241 26.53 8.07 2.97
CA ILE C 241 26.50 7.62 1.58
C ILE C 241 27.90 7.19 1.14
N ALA C 242 28.92 7.95 1.52
CA ALA C 242 30.29 7.65 1.15
C ALA C 242 30.90 6.55 2.01
N SER C 243 30.14 5.99 2.94
CA SER C 243 30.61 4.87 3.73
C SER C 243 30.39 3.53 3.03
N GLY C 244 29.96 3.55 1.77
CA GLY C 244 29.63 2.35 1.04
C GLY C 244 30.75 1.85 0.16
N GLY C 245 30.37 1.20 -0.94
CA GLY C 245 31.34 0.65 -1.85
C GLY C 245 31.94 1.71 -2.75
N ASN C 246 32.91 1.30 -3.56
CA ASN C 246 33.61 2.24 -4.42
C ASN C 246 32.67 2.90 -5.42
N GLU C 247 31.67 2.16 -5.92
CA GLU C 247 30.73 2.74 -6.86
C GLU C 247 29.96 3.90 -6.22
N GLN C 248 29.56 3.74 -4.95
CA GLN C 248 28.81 4.81 -4.28
C GLN C 248 29.68 6.04 -4.06
N ILE C 249 30.92 5.84 -3.57
CA ILE C 249 31.81 6.97 -3.36
C ILE C 249 32.11 7.68 -4.68
N GLN C 250 32.28 6.89 -5.76
CA GLN C 250 32.55 7.49 -7.06
C GLN C 250 31.35 8.28 -7.57
N ALA C 251 30.14 7.78 -7.34
CA ALA C 251 28.96 8.54 -7.71
C ALA C 251 28.89 9.84 -6.92
N VAL C 252 29.22 9.80 -5.63
CA VAL C 252 29.26 11.02 -4.83
C VAL C 252 30.26 12.00 -5.41
N ILE C 253 31.44 11.51 -5.79
CA ILE C 253 32.49 12.38 -6.35
C ILE C 253 32.02 12.99 -7.66
N ASP C 254 31.35 12.21 -8.49
CA ASP C 254 30.85 12.74 -9.76
C ASP C 254 29.88 13.89 -9.53
N ALA C 255 29.17 13.88 -8.40
CA ALA C 255 28.24 14.95 -8.07
C ALA C 255 28.92 16.25 -7.67
N GLY C 256 30.24 16.25 -7.49
CA GLY C 256 30.96 17.46 -7.16
C GLY C 256 30.99 17.81 -5.70
N ALA C 257 31.02 16.83 -4.81
CA ALA C 257 31.01 17.11 -3.38
C ALA C 257 32.40 17.49 -2.87
N LEU C 258 33.45 16.98 -3.50
CA LEU C 258 34.80 17.15 -2.96
C LEU C 258 35.21 18.60 -2.81
N PRO C 259 35.06 19.46 -3.83
CA PRO C 259 35.45 20.87 -3.65
C PRO C 259 34.69 21.55 -2.52
N ALA C 260 33.37 21.34 -2.45
CA ALA C 260 32.58 21.95 -1.39
C ALA C 260 33.04 21.49 -0.01
N LEU C 261 33.34 20.19 0.14
CA LEU C 261 33.79 19.68 1.43
C LEU C 261 35.17 20.23 1.81
N VAL C 262 36.10 20.23 0.86
CA VAL C 262 37.43 20.76 1.16
C VAL C 262 37.33 22.24 1.53
N GLN C 263 36.39 22.97 0.90
CA GLN C 263 36.19 24.37 1.28
C GLN C 263 35.61 24.47 2.68
N LEU C 264 34.62 23.63 3.00
CA LEU C 264 34.05 23.61 4.34
C LEU C 264 35.11 23.29 5.39
N LEU C 265 36.22 22.70 4.95
CA LEU C 265 37.35 22.46 5.84
C LEU C 265 37.88 23.75 6.47
N SER C 266 37.57 24.91 5.89
CA SER C 266 38.08 26.18 6.40
C SER C 266 37.09 26.89 7.32
N SER C 267 36.03 26.19 7.79
CA SER C 267 35.05 26.81 8.66
C SER C 267 35.59 26.96 10.07
N PRO C 268 35.12 27.96 10.82
CA PRO C 268 35.50 28.11 12.24
C PRO C 268 34.66 27.31 13.21
N ASN C 269 33.64 26.61 12.74
CA ASN C 269 32.80 25.78 13.58
C ASN C 269 33.41 24.39 13.68
N GLU C 270 33.87 24.02 14.88
CA GLU C 270 34.60 22.76 15.02
C GLU C 270 33.75 21.56 14.63
N GLN C 271 32.45 21.61 14.86
CA GLN C 271 31.59 20.50 14.48
C GLN C 271 31.60 20.31 12.97
N ILE C 272 31.44 21.40 12.21
CA ILE C 272 31.47 21.28 10.77
C ILE C 272 32.85 20.84 10.29
N LEU C 273 33.91 21.26 10.98
CA LEU C 273 35.25 20.85 10.61
C LEU C 273 35.41 19.34 10.73
N GLN C 274 35.06 18.79 11.91
CA GLN C 274 35.18 17.35 12.11
C GLN C 274 34.27 16.58 11.16
N GLU C 275 33.08 17.13 10.86
CA GLU C 275 32.18 16.42 9.95
C GLU C 275 32.73 16.39 8.52
N ALA C 276 33.35 17.49 8.08
CA ALA C 276 33.96 17.49 6.76
C ALA C 276 35.15 16.54 6.71
N LEU C 277 35.93 16.48 7.79
CA LEU C 277 37.00 15.48 7.86
C LEU C 277 36.42 14.07 7.80
N TRP C 278 35.30 13.84 8.48
CA TRP C 278 34.64 12.55 8.44
C TRP C 278 34.31 12.17 7.00
N ALA C 279 33.67 13.11 6.29
CA ALA C 279 33.26 12.86 4.90
C ALA C 279 34.46 12.58 4.01
N LEU C 280 35.49 13.42 4.10
CA LEU C 280 36.66 13.25 3.26
C LEU C 280 37.40 11.96 3.62
N SER C 281 37.41 11.58 4.90
CA SER C 281 38.02 10.33 5.33
C SER C 281 37.31 9.14 4.71
N ASN C 282 35.97 9.13 4.76
CA ASN C 282 35.22 8.04 4.13
C ASN C 282 35.44 8.01 2.62
N ILE C 283 35.58 9.18 2.01
CA ILE C 283 35.78 9.24 0.56
C ILE C 283 37.14 8.66 0.19
N ALA C 284 38.20 9.05 0.92
CA ALA C 284 39.53 8.53 0.62
C ALA C 284 39.73 7.10 1.07
N SER C 285 38.74 6.49 1.72
CA SER C 285 38.84 5.12 2.18
C SER C 285 38.46 4.19 1.03
N GLY C 286 39.47 3.59 0.39
CA GLY C 286 39.22 2.65 -0.68
C GLY C 286 40.13 2.73 -1.89
N GLY C 287 39.52 2.93 -3.07
CA GLY C 287 40.27 2.85 -4.31
C GLY C 287 41.23 4.00 -4.48
N ASN C 288 42.33 3.73 -5.19
CA ASN C 288 43.28 4.79 -5.52
C ASN C 288 42.62 5.89 -6.34
N GLU C 289 41.58 5.55 -7.10
CA GLU C 289 40.85 6.57 -7.86
C GLU C 289 40.22 7.60 -6.93
N GLN C 290 39.54 7.13 -5.88
CA GLN C 290 38.88 8.06 -4.95
C GLN C 290 39.91 8.85 -4.17
N LYS C 291 40.99 8.21 -3.72
CA LYS C 291 42.07 8.94 -3.05
C LYS C 291 42.64 10.01 -3.97
N GLN C 292 42.81 9.68 -5.25
CA GLN C 292 43.35 10.65 -6.20
C GLN C 292 42.41 11.83 -6.38
N ALA C 293 41.10 11.57 -6.46
CA ALA C 293 40.15 12.68 -6.55
C ALA C 293 40.21 13.57 -5.31
N VAL C 294 40.26 12.95 -4.12
CA VAL C 294 40.30 13.74 -2.89
C VAL C 294 41.55 14.59 -2.83
N LYS C 295 42.70 14.01 -3.18
CA LYS C 295 43.95 14.77 -3.19
C LYS C 295 43.91 15.90 -4.22
N GLU C 296 43.42 15.61 -5.42
CA GLU C 296 43.35 16.63 -6.46
C GLU C 296 42.34 17.72 -6.15
N ALA C 297 41.48 17.52 -5.14
CA ALA C 297 40.60 18.60 -4.71
C ALA C 297 41.29 19.57 -3.75
N GLY C 298 42.58 19.38 -3.48
CA GLY C 298 43.33 20.27 -2.61
C GLY C 298 43.13 20.02 -1.14
N ALA C 299 42.85 18.77 -0.75
CA ALA C 299 42.59 18.40 0.63
C ALA C 299 43.85 18.11 1.44
N LEU C 300 44.84 17.46 0.82
CA LEU C 300 46.01 16.96 1.56
C LEU C 300 46.71 18.05 2.35
N GLU C 301 46.88 19.24 1.77
CA GLU C 301 47.53 20.33 2.49
C GLU C 301 46.76 20.67 3.76
N LYS C 302 45.44 20.86 3.65
CA LYS C 302 44.64 21.24 4.80
C LYS C 302 44.62 20.13 5.85
N LEU C 303 44.61 18.86 5.42
CA LEU C 303 44.62 17.76 6.38
C LEU C 303 45.95 17.70 7.13
N GLU C 304 47.08 17.88 6.43
CA GLU C 304 48.37 17.93 7.12
C GLU C 304 48.46 19.13 8.06
N GLN C 305 47.86 20.26 7.67
CA GLN C 305 47.88 21.45 8.50
C GLN C 305 47.02 21.31 9.75
N LEU C 306 45.90 20.60 9.66
CA LEU C 306 44.95 20.47 10.78
C LEU C 306 45.53 19.71 11.96
N GLN C 307 46.77 19.24 11.88
CA GLN C 307 47.46 18.65 13.03
C GLN C 307 47.77 19.69 14.11
N SER C 308 47.59 20.97 13.83
CA SER C 308 47.81 22.02 14.83
C SER C 308 46.53 22.51 15.50
N HIS C 309 45.36 22.03 15.07
CA HIS C 309 44.11 22.46 15.71
C HIS C 309 44.13 22.10 17.19
N GLU C 310 43.65 23.02 18.03
CA GLU C 310 43.75 22.81 19.47
C GLU C 310 42.87 21.66 19.95
N ASN C 311 41.69 21.51 19.35
CA ASN C 311 40.79 20.42 19.73
C ASN C 311 41.36 19.08 19.26
N GLU C 312 41.16 18.05 20.09
CA GLU C 312 41.81 16.76 19.84
C GLU C 312 41.02 15.89 18.87
N LYS C 313 39.69 15.99 18.87
CA LYS C 313 38.91 15.15 17.98
C LYS C 313 39.21 15.46 16.51
N ILE C 314 39.37 16.75 16.18
CA ILE C 314 39.74 17.11 14.82
C ILE C 314 41.13 16.58 14.50
N GLN C 315 42.04 16.63 15.47
CA GLN C 315 43.38 16.09 15.27
C GLN C 315 43.32 14.60 14.93
N LYS C 316 42.60 13.83 15.76
CA LYS C 316 42.52 12.38 15.57
C LYS C 316 41.88 12.04 14.23
N GLU C 317 40.78 12.70 13.88
CA GLU C 317 40.10 12.35 12.64
C GLU C 317 40.89 12.81 11.41
N ALA C 318 41.58 13.96 11.49
CA ALA C 318 42.40 14.39 10.37
C ALA C 318 43.58 13.44 10.16
N GLN C 319 44.22 13.00 11.25
CA GLN C 319 45.31 12.05 11.10
C GLN C 319 44.81 10.71 10.59
N GLU C 320 43.63 10.28 11.03
CA GLU C 320 43.07 9.03 10.53
C GLU C 320 42.77 9.13 9.03
N ALA C 321 42.21 10.26 8.60
CA ALA C 321 41.95 10.45 7.18
C ALA C 321 43.25 10.49 6.38
N LEU C 322 44.29 11.11 6.94
CA LEU C 322 45.59 11.14 6.26
C LEU C 322 46.15 9.73 6.11
N GLU C 323 46.08 8.93 7.18
CA GLU C 323 46.53 7.55 7.09
C GLU C 323 45.74 6.80 6.02
N LYS C 324 44.42 7.00 5.99
CA LYS C 324 43.63 6.40 4.90
C LYS C 324 44.04 6.99 3.56
N LEU C 325 44.45 8.25 3.55
CA LEU C 325 44.85 8.94 2.32
C LEU C 325 46.21 8.45 1.85
N LYS C 335 29.56 4.15 9.40
CA LYS C 335 28.14 4.43 9.32
C LYS C 335 27.58 4.77 10.70
N ARG C 336 26.57 5.65 10.72
CA ARG C 336 26.01 6.16 11.97
C ARG C 336 24.48 6.16 11.88
N LYS C 337 23.82 5.64 12.90
CA LYS C 337 22.37 5.61 12.99
C LYS C 337 21.90 6.50 14.14
N ARG C 338 20.66 6.95 14.04
CA ARG C 338 20.07 7.85 15.03
C ARG C 338 18.62 7.45 15.30
N LYS C 339 18.25 7.43 16.58
CA LYS C 339 16.90 7.09 17.00
C LYS C 339 16.22 8.32 17.58
N LEU C 340 14.93 8.49 17.28
CA LEU C 340 14.12 9.57 17.82
C LEU C 340 13.14 8.99 18.83
N LYS C 341 13.25 9.42 20.08
CA LYS C 341 12.34 9.00 21.14
C LYS C 341 11.86 10.24 21.89
N PHE C 342 10.55 10.41 21.99
CA PHE C 342 9.98 11.59 22.63
C PHE C 342 9.02 11.15 23.72
N LYS C 343 9.20 11.69 24.92
CA LYS C 343 8.34 11.45 26.07
C LYS C 343 7.42 12.65 26.28
N ARG C 344 6.65 12.61 27.35
CA ARG C 344 5.63 13.62 27.66
C ARG C 344 5.03 13.32 29.03
N SER D 4 28.47 26.62 42.36
CA SER D 4 29.22 25.41 42.04
C SER D 4 29.18 25.13 40.54
N GLU D 5 28.11 24.48 40.10
CA GLU D 5 28.00 24.10 38.69
C GLU D 5 27.35 25.17 37.83
N LEU D 6 26.57 26.07 38.41
CA LEU D 6 25.84 27.07 37.64
C LEU D 6 26.72 28.22 37.19
N PRO D 7 27.55 28.79 38.07
CA PRO D 7 28.38 29.94 37.66
C PRO D 7 29.30 29.64 36.49
N GLN D 8 30.02 28.52 36.53
CA GLN D 8 30.89 28.17 35.42
C GLN D 8 30.09 27.96 34.14
N MET D 9 28.90 27.36 34.24
CA MET D 9 28.08 27.20 33.04
C MET D 9 27.71 28.55 32.46
N VAL D 10 27.35 29.50 33.31
CA VAL D 10 27.03 30.85 32.82
C VAL D 10 28.25 31.45 32.15
N GLN D 11 29.44 31.20 32.72
CA GLN D 11 30.66 31.70 32.08
C GLN D 11 30.87 31.04 30.73
N GLN D 12 30.57 29.74 30.63
CA GLN D 12 30.73 29.04 29.36
C GLN D 12 29.73 29.50 28.32
N LEU D 13 28.61 30.09 28.75
CA LEU D 13 27.63 30.57 27.79
C LEU D 13 28.18 31.68 26.91
N ASN D 14 29.13 32.47 27.42
CA ASN D 14 29.73 33.54 26.65
C ASN D 14 31.08 33.15 26.03
N SER D 15 31.45 31.87 26.11
CA SER D 15 32.73 31.42 25.60
C SER D 15 32.76 31.50 24.08
N PRO D 16 33.94 31.74 23.50
CA PRO D 16 34.03 31.80 22.03
C PRO D 16 33.89 30.45 21.36
N ASP D 17 34.30 29.37 22.03
CA ASP D 17 34.20 28.04 21.44
C ASP D 17 32.73 27.66 21.25
N GLN D 18 32.44 27.10 20.08
CA GLN D 18 31.06 26.81 19.72
C GLN D 18 30.56 25.51 20.37
N GLN D 19 31.43 24.51 20.45
CA GLN D 19 31.02 23.20 20.96
C GLN D 19 30.66 23.27 22.44
N GLU D 20 31.53 23.88 23.25
CA GLU D 20 31.24 23.98 24.67
C GLU D 20 30.04 24.87 24.92
N LEU D 21 29.86 25.91 24.11
CA LEU D 21 28.67 26.76 24.24
C LEU D 21 27.40 25.96 24.00
N GLN D 22 27.39 25.13 22.96
CA GLN D 22 26.21 24.32 22.68
C GLN D 22 25.98 23.29 23.79
N SER D 23 27.05 22.69 24.30
CA SER D 23 26.90 21.74 25.41
C SER D 23 26.33 22.44 26.65
N ALA D 24 26.84 23.62 26.97
CA ALA D 24 26.32 24.37 28.11
C ALA D 24 24.84 24.69 27.94
N LEU D 25 24.45 25.11 26.72
CA LEU D 25 23.03 25.41 26.51
C LEU D 25 22.17 24.16 26.72
N ARG D 26 22.61 23.01 26.21
CA ARG D 26 21.81 21.80 26.39
C ARG D 26 21.72 21.41 27.86
N LYS D 27 22.84 21.46 28.58
CA LYS D 27 22.82 21.13 30.00
C LYS D 27 21.91 22.07 30.78
N LEU D 28 21.97 23.36 30.48
CA LEU D 28 21.08 24.31 31.15
C LEU D 28 19.63 24.02 30.84
N SER D 29 19.33 23.68 29.57
CA SER D 29 17.96 23.33 29.21
C SER D 29 17.49 22.15 30.04
N GLN D 30 18.35 21.14 30.22
CA GLN D 30 17.96 19.97 31.01
C GLN D 30 17.82 20.32 32.49
N ILE D 31 18.57 21.31 32.98
CA ILE D 31 18.42 21.71 34.37
C ILE D 31 17.09 22.44 34.57
N ALA D 32 16.76 23.35 33.66
CA ALA D 32 15.52 24.11 33.75
C ALA D 32 14.29 23.26 33.46
N SER D 33 14.47 22.05 32.93
CA SER D 33 13.39 21.11 32.67
C SER D 33 12.93 20.35 33.90
N GLY D 34 13.27 20.80 35.10
CA GLY D 34 12.89 20.07 36.30
C GLY D 34 11.83 20.76 37.14
N GLY D 35 12.27 21.42 38.21
CA GLY D 35 11.36 22.00 39.17
C GLY D 35 11.60 23.49 39.30
N ASN D 36 10.53 24.22 39.64
CA ASN D 36 10.62 25.67 39.72
C ASN D 36 11.76 26.11 40.65
N GLU D 37 12.04 25.32 41.68
CA GLU D 37 13.20 25.61 42.52
C GLU D 37 14.48 25.59 41.70
N GLN D 38 14.62 24.62 40.81
CA GLN D 38 15.80 24.54 39.95
C GLN D 38 15.84 25.67 38.95
N ILE D 39 14.72 26.01 38.33
CA ILE D 39 14.69 27.14 37.40
C ILE D 39 15.09 28.43 38.11
N GLN D 40 14.63 28.60 39.35
CA GLN D 40 15.03 29.78 40.12
C GLN D 40 16.52 29.74 40.45
N ALA D 41 17.06 28.55 40.73
CA ALA D 41 18.50 28.44 40.96
C ALA D 41 19.26 28.88 39.71
N VAL D 42 18.74 28.53 38.54
CA VAL D 42 19.34 29.02 37.30
C VAL D 42 19.22 30.54 37.22
N ILE D 43 18.04 31.07 37.56
CA ILE D 43 17.78 32.51 37.41
C ILE D 43 18.73 33.32 38.27
N ASP D 44 18.79 33.04 39.57
CA ASP D 44 19.68 33.80 40.44
C ASP D 44 21.14 33.64 40.01
N ALA D 45 21.47 32.54 39.32
CA ALA D 45 22.80 32.35 38.78
C ALA D 45 23.15 33.38 37.70
N GLY D 46 22.17 34.12 37.21
CA GLY D 46 22.43 35.16 36.22
C GLY D 46 22.52 34.67 34.79
N ALA D 47 21.72 33.69 34.42
CA ALA D 47 21.82 33.11 33.09
C ALA D 47 21.00 33.86 32.05
N LEU D 48 19.92 34.52 32.46
CA LEU D 48 18.99 35.08 31.49
C LEU D 48 19.63 36.07 30.52
N PRO D 49 20.50 36.99 30.95
CA PRO D 49 21.11 37.90 29.98
C PRO D 49 21.86 37.19 28.88
N ALA D 50 22.60 36.13 29.20
CA ALA D 50 23.32 35.39 28.18
C ALA D 50 22.36 34.77 27.17
N LEU D 51 21.22 34.25 27.63
CA LEU D 51 20.24 33.67 26.71
C LEU D 51 19.64 34.75 25.80
N VAL D 52 19.30 35.91 26.38
CA VAL D 52 18.75 36.98 25.57
C VAL D 52 19.75 37.46 24.54
N GLN D 53 21.05 37.41 24.88
CA GLN D 53 22.08 37.77 23.91
C GLN D 53 22.23 36.69 22.84
N LEU D 54 22.14 35.42 23.25
CA LEU D 54 22.21 34.31 22.30
C LEU D 54 21.04 34.33 21.33
N LEU D 55 19.95 34.99 21.70
CA LEU D 55 18.82 35.13 20.77
C LEU D 55 19.20 35.87 19.49
N SER D 56 20.35 36.53 19.44
CA SER D 56 20.82 37.23 18.25
C SER D 56 21.93 36.48 17.53
N SER D 57 22.04 35.16 17.76
CA SER D 57 23.12 34.40 17.15
C SER D 57 22.81 34.11 15.69
N PRO D 58 23.84 34.08 14.85
CA PRO D 58 23.65 33.68 13.44
C PRO D 58 23.60 32.17 13.26
N ASN D 59 23.89 31.42 14.30
CA ASN D 59 23.89 29.96 14.23
C ASN D 59 22.49 29.44 14.54
N GLU D 60 21.90 28.72 13.59
CA GLU D 60 20.54 28.21 13.81
C GLU D 60 20.52 27.20 14.94
N GLN D 61 21.58 26.41 15.10
CA GLN D 61 21.64 25.44 16.19
C GLN D 61 21.66 26.13 17.54
N ILE D 62 22.56 27.10 17.72
CA ILE D 62 22.65 27.80 18.99
C ILE D 62 21.41 28.63 19.24
N LEU D 63 20.86 29.24 18.18
CA LEU D 63 19.64 30.02 18.34
C LEU D 63 18.47 29.13 18.79
N GLN D 64 18.29 27.99 18.12
CA GLN D 64 17.21 27.10 18.49
C GLN D 64 17.39 26.58 19.91
N GLU D 65 18.62 26.25 20.31
CA GLU D 65 18.85 25.75 21.67
C GLU D 65 18.58 26.85 22.69
N ALA D 66 18.93 28.09 22.38
CA ALA D 66 18.64 29.18 23.29
C ALA D 66 17.14 29.38 23.43
N LEU D 67 16.39 29.19 22.33
CA LEU D 67 14.93 29.24 22.43
C LEU D 67 14.39 28.12 23.30
N TRP D 68 14.89 26.91 23.10
N TRP D 68 14.89 26.89 23.11
CA TRP D 68 14.57 25.78 23.98
CA TRP D 68 14.51 25.79 24.00
C TRP D 68 14.72 26.18 25.45
C TRP D 68 14.71 26.20 25.46
N ALA D 69 15.88 26.76 25.78
CA ALA D 69 16.17 27.12 27.16
C ALA D 69 15.27 28.23 27.67
N LEU D 70 15.03 29.27 26.87
CA LEU D 70 14.17 30.35 27.34
C LEU D 70 12.76 29.85 27.59
N SER D 71 12.22 29.04 26.67
CA SER D 71 10.90 28.47 26.88
C SER D 71 10.87 27.65 28.17
N ASN D 72 11.89 26.82 28.41
CA ASN D 72 11.90 26.01 29.61
C ASN D 72 11.93 26.86 30.88
N ILE D 73 12.72 27.95 30.87
CA ILE D 73 12.69 28.83 32.04
C ILE D 73 11.33 29.47 32.20
N ALA D 74 10.72 29.88 31.08
CA ALA D 74 9.41 30.52 31.10
C ALA D 74 8.28 29.53 31.27
N SER D 75 8.61 28.27 31.61
CA SER D 75 7.62 27.26 31.91
C SER D 75 7.48 27.02 33.41
N GLY D 76 7.88 27.99 34.23
CA GLY D 76 7.81 27.83 35.67
C GLY D 76 6.85 28.79 36.33
N GLY D 77 7.17 29.20 37.55
CA GLY D 77 6.32 30.13 38.29
C GLY D 77 6.27 31.50 37.64
N ASN D 78 5.34 32.32 38.12
CA ASN D 78 5.18 33.66 37.55
C ASN D 78 6.38 34.55 37.85
N GLU D 79 7.07 34.31 38.97
CA GLU D 79 8.27 35.11 39.25
C GLU D 79 9.37 34.83 38.24
N GLN D 80 9.50 33.57 37.79
CA GLN D 80 10.49 33.27 36.76
C GLN D 80 10.11 33.88 35.42
N ILE D 81 8.82 33.84 35.07
CA ILE D 81 8.39 34.47 33.83
C ILE D 81 8.64 35.96 33.87
N GLN D 82 8.41 36.59 35.04
CA GLN D 82 8.71 38.01 35.14
C GLN D 82 10.22 38.28 35.06
N ALA D 83 11.04 37.37 35.58
CA ALA D 83 12.48 37.52 35.39
C ALA D 83 12.85 37.44 33.91
N VAL D 84 12.25 36.49 33.18
CA VAL D 84 12.48 36.41 31.74
C VAL D 84 12.04 37.70 31.06
N ILE D 85 10.88 38.24 31.45
CA ILE D 85 10.39 39.47 30.86
C ILE D 85 11.37 40.60 31.10
N ASP D 86 11.90 40.69 32.32
CA ASP D 86 12.90 41.69 32.66
C ASP D 86 14.19 41.50 31.87
N ALA D 87 14.46 40.28 31.41
CA ALA D 87 15.63 40.01 30.59
C ALA D 87 15.56 40.63 29.21
N GLY D 88 14.38 41.10 28.78
CA GLY D 88 14.27 41.76 27.49
C GLY D 88 14.08 40.85 26.30
N ALA D 89 13.45 39.69 26.48
CA ALA D 89 13.31 38.72 25.41
C ALA D 89 12.08 38.96 24.54
N LEU D 90 11.22 39.91 24.90
CA LEU D 90 9.96 40.04 24.16
C LEU D 90 10.16 40.63 22.78
N PRO D 91 10.89 41.74 22.61
CA PRO D 91 11.09 42.25 21.24
C PRO D 91 11.80 41.25 20.36
N ALA D 92 12.79 40.54 20.91
CA ALA D 92 13.45 39.47 20.16
C ALA D 92 12.44 38.42 19.72
N LEU D 93 11.56 38.00 20.62
CA LEU D 93 10.58 36.97 20.27
C LEU D 93 9.63 37.47 19.19
N VAL D 94 9.17 38.71 19.29
CA VAL D 94 8.25 39.23 18.28
C VAL D 94 8.94 39.29 16.93
N GLN D 95 10.16 39.83 16.88
CA GLN D 95 10.89 39.85 15.61
C GLN D 95 11.03 38.43 15.07
N LEU D 96 11.31 37.47 15.95
CA LEU D 96 11.45 36.09 15.51
C LEU D 96 10.14 35.55 14.96
N LEU D 97 9.01 36.02 15.48
CA LEU D 97 7.71 35.68 14.90
C LEU D 97 7.65 36.06 13.43
N SER D 98 8.33 37.14 13.05
CA SER D 98 8.44 37.54 11.64
C SER D 98 9.62 36.85 10.97
N SER D 99 9.63 35.52 11.01
CA SER D 99 10.75 34.77 10.48
C SER D 99 10.29 33.72 9.47
N PRO D 100 11.03 33.54 8.37
CA PRO D 100 10.68 32.51 7.38
C PRO D 100 11.16 31.12 7.74
N ASN D 101 11.94 30.96 8.81
CA ASN D 101 12.41 29.66 9.24
C ASN D 101 11.35 29.03 10.15
N GLU D 102 10.69 27.98 9.65
CA GLU D 102 9.60 27.38 10.40
C GLU D 102 10.06 26.84 11.74
N GLN D 103 11.33 26.42 11.84
CA GLN D 103 11.85 25.91 13.11
C GLN D 103 11.98 27.02 14.14
N ILE D 104 12.63 28.12 13.77
CA ILE D 104 12.76 29.25 14.68
C ILE D 104 11.39 29.83 15.01
N LEU D 105 10.50 29.92 14.02
CA LEU D 105 9.17 30.45 14.27
C LEU D 105 8.40 29.58 15.25
N GLN D 106 8.44 28.26 15.03
CA GLN D 106 7.75 27.34 15.93
C GLN D 106 8.30 27.45 17.35
N GLU D 107 9.62 27.54 17.49
CA GLU D 107 10.21 27.63 18.82
C GLU D 107 9.88 28.95 19.50
N ALA D 108 9.91 30.06 18.74
CA ALA D 108 9.58 31.36 19.33
C ALA D 108 8.12 31.45 19.74
N LEU D 109 7.21 30.89 18.92
CA LEU D 109 5.82 30.85 19.33
C LEU D 109 5.65 30.01 20.59
N TRP D 110 6.35 28.88 20.65
CA TRP D 110 6.33 28.04 21.85
C TRP D 110 6.71 28.86 23.08
N ALA D 111 7.85 29.57 22.99
CA ALA D 111 8.33 30.37 24.11
C ALA D 111 7.35 31.46 24.50
N LEU D 112 6.79 32.18 23.51
CA LEU D 112 5.83 33.24 23.82
C LEU D 112 4.58 32.68 24.47
N ARG D 113 4.08 31.55 23.97
CA ARG D 113 2.91 30.91 24.55
C ARG D 113 3.17 30.61 26.02
N ASN D 114 4.33 30.05 26.33
CA ASN D 114 4.64 29.77 27.74
C ASN D 114 4.79 31.05 28.54
N ILE D 115 5.31 32.12 27.92
CA ILE D 115 5.43 33.39 28.64
C ILE D 115 4.05 33.95 28.98
N ALA D 116 3.11 33.85 28.05
CA ALA D 116 1.77 34.40 28.20
C ALA D 116 0.85 33.54 29.04
N SER D 117 1.38 32.58 29.80
CA SER D 117 0.57 31.79 30.70
C SER D 117 0.65 32.26 32.15
N GLY D 118 1.21 33.44 32.39
CA GLY D 118 1.41 33.92 33.74
C GLY D 118 0.35 34.91 34.17
N GLY D 119 0.74 35.82 35.06
CA GLY D 119 -0.17 36.82 35.55
C GLY D 119 -0.51 37.85 34.49
N ASN D 120 -1.54 38.64 34.79
CA ASN D 120 -2.01 39.64 33.83
C ASN D 120 -0.91 40.63 33.48
N GLU D 121 0.06 40.84 34.38
CA GLU D 121 1.18 41.72 34.05
C GLU D 121 1.99 41.16 32.90
N GLN D 122 2.24 39.86 32.90
CA GLN D 122 3.02 39.26 31.81
C GLN D 122 2.26 39.28 30.50
N ILE D 123 0.96 38.97 30.54
CA ILE D 123 0.16 39.05 29.32
C ILE D 123 0.13 40.48 28.80
N GLN D 124 0.04 41.45 29.70
CA GLN D 124 0.05 42.84 29.28
C GLN D 124 1.40 43.22 28.68
N ALA D 125 2.49 42.69 29.22
CA ALA D 125 3.80 42.94 28.65
C ALA D 125 3.90 42.36 27.23
N VAL D 126 3.36 41.16 27.05
CA VAL D 126 3.32 40.57 25.71
C VAL D 126 2.53 41.45 24.76
N ILE D 127 1.38 41.95 25.22
CA ILE D 127 0.55 42.79 24.37
C ILE D 127 1.29 44.07 24.00
N ASP D 128 1.89 44.73 24.99
CA ASP D 128 2.61 45.97 24.72
C ASP D 128 3.79 45.74 23.79
N ALA D 129 4.37 44.54 23.81
CA ALA D 129 5.50 44.21 22.93
C ALA D 129 5.10 44.15 21.46
N GLY D 130 3.81 44.17 21.14
CA GLY D 130 3.36 44.20 19.77
C GLY D 130 3.16 42.84 19.14
N ALA D 131 2.81 41.83 19.92
CA ALA D 131 2.70 40.47 19.39
C ALA D 131 1.38 40.25 18.65
N LEU D 132 0.30 40.87 19.13
CA LEU D 132 -1.05 40.51 18.68
C LEU D 132 -1.24 40.52 17.18
N PRO D 133 -0.82 41.56 16.45
CA PRO D 133 -1.04 41.55 14.98
C PRO D 133 -0.35 40.36 14.32
N ALA D 134 0.88 40.04 14.76
CA ALA D 134 1.59 38.92 14.19
C ALA D 134 0.82 37.61 14.36
N LEU D 135 0.29 37.38 15.56
CA LEU D 135 -0.44 36.14 15.82
C LEU D 135 -1.76 36.09 15.04
N VAL D 136 -2.50 37.21 15.00
CA VAL D 136 -3.74 37.21 14.23
C VAL D 136 -3.45 36.97 12.76
N GLN D 137 -2.30 37.45 12.27
CA GLN D 137 -1.92 37.20 10.88
C GLN D 137 -1.50 35.75 10.69
N LEU D 138 -0.82 35.17 11.70
CA LEU D 138 -0.42 33.77 11.62
C LEU D 138 -1.62 32.84 11.63
N LEU D 139 -2.77 33.30 12.12
CA LEU D 139 -3.93 32.43 12.07
C LEU D 139 -4.26 31.99 10.64
N SER D 140 -3.79 32.72 9.64
CA SER D 140 -4.03 32.37 8.24
C SER D 140 -2.98 31.44 7.65
N SER D 141 -2.01 31.00 8.46
CA SER D 141 -0.93 30.18 7.93
C SER D 141 -1.47 28.84 7.45
N PRO D 142 -1.00 28.34 6.31
CA PRO D 142 -1.36 26.98 5.88
C PRO D 142 -0.53 25.91 6.58
N ASN D 143 0.41 26.30 7.41
CA ASN D 143 1.24 25.37 8.18
C ASN D 143 0.49 25.04 9.46
N GLU D 144 -0.06 23.83 9.55
CA GLU D 144 -0.89 23.46 10.69
C GLU D 144 -0.13 23.58 12.01
N GLN D 145 1.20 23.46 11.97
CA GLN D 145 1.98 23.56 13.21
C GLN D 145 2.01 24.98 13.71
N ILE D 146 2.37 25.93 12.84
CA ILE D 146 2.33 27.34 13.22
C ILE D 146 0.93 27.74 13.64
N LEU D 147 -0.09 27.24 12.93
CA LEU D 147 -1.46 27.59 13.26
C LEU D 147 -1.82 27.12 14.66
N SER D 148 -1.51 25.87 14.99
CA SER D 148 -1.84 25.35 16.31
C SER D 148 -1.10 26.12 17.39
N SER D 149 0.18 26.44 17.16
CA SER D 149 0.94 27.17 18.18
C SER D 149 0.40 28.58 18.37
N ALA D 150 0.04 29.26 17.29
CA ALA D 150 -0.53 30.60 17.41
C ALA D 150 -1.87 30.56 18.13
N LEU D 151 -2.69 29.54 17.87
CA LEU D 151 -3.94 29.40 18.59
C LEU D 151 -3.71 29.23 20.07
N GLY D 152 -2.74 28.39 20.44
CA GLY D 152 -2.42 28.23 21.85
C GLY D 152 -1.96 29.53 22.50
N ALA D 153 -1.07 30.25 21.80
CA ALA D 153 -0.59 31.53 22.32
C ALA D 153 -1.73 32.50 22.52
N LEU D 154 -2.65 32.57 21.55
CA LEU D 154 -3.78 33.48 21.69
C LEU D 154 -4.69 33.06 22.83
N SER D 155 -4.94 31.75 22.98
CA SER D 155 -5.71 31.28 24.13
C SER D 155 -5.07 31.76 25.43
N ASN D 156 -3.76 31.59 25.56
CA ASN D 156 -3.10 31.99 26.79
C ASN D 156 -3.20 33.49 27.02
N ILE D 157 -3.05 34.28 25.96
CA ILE D 157 -3.17 35.72 26.13
C ILE D 157 -4.59 36.10 26.52
N ALA D 158 -5.59 35.45 25.94
CA ALA D 158 -6.99 35.72 26.23
C ALA D 158 -7.47 35.11 27.53
N SER D 159 -6.62 34.34 28.23
CA SER D 159 -6.96 33.85 29.55
C SER D 159 -6.63 34.85 30.65
N GLY D 160 -6.50 36.13 30.30
CA GLY D 160 -6.14 37.13 31.28
C GLY D 160 -7.31 38.03 31.64
N GLY D 161 -7.03 39.28 31.95
CA GLY D 161 -8.09 40.20 32.30
C GLY D 161 -8.96 40.55 31.11
N ASN D 162 -10.08 41.22 31.41
CA ASN D 162 -11.02 41.63 30.37
C ASN D 162 -10.40 42.64 29.42
N GLU D 163 -9.52 43.51 29.92
CA GLU D 163 -8.86 44.47 29.05
C GLU D 163 -7.97 43.76 28.04
N GLN D 164 -7.28 42.71 28.47
CA GLN D 164 -6.46 41.93 27.54
C GLN D 164 -7.34 41.21 26.52
N ILE D 165 -8.46 40.66 26.96
CA ILE D 165 -9.37 40.00 26.02
C ILE D 165 -9.91 41.00 25.01
N GLN D 166 -10.19 42.22 25.43
CA GLN D 166 -10.62 43.24 24.48
C GLN D 166 -9.50 43.59 23.50
N ALA D 167 -8.26 43.63 23.98
CA ALA D 167 -7.13 43.86 23.08
C ALA D 167 -7.05 42.75 22.04
N VAL D 168 -7.24 41.50 22.47
CA VAL D 168 -7.26 40.36 21.56
C VAL D 168 -8.36 40.51 20.52
N ILE D 169 -9.55 40.92 20.95
CA ILE D 169 -10.66 41.09 20.02
C ILE D 169 -10.35 42.17 19.01
N ASP D 170 -9.79 43.30 19.47
CA ASP D 170 -9.44 44.39 18.56
C ASP D 170 -8.43 43.95 17.52
N ALA D 171 -7.62 42.92 17.81
CA ALA D 171 -6.67 42.39 16.84
C ALA D 171 -7.33 41.72 15.65
N GLY D 172 -8.63 41.42 15.74
CA GLY D 172 -9.34 40.82 14.62
C GLY D 172 -9.34 39.31 14.60
N ALA D 173 -9.31 38.67 15.77
CA ALA D 173 -9.20 37.21 15.82
C ALA D 173 -10.55 36.54 15.61
N LEU D 174 -11.62 37.14 16.14
CA LEU D 174 -12.92 36.49 16.18
C LEU D 174 -13.37 35.93 14.83
N PRO D 175 -13.31 36.66 13.72
CA PRO D 175 -13.74 36.08 12.44
C PRO D 175 -12.92 34.86 12.07
N ALA D 176 -11.60 34.91 12.31
CA ALA D 176 -10.74 33.77 12.01
C ALA D 176 -11.12 32.56 12.85
N LEU D 177 -11.40 32.76 14.15
CA LEU D 177 -11.77 31.64 15.00
C LEU D 177 -13.13 31.06 14.62
N VAL D 178 -14.10 31.93 14.33
CA VAL D 178 -15.41 31.44 13.92
C VAL D 178 -15.30 30.68 12.60
N GLN D 179 -14.42 31.14 11.70
CA GLN D 179 -14.19 30.40 10.46
C GLN D 179 -13.58 29.04 10.76
N LEU D 180 -12.59 29.00 11.66
CA LEU D 180 -11.93 27.74 11.99
C LEU D 180 -12.86 26.75 12.63
N LEU D 181 -13.92 27.22 13.30
CA LEU D 181 -14.85 26.29 13.94
C LEU D 181 -15.46 25.29 12.95
N SER D 182 -15.46 25.60 11.66
CA SER D 182 -16.00 24.70 10.66
C SER D 182 -14.91 23.90 9.95
N SER D 183 -13.72 23.78 10.57
CA SER D 183 -12.60 23.06 10.00
C SER D 183 -12.77 21.56 10.20
N PRO D 184 -12.36 20.74 9.24
CA PRO D 184 -12.39 19.29 9.43
C PRO D 184 -11.22 18.76 10.24
N ASN D 185 -10.34 19.63 10.74
CA ASN D 185 -9.20 19.23 11.54
C ASN D 185 -9.59 19.29 13.01
N GLU D 186 -9.71 18.12 13.65
CA GLU D 186 -10.22 18.06 15.02
C GLU D 186 -9.34 18.82 16.00
N GLN D 187 -8.02 18.81 15.79
CA GLN D 187 -7.14 19.48 16.75
C GLN D 187 -7.22 20.99 16.61
N ILE D 188 -7.23 21.50 15.38
CA ILE D 188 -7.38 22.94 15.20
C ILE D 188 -8.75 23.40 15.67
N LEU D 189 -9.78 22.57 15.46
CA LEU D 189 -11.10 22.91 15.98
C LEU D 189 -11.08 22.97 17.50
N GLN D 190 -10.44 22.00 18.15
CA GLN D 190 -10.31 22.02 19.60
C GLN D 190 -9.63 23.30 20.09
N LEU D 191 -8.53 23.69 19.44
CA LEU D 191 -7.83 24.90 19.88
C LEU D 191 -8.66 26.14 19.61
N ALA D 192 -9.42 26.17 18.52
CA ALA D 192 -10.30 27.31 18.27
C ALA D 192 -11.36 27.40 19.36
N LEU D 193 -11.93 26.25 19.75
CA LEU D 193 -12.91 26.24 20.82
C LEU D 193 -12.29 26.69 22.14
N TRP D 194 -11.05 26.28 22.40
CA TRP D 194 -10.34 26.76 23.58
C TRP D 194 -10.25 28.28 23.58
N ALA D 195 -9.77 28.85 22.48
CA ALA D 195 -9.59 30.30 22.40
C ALA D 195 -10.91 31.02 22.54
N LEU D 196 -11.97 30.54 21.87
CA LEU D 196 -13.26 31.21 21.97
C LEU D 196 -13.83 31.10 23.37
N SER D 197 -13.64 29.96 24.03
N SER D 197 -13.64 29.96 24.03
CA SER D 197 -14.05 29.83 25.43
CA SER D 197 -14.06 29.84 25.42
C SER D 197 -13.36 30.88 26.30
C SER D 197 -13.37 30.88 26.29
N ASN D 198 -12.04 30.97 26.19
CA ASN D 198 -11.32 31.96 26.99
C ASN D 198 -11.74 33.38 26.65
N ILE D 199 -12.09 33.65 25.39
CA ILE D 199 -12.60 34.97 25.04
C ILE D 199 -13.94 35.23 25.71
N ALA D 200 -14.83 34.24 25.66
CA ALA D 200 -16.17 34.36 26.22
C ALA D 200 -16.18 34.26 27.74
N SER D 201 -15.03 34.06 28.36
CA SER D 201 -14.93 34.06 29.82
C SER D 201 -14.77 35.47 30.39
N GLY D 202 -14.85 36.50 29.57
CA GLY D 202 -14.65 37.87 30.01
C GLY D 202 -15.94 38.56 30.38
N GLY D 203 -15.96 39.88 30.17
CA GLY D 203 -17.13 40.66 30.49
C GLY D 203 -18.24 40.44 29.47
N ASN D 204 -19.39 41.04 29.77
CA ASN D 204 -20.54 40.89 28.88
C ASN D 204 -20.27 41.50 27.52
N GLU D 205 -19.46 42.55 27.45
CA GLU D 205 -19.14 43.16 26.16
C GLU D 205 -18.35 42.20 25.28
N GLN D 206 -17.39 41.49 25.88
CA GLN D 206 -16.61 40.51 25.12
C GLN D 206 -17.48 39.33 24.68
N ILE D 207 -18.39 38.89 25.54
CA ILE D 207 -19.29 37.80 25.16
C ILE D 207 -20.18 38.25 24.01
N GLN D 208 -20.67 39.48 24.07
CA GLN D 208 -21.47 40.01 22.95
C GLN D 208 -20.63 40.13 21.69
N ALA D 209 -19.35 40.46 21.82
CA ALA D 209 -18.47 40.53 20.64
C ALA D 209 -18.30 39.16 19.99
N VAL D 210 -18.06 38.12 20.79
CA VAL D 210 -17.96 36.77 20.23
C VAL D 210 -19.28 36.36 19.59
N ILE D 211 -20.40 36.70 20.24
CA ILE D 211 -21.71 36.36 19.67
C ILE D 211 -21.89 37.03 18.32
N ASP D 212 -21.52 38.32 18.22
CA ASP D 212 -21.67 39.04 16.98
C ASP D 212 -20.84 38.42 15.86
N ALA D 213 -19.73 37.78 16.22
CA ALA D 213 -18.88 37.14 15.21
C ALA D 213 -19.56 35.96 14.53
N GLY D 214 -20.71 35.51 15.03
CA GLY D 214 -21.43 34.42 14.40
C GLY D 214 -21.03 33.05 14.90
N ALA D 215 -20.68 32.92 16.17
CA ALA D 215 -20.19 31.65 16.69
C ALA D 215 -21.31 30.72 17.09
N LEU D 216 -22.42 31.26 17.59
CA LEU D 216 -23.45 30.43 18.21
C LEU D 216 -23.96 29.30 17.33
N PRO D 217 -24.23 29.49 16.04
CA PRO D 217 -24.68 28.35 15.23
C PRO D 217 -23.70 27.20 15.22
N ALA D 218 -22.41 27.51 15.10
CA ALA D 218 -21.39 26.46 15.10
C ALA D 218 -21.42 25.66 16.40
N LEU D 219 -21.50 26.35 17.54
CA LEU D 219 -21.48 25.64 18.81
C LEU D 219 -22.75 24.81 19.00
N VAL D 220 -23.91 25.37 18.66
CA VAL D 220 -25.13 24.60 18.79
C VAL D 220 -25.09 23.37 17.89
N GLN D 221 -24.46 23.49 16.72
CA GLN D 221 -24.34 22.32 15.84
C GLN D 221 -23.40 21.28 16.43
N LEU D 222 -22.24 21.72 16.93
CA LEU D 222 -21.28 20.80 17.53
C LEU D 222 -21.87 20.09 18.75
N LEU D 223 -22.89 20.68 19.37
CA LEU D 223 -23.54 20.02 20.50
C LEU D 223 -24.01 18.61 20.15
N SER D 224 -24.25 18.32 18.88
CA SER D 224 -24.67 17.00 18.44
C SER D 224 -23.54 16.20 17.79
N SER D 225 -22.29 16.59 18.04
CA SER D 225 -21.17 15.88 17.46
C SER D 225 -20.96 14.57 18.22
N PRO D 226 -20.57 13.51 17.51
CA PRO D 226 -20.24 12.24 18.19
C PRO D 226 -18.87 12.22 18.84
N ASN D 227 -18.13 13.33 18.83
CA ASN D 227 -16.81 13.39 19.46
C ASN D 227 -16.97 13.95 20.87
N GLU D 228 -16.88 13.08 21.88
CA GLU D 228 -17.16 13.50 23.24
C GLU D 228 -16.25 14.64 23.68
N GLN D 229 -15.02 14.69 23.19
CA GLN D 229 -14.12 15.78 23.59
C GLN D 229 -14.57 17.10 22.99
N ILE D 230 -14.84 17.11 21.68
CA ILE D 230 -15.34 18.33 21.06
C ILE D 230 -16.70 18.72 21.65
N LEU D 231 -17.52 17.74 22.03
CA LEU D 231 -18.78 18.08 22.67
C LEU D 231 -18.55 18.79 24.00
N GLN D 232 -17.65 18.26 24.83
CA GLN D 232 -17.30 18.93 26.07
C GLN D 232 -16.75 20.32 25.81
N GLU D 233 -15.96 20.48 24.75
CA GLU D 233 -15.40 21.81 24.44
C GLU D 233 -16.50 22.79 24.06
N ALA D 234 -17.45 22.33 23.25
CA ALA D 234 -18.57 23.19 22.88
C ALA D 234 -19.43 23.54 24.10
N LEU D 235 -19.60 22.59 25.02
CA LEU D 235 -20.33 22.90 26.24
C LEU D 235 -19.58 23.93 27.09
N TRP D 236 -18.26 23.79 27.16
CA TRP D 236 -17.42 24.79 27.82
C TRP D 236 -17.69 26.19 27.24
N ALA D 237 -17.61 26.29 25.91
CA ALA D 237 -17.79 27.58 25.25
C ALA D 237 -19.19 28.15 25.47
N LEU D 238 -20.22 27.32 25.31
CA LEU D 238 -21.59 27.79 25.49
C LEU D 238 -21.85 28.19 26.93
N SER D 239 -21.26 27.46 27.89
CA SER D 239 -21.42 27.81 29.29
C SER D 239 -20.76 29.15 29.59
N ASN D 240 -19.58 29.39 29.05
CA ASN D 240 -18.92 30.67 29.28
C ASN D 240 -19.65 31.80 28.58
N ILE D 241 -20.28 31.53 27.43
CA ILE D 241 -21.08 32.56 26.77
C ILE D 241 -22.32 32.88 27.59
N ALA D 242 -22.98 31.85 28.11
CA ALA D 242 -24.21 31.99 28.88
C ALA D 242 -23.99 32.43 30.32
N SER D 243 -22.74 32.70 30.71
CA SER D 243 -22.46 33.23 32.03
C SER D 243 -22.55 34.75 32.08
N GLY D 244 -22.99 35.38 30.99
CA GLY D 244 -23.02 36.81 30.87
C GLY D 244 -24.38 37.40 31.19
N GLY D 245 -24.69 38.52 30.52
CA GLY D 245 -25.94 39.22 30.76
C GLY D 245 -27.12 38.58 30.10
N ASN D 246 -28.29 39.16 30.37
CA ASN D 246 -29.55 38.60 29.89
C ASN D 246 -29.60 38.58 28.37
N GLU D 247 -29.04 39.60 27.71
CA GLU D 247 -29.06 39.61 26.25
C GLU D 247 -28.26 38.43 25.68
N GLN D 248 -27.14 38.10 26.31
CA GLN D 248 -26.33 36.98 25.83
C GLN D 248 -27.05 35.65 26.04
N ILE D 249 -27.67 35.47 27.21
CA ILE D 249 -28.43 34.25 27.47
C ILE D 249 -29.58 34.12 26.46
N GLN D 250 -30.24 35.25 26.16
CA GLN D 250 -31.34 35.21 25.21
C GLN D 250 -30.85 34.89 23.80
N ALA D 251 -29.70 35.45 23.39
CA ALA D 251 -29.14 35.13 22.09
C ALA D 251 -28.77 33.65 22.01
N VAL D 252 -28.18 33.11 23.08
CA VAL D 252 -27.88 31.68 23.12
C VAL D 252 -29.16 30.86 22.97
N ILE D 253 -30.22 31.27 23.66
CA ILE D 253 -31.49 30.55 23.57
C ILE D 253 -32.02 30.60 22.15
N ASP D 254 -31.90 31.77 21.50
CA ASP D 254 -32.33 31.92 20.12
C ASP D 254 -31.57 30.97 19.20
N ALA D 255 -30.32 30.66 19.53
CA ALA D 255 -29.52 29.75 18.72
C ALA D 255 -30.01 28.31 18.81
N GLY D 256 -30.95 28.02 19.71
CA GLY D 256 -31.51 26.69 19.82
C GLY D 256 -30.74 25.73 20.70
N ALA D 257 -30.08 26.23 21.75
CA ALA D 257 -29.28 25.35 22.59
C ALA D 257 -30.12 24.57 23.59
N LEU D 258 -31.27 25.11 23.98
CA LEU D 258 -32.03 24.52 25.08
C LEU D 258 -32.42 23.07 24.81
N PRO D 259 -32.98 22.72 23.66
CA PRO D 259 -33.33 21.30 23.44
C PRO D 259 -32.13 20.37 23.52
N ALA D 260 -31.01 20.76 22.89
CA ALA D 260 -29.82 19.93 22.97
C ALA D 260 -29.37 19.75 24.41
N LEU D 261 -29.41 20.82 25.19
CA LEU D 261 -28.98 20.72 26.59
C LEU D 261 -29.93 19.84 27.40
N VAL D 262 -31.23 20.01 27.22
CA VAL D 262 -32.19 19.19 27.97
C VAL D 262 -32.03 17.73 27.61
N GLN D 263 -31.72 17.44 26.34
CA GLN D 263 -31.47 16.05 25.96
C GLN D 263 -30.18 15.52 26.58
N LEU D 264 -29.11 16.31 26.53
CA LEU D 264 -27.85 15.90 27.11
C LEU D 264 -27.94 15.70 28.62
N LEU D 265 -28.93 16.34 29.26
CA LEU D 265 -29.13 16.10 30.68
C LEU D 265 -29.43 14.65 30.98
N SER D 266 -29.97 13.91 29.99
CA SER D 266 -30.29 12.50 30.11
C SER D 266 -29.24 11.62 29.45
N SER D 267 -28.06 12.15 29.17
CA SER D 267 -27.03 11.39 28.47
C SER D 267 -26.40 10.37 29.41
N PRO D 268 -25.88 9.27 28.87
CA PRO D 268 -25.20 8.27 29.71
C PRO D 268 -23.75 8.61 30.02
N ASN D 269 -23.21 9.69 29.45
CA ASN D 269 -21.86 10.14 29.77
C ASN D 269 -21.96 11.11 30.93
N GLU D 270 -21.45 10.71 32.10
CA GLU D 270 -21.63 11.51 33.31
C GLU D 270 -20.94 12.86 33.20
N GLN D 271 -19.79 12.92 32.52
CA GLN D 271 -19.07 14.18 32.40
C GLN D 271 -19.88 15.20 31.61
N ILE D 272 -20.41 14.79 30.46
CA ILE D 272 -21.25 15.69 29.66
C ILE D 272 -22.53 16.04 30.40
N LEU D 273 -23.05 15.11 31.21
CA LEU D 273 -24.24 15.42 32.00
C LEU D 273 -23.97 16.57 32.97
N GLN D 274 -22.88 16.48 33.72
CA GLN D 274 -22.53 17.57 34.63
C GLN D 274 -22.28 18.86 33.87
N GLU D 275 -21.66 18.77 32.69
CA GLU D 275 -21.37 19.99 31.93
C GLU D 275 -22.66 20.63 31.41
N ALA D 276 -23.61 19.83 30.96
CA ALA D 276 -24.90 20.38 30.51
C ALA D 276 -25.66 20.99 31.68
N LEU D 277 -25.61 20.35 32.85
CA LEU D 277 -26.22 20.95 34.04
C LEU D 277 -25.56 22.29 34.37
N TRP D 278 -24.23 22.36 34.26
CA TRP D 278 -23.53 23.63 34.44
C TRP D 278 -24.03 24.69 33.47
N ALA D 279 -24.16 24.33 32.19
CA ALA D 279 -24.62 25.30 31.20
C ALA D 279 -26.00 25.82 31.54
N LEU D 280 -26.93 24.91 31.86
CA LEU D 280 -28.30 25.32 32.16
C LEU D 280 -28.34 26.16 33.45
N SER D 281 -27.50 25.83 34.42
CA SER D 281 -27.42 26.64 35.63
C SER D 281 -26.95 28.05 35.31
N ASN D 282 -25.92 28.18 34.47
CA ASN D 282 -25.46 29.50 34.07
C ASN D 282 -26.54 30.28 33.34
N ILE D 283 -27.37 29.60 32.54
CA ILE D 283 -28.43 30.31 31.85
C ILE D 283 -29.45 30.87 32.84
N ALA D 284 -29.96 30.02 33.72
CA ALA D 284 -30.92 30.45 34.74
C ALA D 284 -30.16 31.13 35.87
N SER D 285 -29.90 32.42 35.69
CA SER D 285 -29.16 33.17 36.70
C SER D 285 -29.58 34.64 36.70
N GLY D 286 -30.89 34.89 36.75
CA GLY D 286 -31.34 36.27 36.81
C GLY D 286 -32.62 36.56 36.05
N GLY D 287 -32.53 36.71 34.73
CA GLY D 287 -33.66 37.15 33.94
C GLY D 287 -34.75 36.10 33.92
N ASN D 288 -35.94 36.46 34.40
CA ASN D 288 -37.06 35.53 34.40
C ASN D 288 -37.46 35.13 32.98
N GLU D 289 -37.21 35.99 31.98
CA GLU D 289 -37.52 35.62 30.60
C GLU D 289 -36.74 34.38 30.19
N GLN D 290 -35.43 34.37 30.46
CA GLN D 290 -34.60 33.23 30.12
C GLN D 290 -34.96 32.01 30.96
N LYS D 291 -35.26 32.23 32.24
CA LYS D 291 -35.69 31.12 33.10
C LYS D 291 -36.94 30.44 32.55
N GLN D 292 -37.93 31.23 32.12
CA GLN D 292 -39.16 30.66 31.59
C GLN D 292 -38.90 29.96 30.25
N ALA D 293 -38.05 30.55 29.41
CA ALA D 293 -37.70 29.91 28.15
C ALA D 293 -37.02 28.57 28.41
N VAL D 294 -36.13 28.51 29.41
CA VAL D 294 -35.48 27.25 29.77
C VAL D 294 -36.52 26.25 30.26
N LYS D 295 -37.48 26.70 31.05
CA LYS D 295 -38.51 25.80 31.56
C LYS D 295 -39.29 25.16 30.41
N GLU D 296 -39.64 25.95 29.40
CA GLU D 296 -40.44 25.38 28.31
C GLU D 296 -39.71 24.30 27.54
N ALA D 297 -38.40 24.12 27.76
CA ALA D 297 -37.68 23.01 27.18
C ALA D 297 -37.80 21.73 28.00
N GLY D 298 -38.58 21.74 29.09
CA GLY D 298 -38.73 20.55 29.89
C GLY D 298 -37.60 20.29 30.85
N ALA D 299 -36.98 21.36 31.39
CA ALA D 299 -35.79 21.17 32.22
C ALA D 299 -36.14 20.78 33.66
N LEU D 300 -37.19 21.37 34.23
CA LEU D 300 -37.52 21.07 35.63
C LEU D 300 -37.71 19.58 35.84
N GLU D 301 -38.39 18.92 34.89
CA GLU D 301 -38.60 17.48 34.99
C GLU D 301 -37.27 16.73 35.07
N LYS D 302 -36.34 17.04 34.16
CA LYS D 302 -35.07 16.33 34.14
C LYS D 302 -34.25 16.61 35.39
N LEU D 303 -34.30 17.84 35.90
CA LEU D 303 -33.57 18.14 37.13
C LEU D 303 -34.17 17.41 38.33
N GLU D 304 -35.50 17.36 38.41
CA GLU D 304 -36.14 16.62 39.50
C GLU D 304 -35.78 15.15 39.43
N GLN D 305 -35.69 14.59 38.23
CA GLN D 305 -35.32 13.18 38.12
C GLN D 305 -33.85 12.96 38.46
N LEU D 306 -32.96 13.85 38.00
CA LEU D 306 -31.54 13.72 38.26
C LEU D 306 -31.15 14.08 39.69
N GLN D 307 -32.10 14.55 40.49
CA GLN D 307 -31.81 14.69 41.92
C GLN D 307 -31.62 13.35 42.63
N SER D 308 -31.96 12.24 41.98
CA SER D 308 -31.74 10.91 42.53
C SER D 308 -30.47 10.26 41.99
N HIS D 309 -29.77 10.91 41.05
CA HIS D 309 -28.54 10.35 40.51
C HIS D 309 -27.57 10.09 41.65
N GLU D 310 -26.84 8.97 41.56
CA GLU D 310 -25.99 8.55 42.68
C GLU D 310 -24.87 9.52 42.97
N ASN D 311 -24.33 10.18 41.94
CA ASN D 311 -23.24 11.12 42.13
C ASN D 311 -23.68 12.34 42.92
N GLU D 312 -22.78 12.85 43.77
CA GLU D 312 -23.10 13.93 44.70
C GLU D 312 -22.96 15.30 44.06
N LYS D 313 -22.00 15.46 43.14
CA LYS D 313 -21.81 16.75 42.48
C LYS D 313 -23.03 17.13 41.67
N ILE D 314 -23.67 16.14 41.03
CA ILE D 314 -24.89 16.42 40.28
C ILE D 314 -26.00 16.87 41.22
N GLN D 315 -26.08 16.27 42.42
CA GLN D 315 -27.05 16.74 43.40
C GLN D 315 -26.80 18.20 43.74
N LYS D 316 -25.54 18.55 44.04
CA LYS D 316 -25.25 19.93 44.42
C LYS D 316 -25.68 20.89 43.31
N GLU D 317 -25.32 20.55 42.06
CA GLU D 317 -25.59 21.47 40.96
C GLU D 317 -27.08 21.58 40.66
N ALA D 318 -27.82 20.46 40.73
CA ALA D 318 -29.25 20.51 40.47
C ALA D 318 -30.00 21.26 41.57
N GLN D 319 -29.63 21.03 42.83
CA GLN D 319 -30.30 21.72 43.92
C GLN D 319 -30.05 23.22 43.86
N GLU D 320 -28.82 23.62 43.47
CA GLU D 320 -28.56 25.05 43.31
C GLU D 320 -29.36 25.64 42.15
N ALA D 321 -29.41 24.90 41.03
CA ALA D 321 -30.11 25.41 39.85
C ALA D 321 -31.61 25.57 40.08
N LEU D 322 -32.22 24.67 40.84
CA LEU D 322 -33.66 24.80 41.08
C LEU D 322 -33.98 26.09 41.82
N GLU D 323 -33.27 26.36 42.92
CA GLU D 323 -33.50 27.61 43.65
C GLU D 323 -33.21 28.84 42.78
N LYS D 324 -32.17 28.77 41.94
CA LYS D 324 -31.88 29.93 41.10
C LYS D 324 -33.06 30.30 40.20
N LEU D 325 -33.90 29.33 39.83
CA LEU D 325 -35.04 29.61 38.96
C LEU D 325 -36.18 30.35 39.68
N SER D 333 -23.81 32.71 36.79
CA SER D 333 -22.99 33.78 36.24
C SER D 333 -21.51 33.57 36.57
N GLY D 334 -21.07 32.32 36.46
CA GLY D 334 -19.69 31.94 36.77
C GLY D 334 -18.90 31.66 35.51
N LYS D 335 -17.61 31.97 35.56
CA LYS D 335 -16.74 31.98 34.39
C LYS D 335 -15.55 31.06 34.62
N ARG D 336 -15.05 30.46 33.54
CA ARG D 336 -13.98 29.46 33.64
C ARG D 336 -12.89 29.73 32.61
N LYS D 337 -11.65 29.78 33.08
CA LYS D 337 -10.48 29.98 32.23
C LYS D 337 -9.55 28.77 32.29
N ARG D 338 -8.72 28.64 31.25
CA ARG D 338 -7.75 27.55 31.13
C ARG D 338 -6.44 28.08 30.55
N LYS D 339 -5.32 27.72 31.16
CA LYS D 339 -4.00 28.11 30.69
C LYS D 339 -3.21 26.89 30.26
N LEU D 340 -2.43 27.05 29.19
CA LEU D 340 -1.59 25.98 28.65
C LEU D 340 -0.12 26.27 28.93
N LYS D 341 0.54 25.36 29.64
CA LYS D 341 1.98 25.44 29.92
C LYS D 341 2.60 24.11 29.53
N PHE D 342 3.63 24.16 28.69
CA PHE D 342 4.28 22.96 28.17
C PHE D 342 5.78 23.04 28.40
N LYS D 343 6.36 21.94 28.89
CA LYS D 343 7.80 21.81 29.07
C LYS D 343 8.37 21.03 27.89
N ARG D 344 9.68 20.74 27.94
CA ARG D 344 10.33 20.06 26.82
C ARG D 344 11.83 19.84 27.06
N SER E 4 70.02 0.67 -20.99
CA SER E 4 70.41 1.30 -22.25
C SER E 4 70.06 0.42 -23.45
N GLU E 5 70.74 -0.72 -23.56
CA GLU E 5 70.59 -1.66 -24.67
C GLU E 5 69.54 -2.74 -24.39
N LEU E 6 68.46 -2.37 -23.70
CA LEU E 6 67.39 -3.28 -23.27
C LEU E 6 66.46 -3.70 -24.41
N PRO E 7 66.03 -2.77 -25.27
CA PRO E 7 65.08 -3.14 -26.33
C PRO E 7 65.53 -4.32 -27.20
N GLN E 8 66.78 -4.33 -27.67
CA GLN E 8 67.25 -5.47 -28.44
C GLN E 8 67.23 -6.73 -27.58
N MET E 9 67.53 -6.58 -26.28
CA MET E 9 67.51 -7.73 -25.39
C MET E 9 66.13 -8.37 -25.38
N VAL E 10 65.08 -7.55 -25.37
CA VAL E 10 63.73 -8.11 -25.43
C VAL E 10 63.54 -8.85 -26.74
N GLN E 11 64.15 -8.34 -27.82
CA GLN E 11 64.07 -9.01 -29.11
C GLN E 11 64.67 -10.40 -29.05
N GLN E 12 65.70 -10.58 -28.22
CA GLN E 12 66.32 -11.90 -28.15
C GLN E 12 65.35 -12.99 -27.72
N LEU E 13 64.20 -12.63 -27.14
CA LEU E 13 63.22 -13.63 -26.73
C LEU E 13 62.65 -14.41 -27.92
N ASN E 14 62.67 -13.82 -29.11
CA ASN E 14 62.16 -14.51 -30.30
C ASN E 14 63.27 -15.21 -31.08
N SER E 15 64.49 -15.24 -30.56
CA SER E 15 65.59 -15.89 -31.24
C SER E 15 65.45 -17.41 -31.15
N PRO E 16 65.90 -18.14 -32.17
CA PRO E 16 65.86 -19.60 -32.10
C PRO E 16 66.89 -20.17 -31.13
N ASP E 17 68.01 -19.47 -30.95
CA ASP E 17 69.06 -19.95 -30.05
C ASP E 17 68.55 -19.95 -28.61
N GLN E 18 68.81 -21.05 -27.90
CA GLN E 18 68.30 -21.20 -26.54
C GLN E 18 69.15 -20.44 -25.53
N GLN E 19 70.47 -20.39 -25.72
CA GLN E 19 71.34 -19.76 -24.73
C GLN E 19 71.06 -18.27 -24.61
N GLU E 20 71.02 -17.55 -25.74
CA GLU E 20 70.75 -16.12 -25.65
C GLU E 20 69.33 -15.84 -25.17
N LEU E 21 68.37 -16.69 -25.54
CA LEU E 21 67.01 -16.52 -25.04
C LEU E 21 66.96 -16.68 -23.53
N GLN E 22 67.65 -17.70 -23.00
CA GLN E 22 67.67 -17.92 -21.56
C GLN E 22 68.39 -16.79 -20.84
N SER E 23 69.48 -16.29 -21.43
CA SER E 23 70.18 -15.15 -20.85
C SER E 23 69.28 -13.92 -20.81
N ALA E 24 68.55 -13.68 -21.90
CA ALA E 24 67.61 -12.56 -21.90
C ALA E 24 66.56 -12.71 -20.82
N LEU E 25 66.01 -13.92 -20.66
CA LEU E 25 65.01 -14.13 -19.63
C LEU E 25 65.58 -13.86 -18.24
N ARG E 26 66.80 -14.35 -17.98
CA ARG E 26 67.42 -14.13 -16.68
C ARG E 26 67.69 -12.65 -16.44
N LYS E 27 68.19 -11.95 -17.46
CA LYS E 27 68.46 -10.52 -17.33
C LYS E 27 67.18 -9.75 -17.05
N LEU E 28 66.09 -10.09 -17.75
CA LEU E 28 64.82 -9.42 -17.53
C LEU E 28 64.29 -9.68 -16.13
N SER E 29 64.39 -10.93 -15.66
CA SER E 29 63.97 -11.23 -14.29
C SER E 29 64.79 -10.44 -13.28
N GLN E 30 66.11 -10.36 -13.48
CA GLN E 30 66.95 -9.65 -12.52
C GLN E 30 66.70 -8.15 -12.54
N ILE E 31 66.35 -7.59 -13.70
CA ILE E 31 66.04 -6.16 -13.73
C ILE E 31 64.68 -5.89 -13.08
N ALA E 32 63.69 -6.73 -13.38
CA ALA E 32 62.37 -6.55 -12.79
C ALA E 32 62.35 -6.84 -11.29
N SER E 33 63.39 -7.52 -10.79
CA SER E 33 63.53 -7.80 -9.36
C SER E 33 64.08 -6.61 -8.58
N GLY E 34 64.07 -5.42 -9.16
CA GLY E 34 64.65 -4.27 -8.49
C GLY E 34 63.62 -3.24 -8.09
N GLY E 35 63.48 -2.18 -8.90
CA GLY E 35 62.63 -1.06 -8.56
C GLY E 35 61.54 -0.88 -9.59
N ASN E 36 60.40 -0.34 -9.14
CA ASN E 36 59.26 -0.17 -10.02
C ASN E 36 59.60 0.64 -11.27
N GLU E 37 60.55 1.57 -11.16
CA GLU E 37 61.02 2.29 -12.34
C GLU E 37 61.62 1.33 -13.35
N GLN E 38 62.46 0.40 -12.88
CA GLN E 38 63.08 -0.57 -13.78
C GLN E 38 62.05 -1.54 -14.33
N ILE E 39 61.12 -2.00 -13.50
CA ILE E 39 60.07 -2.90 -13.98
C ILE E 39 59.25 -2.23 -15.08
N GLN E 40 58.94 -0.94 -14.90
CA GLN E 40 58.22 -0.22 -15.95
C GLN E 40 59.04 -0.08 -17.21
N ALA E 41 60.35 0.16 -17.07
CA ALA E 41 61.22 0.22 -18.23
C ALA E 41 61.22 -1.12 -18.97
N VAL E 42 61.21 -2.22 -18.22
CA VAL E 42 61.12 -3.55 -18.83
C VAL E 42 59.81 -3.69 -19.60
N ILE E 43 58.71 -3.22 -19.00
CA ILE E 43 57.41 -3.31 -19.69
C ILE E 43 57.46 -2.57 -21.01
N ASP E 44 57.94 -1.32 -20.99
CA ASP E 44 58.00 -0.50 -22.19
C ASP E 44 58.83 -1.14 -23.30
N ALA E 45 59.77 -2.02 -22.96
CA ALA E 45 60.52 -2.74 -23.98
C ALA E 45 59.64 -3.68 -24.80
N GLY E 46 58.41 -3.92 -24.36
CA GLY E 46 57.49 -4.78 -25.09
C GLY E 46 57.69 -6.25 -24.82
N ALA E 47 58.02 -6.61 -23.58
CA ALA E 47 58.36 -7.98 -23.25
C ALA E 47 57.16 -8.83 -22.87
N LEU E 48 56.10 -8.24 -22.31
CA LEU E 48 55.04 -9.05 -21.74
C LEU E 48 54.44 -10.04 -22.73
N PRO E 49 54.16 -9.69 -23.98
CA PRO E 49 53.60 -10.69 -24.91
C PRO E 49 54.51 -11.90 -25.06
N ALA E 50 55.82 -11.67 -25.14
CA ALA E 50 56.76 -12.79 -25.26
C ALA E 50 56.71 -13.69 -24.05
N LEU E 51 56.59 -13.11 -22.84
CA LEU E 51 56.52 -13.95 -21.64
C LEU E 51 55.21 -14.73 -21.59
N VAL E 52 54.10 -14.09 -21.93
CA VAL E 52 52.83 -14.79 -21.90
C VAL E 52 52.83 -15.92 -22.93
N GLN E 53 53.55 -15.73 -24.03
CA GLN E 53 53.67 -16.79 -25.01
C GLN E 53 54.59 -17.91 -24.51
N LEU E 54 55.68 -17.55 -23.82
CA LEU E 54 56.60 -18.52 -23.26
C LEU E 54 55.96 -19.38 -22.18
N LEU E 55 54.89 -18.89 -21.55
CA LEU E 55 54.21 -19.74 -20.58
C LEU E 55 53.67 -21.02 -21.18
N SER E 56 53.63 -21.14 -22.51
CA SER E 56 53.15 -22.34 -23.18
C SER E 56 54.29 -23.20 -23.72
N SER E 57 55.49 -23.04 -23.17
CA SER E 57 56.64 -23.80 -23.66
C SER E 57 56.67 -25.20 -23.04
N PRO E 58 57.15 -26.19 -23.79
CA PRO E 58 57.30 -27.54 -23.23
C PRO E 58 58.52 -27.70 -22.35
N ASN E 59 59.41 -26.72 -22.32
CA ASN E 59 60.60 -26.80 -21.48
C ASN E 59 60.26 -26.25 -20.11
N GLU E 60 60.42 -27.08 -19.07
CA GLU E 60 60.05 -26.67 -17.73
C GLU E 60 60.96 -25.56 -17.21
N GLN E 61 62.24 -25.58 -17.58
CA GLN E 61 63.16 -24.56 -17.06
C GLN E 61 62.77 -23.17 -17.56
N ILE E 62 62.57 -23.01 -18.86
CA ILE E 62 62.21 -21.69 -19.37
C ILE E 62 60.82 -21.29 -18.90
N LEU E 63 59.91 -22.25 -18.74
CA LEU E 63 58.59 -21.94 -18.19
C LEU E 63 58.71 -21.37 -16.78
N GLN E 64 59.52 -22.03 -15.94
CA GLN E 64 59.72 -21.52 -14.60
C GLN E 64 60.36 -20.13 -14.63
N GLU E 65 61.29 -19.90 -15.57
CA GLU E 65 61.92 -18.59 -15.65
C GLU E 65 60.92 -17.53 -16.07
N ALA E 66 60.03 -17.87 -16.98
CA ALA E 66 58.98 -16.92 -17.38
C ALA E 66 58.05 -16.62 -16.22
N LEU E 67 57.70 -17.64 -15.43
CA LEU E 67 56.88 -17.40 -14.25
C LEU E 67 57.62 -16.53 -13.24
N TRP E 68 58.93 -16.74 -13.09
CA TRP E 68 59.76 -15.87 -12.28
C TRP E 68 59.61 -14.42 -12.73
N ALA E 69 59.82 -14.18 -14.01
CA ALA E 69 59.73 -12.83 -14.55
C ALA E 69 58.34 -12.24 -14.32
N LEU E 70 57.31 -13.05 -14.56
CA LEU E 70 55.94 -12.56 -14.41
C LEU E 70 55.65 -12.18 -12.96
N SER E 71 56.06 -13.03 -12.02
CA SER E 71 55.89 -12.69 -10.60
C SER E 71 56.62 -11.40 -10.26
N ASN E 72 57.85 -11.26 -10.75
CA ASN E 72 58.61 -10.05 -10.45
C ASN E 72 57.91 -8.82 -10.97
N ILE E 73 57.34 -8.89 -12.18
CA ILE E 73 56.58 -7.75 -12.69
C ILE E 73 55.34 -7.52 -11.84
N ALA E 74 54.66 -8.60 -11.44
CA ALA E 74 53.44 -8.50 -10.67
C ALA E 74 53.71 -8.20 -9.20
N SER E 75 54.96 -7.88 -8.84
CA SER E 75 55.28 -7.44 -7.49
C SER E 75 55.48 -5.93 -7.41
N GLY E 76 54.92 -5.18 -8.35
CA GLY E 76 55.08 -3.74 -8.38
C GLY E 76 53.79 -2.97 -8.23
N GLY E 77 53.70 -1.82 -8.88
CA GLY E 77 52.51 -0.99 -8.81
C GLY E 77 51.29 -1.63 -9.46
N ASN E 78 50.13 -1.04 -9.18
CA ASN E 78 48.88 -1.59 -9.70
C ASN E 78 48.76 -1.44 -11.21
N GLU E 79 49.31 -0.37 -11.77
CA GLU E 79 49.25 -0.21 -13.23
C GLU E 79 50.10 -1.25 -13.93
N GLN E 80 51.24 -1.63 -13.33
CA GLN E 80 52.05 -2.69 -13.92
C GLN E 80 51.34 -4.03 -13.87
N ILE E 81 50.64 -4.32 -12.77
CA ILE E 81 49.85 -5.54 -12.68
C ILE E 81 48.76 -5.52 -13.74
N GLN E 82 48.16 -4.35 -13.97
CA GLN E 82 47.15 -4.26 -15.02
C GLN E 82 47.77 -4.47 -16.41
N ALA E 83 49.01 -4.03 -16.60
CA ALA E 83 49.71 -4.30 -17.85
C ALA E 83 49.91 -5.80 -18.03
N VAL E 84 50.30 -6.49 -16.95
CA VAL E 84 50.44 -7.94 -16.99
C VAL E 84 49.12 -8.59 -17.37
N ILE E 85 48.02 -8.11 -16.78
CA ILE E 85 46.71 -8.70 -17.06
C ILE E 85 46.31 -8.45 -18.51
N ASP E 86 46.55 -7.24 -19.01
CA ASP E 86 46.24 -6.93 -20.40
C ASP E 86 47.04 -7.80 -21.36
N ALA E 87 48.18 -8.33 -20.93
CA ALA E 87 48.94 -9.28 -21.73
C ALA E 87 48.23 -10.62 -21.87
N GLY E 88 47.19 -10.87 -21.06
CA GLY E 88 46.43 -12.09 -21.17
C GLY E 88 46.99 -13.28 -20.43
N ALA E 89 47.72 -13.04 -19.34
CA ALA E 89 48.40 -14.11 -18.63
C ALA E 89 47.50 -14.83 -17.65
N LEU E 90 46.28 -14.37 -17.46
CA LEU E 90 45.43 -14.93 -16.41
C LEU E 90 44.93 -16.32 -16.78
N PRO E 91 44.36 -16.54 -17.97
CA PRO E 91 43.94 -17.91 -18.32
C PRO E 91 45.10 -18.89 -18.34
N ALA E 92 46.26 -18.45 -18.85
CA ALA E 92 47.45 -19.27 -18.80
C ALA E 92 47.79 -19.66 -17.36
N LEU E 93 47.74 -18.70 -16.44
CA LEU E 93 48.05 -18.97 -15.04
C LEU E 93 47.04 -19.96 -14.46
N VAL E 94 45.76 -19.80 -14.81
CA VAL E 94 44.74 -20.72 -14.30
C VAL E 94 45.01 -22.13 -14.80
N GLN E 95 45.28 -22.26 -16.10
CA GLN E 95 45.61 -23.59 -16.64
C GLN E 95 46.82 -24.19 -15.93
N LEU E 96 47.84 -23.37 -15.65
CA LEU E 96 48.99 -23.88 -14.91
C LEU E 96 48.58 -24.30 -13.50
N LEU E 97 47.57 -23.65 -12.93
CA LEU E 97 47.04 -24.14 -11.66
C LEU E 97 46.61 -25.59 -11.77
N SER E 98 46.13 -25.99 -12.95
CA SER E 98 45.79 -27.38 -13.24
C SER E 98 47.01 -28.14 -13.76
N SER E 99 48.08 -28.13 -12.97
CA SER E 99 49.33 -28.75 -13.40
C SER E 99 49.83 -29.76 -12.37
N PRO E 100 50.36 -30.90 -12.82
CA PRO E 100 50.89 -31.90 -11.89
C PRO E 100 52.28 -31.61 -11.38
N ASN E 101 52.94 -30.56 -11.88
CA ASN E 101 54.26 -30.18 -11.41
C ASN E 101 54.11 -29.22 -10.23
N GLU E 102 54.48 -29.68 -9.03
CA GLU E 102 54.29 -28.87 -7.83
C GLU E 102 55.09 -27.58 -7.91
N GLN E 103 56.20 -27.57 -8.64
CA GLN E 103 57.01 -26.36 -8.75
C GLN E 103 56.29 -25.32 -9.59
N ILE E 104 55.80 -25.72 -10.77
CA ILE E 104 55.00 -24.81 -11.59
C ILE E 104 53.74 -24.37 -10.87
N LEU E 105 53.12 -25.28 -10.12
CA LEU E 105 51.92 -24.93 -9.37
C LEU E 105 52.21 -23.84 -8.35
N GLN E 106 53.29 -24.01 -7.58
CA GLN E 106 53.65 -23.00 -6.59
C GLN E 106 53.97 -21.66 -7.27
N GLU E 107 54.69 -21.68 -8.39
CA GLU E 107 55.03 -20.44 -9.07
C GLU E 107 53.78 -19.74 -9.62
N ALA E 108 52.85 -20.53 -10.17
CA ALA E 108 51.61 -19.96 -10.69
C ALA E 108 50.76 -19.38 -9.57
N LEU E 109 50.69 -20.06 -8.43
CA LEU E 109 49.96 -19.50 -7.29
C LEU E 109 50.61 -18.21 -6.83
N TRP E 110 51.94 -18.17 -6.76
CA TRP E 110 52.65 -16.93 -6.44
C TRP E 110 52.23 -15.80 -7.36
N ALA E 111 52.28 -16.06 -8.67
CA ALA E 111 51.93 -15.03 -9.63
C ALA E 111 50.49 -14.57 -9.47
N LEU E 112 49.56 -15.52 -9.29
CA LEU E 112 48.16 -15.16 -9.16
C LEU E 112 47.93 -14.33 -7.90
N ARG E 113 48.51 -14.74 -6.77
CA ARG E 113 48.36 -14.00 -5.53
C ARG E 113 48.89 -12.58 -5.67
N ASN E 114 50.08 -12.43 -6.26
CA ASN E 114 50.63 -11.09 -6.42
C ASN E 114 49.78 -10.25 -7.37
N ILE E 115 49.19 -10.85 -8.40
CA ILE E 115 48.31 -10.10 -9.27
C ILE E 115 47.07 -9.67 -8.51
N ALA E 116 46.53 -10.56 -7.68
CA ALA E 116 45.34 -10.29 -6.89
C ALA E 116 45.66 -9.49 -5.63
N SER E 117 46.86 -8.94 -5.52
CA SER E 117 47.20 -8.07 -4.41
C SER E 117 47.06 -6.59 -4.79
N GLY E 118 46.41 -6.29 -5.90
CA GLY E 118 46.24 -4.94 -6.38
C GLY E 118 44.85 -4.38 -6.09
N GLY E 119 44.40 -3.49 -6.95
CA GLY E 119 43.10 -2.89 -6.80
C GLY E 119 41.98 -3.86 -7.11
N ASN E 120 40.76 -3.46 -6.72
CA ASN E 120 39.59 -4.31 -6.93
C ASN E 120 39.36 -4.62 -8.40
N GLU E 121 39.77 -3.74 -9.30
CA GLU E 121 39.65 -4.05 -10.72
C GLU E 121 40.50 -5.27 -11.08
N GLN E 122 41.71 -5.35 -10.52
CA GLN E 122 42.57 -6.50 -10.79
C GLN E 122 42.00 -7.77 -10.16
N ILE E 123 41.46 -7.67 -8.95
CA ILE E 123 40.84 -8.85 -8.34
C ILE E 123 39.68 -9.33 -9.20
N GLN E 124 38.90 -8.40 -9.73
CA GLN E 124 37.80 -8.82 -10.60
C GLN E 124 38.32 -9.46 -11.88
N ALA E 125 39.43 -8.97 -12.41
CA ALA E 125 40.01 -9.58 -13.61
C ALA E 125 40.46 -11.01 -13.33
N VAL E 126 41.09 -11.22 -12.17
CA VAL E 126 41.47 -12.57 -11.74
C VAL E 126 40.24 -13.46 -11.62
N ILE E 127 39.17 -12.92 -11.02
CA ILE E 127 37.95 -13.69 -10.82
C ILE E 127 37.36 -14.12 -12.15
N ASP E 128 37.29 -13.19 -13.11
CA ASP E 128 36.72 -13.51 -14.42
C ASP E 128 37.51 -14.60 -15.12
N ALA E 129 38.81 -14.72 -14.81
CA ALA E 129 39.66 -15.76 -15.37
C ALA E 129 39.31 -17.15 -14.84
N GLY E 130 38.47 -17.25 -13.81
CA GLY E 130 38.06 -18.53 -13.29
C GLY E 130 38.92 -19.07 -12.17
N ALA E 131 39.51 -18.20 -11.35
CA ALA E 131 40.46 -18.65 -10.35
C ALA E 131 39.78 -19.28 -9.15
N LEU E 132 38.64 -18.72 -8.72
CA LEU E 132 38.06 -19.09 -7.43
C LEU E 132 37.79 -20.59 -7.30
N PRO E 133 37.13 -21.26 -8.25
CA PRO E 133 36.90 -22.70 -8.08
C PRO E 133 38.20 -23.49 -7.99
N ALA E 134 39.18 -23.15 -8.83
CA ALA E 134 40.46 -23.84 -8.76
C ALA E 134 41.10 -23.69 -7.38
N LEU E 135 41.09 -22.47 -6.83
CA LEU E 135 41.70 -22.25 -5.52
C LEU E 135 40.92 -22.95 -4.41
N VAL E 136 39.59 -22.88 -4.45
CA VAL E 136 38.80 -23.56 -3.43
C VAL E 136 39.02 -25.06 -3.49
N GLN E 137 39.26 -25.59 -4.70
CA GLN E 137 39.54 -27.02 -4.84
C GLN E 137 40.94 -27.35 -4.32
N LEU E 138 41.91 -26.46 -4.54
CA LEU E 138 43.26 -26.67 -4.01
C LEU E 138 43.30 -26.57 -2.50
N LEU E 139 42.31 -25.91 -1.89
CA LEU E 139 42.30 -25.84 -0.43
C LEU E 139 42.30 -27.21 0.23
N SER E 140 41.91 -28.26 -0.49
CA SER E 140 41.95 -29.60 0.05
C SER E 140 43.28 -30.30 -0.19
N SER E 141 44.27 -29.60 -0.75
CA SER E 141 45.56 -30.21 -1.06
C SER E 141 46.26 -30.65 0.22
N PRO E 142 46.91 -31.81 0.21
CA PRO E 142 47.74 -32.21 1.35
C PRO E 142 49.11 -31.56 1.37
N ASN E 143 49.47 -30.80 0.34
CA ASN E 143 50.77 -30.13 0.29
C ASN E 143 50.65 -28.79 0.98
N GLU E 144 51.29 -28.67 2.14
CA GLU E 144 51.15 -27.46 2.95
C GLU E 144 51.56 -26.22 2.17
N GLN E 145 52.47 -26.38 1.21
CA GLN E 145 52.92 -25.22 0.43
C GLN E 145 51.82 -24.74 -0.51
N ILE E 146 51.24 -25.65 -1.30
CA ILE E 146 50.11 -25.28 -2.13
C ILE E 146 48.98 -24.72 -1.28
N LEU E 147 48.76 -25.33 -0.11
CA LEU E 147 47.68 -24.87 0.76
C LEU E 147 47.91 -23.42 1.18
N SER E 148 49.11 -23.11 1.66
CA SER E 148 49.40 -21.74 2.11
C SER E 148 49.32 -20.76 0.94
N SER E 149 49.82 -21.14 -0.23
CA SER E 149 49.76 -20.21 -1.36
C SER E 149 48.33 -19.96 -1.80
N ALA E 150 47.49 -21.01 -1.85
CA ALA E 150 46.11 -20.82 -2.22
C ALA E 150 45.36 -20.00 -1.17
N LEU E 151 45.67 -20.21 0.11
CA LEU E 151 45.04 -19.40 1.14
C LEU E 151 45.42 -17.94 0.98
N GLY E 152 46.69 -17.65 0.72
CA GLY E 152 47.11 -16.28 0.50
C GLY E 152 46.39 -15.66 -0.69
N ALA E 153 46.31 -16.40 -1.79
CA ALA E 153 45.61 -15.90 -2.96
C ALA E 153 44.15 -15.60 -2.65
N LEU E 154 43.49 -16.51 -1.92
CA LEU E 154 42.08 -16.30 -1.58
C LEU E 154 41.92 -15.09 -0.67
N SER E 155 42.83 -14.91 0.28
N SER E 155 42.84 -14.91 0.27
CA SER E 155 42.80 -13.73 1.14
CA SER E 155 42.78 -13.72 1.13
C SER E 155 42.89 -12.46 0.31
C SER E 155 42.90 -12.44 0.31
N ASN E 156 43.86 -12.41 -0.61
CA ASN E 156 44.00 -11.25 -1.48
C ASN E 156 42.73 -11.01 -2.30
N ILE E 157 42.10 -12.09 -2.78
CA ILE E 157 40.86 -11.91 -3.54
C ILE E 157 39.77 -11.35 -2.64
N ALA E 158 39.71 -11.81 -1.39
CA ALA E 158 38.69 -11.36 -0.46
C ALA E 158 39.01 -10.01 0.17
N SER E 159 40.17 -9.43 -0.14
CA SER E 159 40.50 -8.09 0.34
C SER E 159 39.96 -6.99 -0.58
N GLY E 160 38.98 -7.30 -1.42
CA GLY E 160 38.46 -6.32 -2.36
C GLY E 160 37.08 -5.81 -1.99
N GLY E 161 36.27 -5.48 -2.99
CA GLY E 161 34.94 -4.99 -2.73
C GLY E 161 34.03 -6.09 -2.20
N ASN E 162 32.85 -5.67 -1.74
CA ASN E 162 31.90 -6.64 -1.21
C ASN E 162 31.45 -7.63 -2.28
N GLU E 163 31.34 -7.20 -3.54
CA GLU E 163 30.95 -8.13 -4.58
C GLU E 163 32.00 -9.22 -4.78
N GLN E 164 33.28 -8.86 -4.68
CA GLN E 164 34.34 -9.85 -4.80
C GLN E 164 34.34 -10.81 -3.60
N ILE E 165 34.10 -10.29 -2.40
CA ILE E 165 34.01 -11.15 -1.22
C ILE E 165 32.84 -12.11 -1.35
N GLN E 166 31.72 -11.63 -1.90
CA GLN E 166 30.59 -12.50 -2.15
C GLN E 166 30.91 -13.55 -3.21
N ALA E 167 31.71 -13.17 -4.21
CA ALA E 167 32.15 -14.15 -5.19
C ALA E 167 33.00 -15.23 -4.52
N VAL E 168 33.89 -14.83 -3.61
CA VAL E 168 34.68 -15.80 -2.86
C VAL E 168 33.77 -16.74 -2.08
N ILE E 169 32.75 -16.18 -1.43
CA ILE E 169 31.82 -17.00 -0.65
C ILE E 169 31.07 -17.97 -1.56
N ASP E 170 30.57 -17.47 -2.69
CA ASP E 170 29.82 -18.31 -3.61
C ASP E 170 30.66 -19.47 -4.12
N ALA E 171 31.99 -19.33 -4.12
CA ALA E 171 32.86 -20.43 -4.50
C ALA E 171 32.86 -21.57 -3.50
N GLY E 172 32.34 -21.35 -2.29
CA GLY E 172 32.25 -22.40 -1.30
C GLY E 172 33.46 -22.52 -0.39
N ALA E 173 34.13 -21.41 -0.10
CA ALA E 173 35.37 -21.47 0.66
C ALA E 173 35.12 -21.57 2.16
N LEU E 174 34.06 -20.92 2.65
CA LEU E 174 33.86 -20.79 4.10
C LEU E 174 34.00 -22.11 4.86
N PRO E 175 33.36 -23.21 4.45
CA PRO E 175 33.52 -24.46 5.21
C PRO E 175 34.97 -24.91 5.32
N ALA E 176 35.74 -24.76 4.25
CA ALA E 176 37.15 -25.14 4.31
C ALA E 176 37.89 -24.30 5.35
N LEU E 177 37.62 -23.00 5.39
CA LEU E 177 38.29 -22.13 6.35
C LEU E 177 37.89 -22.45 7.79
N VAL E 178 36.60 -22.71 8.03
CA VAL E 178 36.18 -23.08 9.38
C VAL E 178 36.81 -24.40 9.78
N GLN E 179 36.96 -25.33 8.83
CA GLN E 179 37.64 -26.59 9.12
C GLN E 179 39.10 -26.35 9.48
N LEU E 180 39.79 -25.51 8.70
CA LEU E 180 41.19 -25.20 8.95
C LEU E 180 41.39 -24.44 10.25
N LEU E 181 40.35 -23.77 10.77
CA LEU E 181 40.50 -23.03 12.00
C LEU E 181 41.00 -23.89 13.16
N SER E 182 40.79 -25.21 13.10
CA SER E 182 41.23 -26.12 14.14
C SER E 182 42.50 -26.90 13.75
N SER E 183 43.28 -26.39 12.81
CA SER E 183 44.46 -27.11 12.34
C SER E 183 45.62 -26.94 13.34
N PRO E 184 46.44 -27.98 13.53
CA PRO E 184 47.62 -27.86 14.39
C PRO E 184 48.82 -27.20 13.71
N ASN E 185 48.67 -26.78 12.46
CA ASN E 185 49.74 -26.08 11.73
C ASN E 185 49.53 -24.58 11.92
N GLU E 186 50.41 -23.95 12.72
CA GLU E 186 50.21 -22.54 13.06
C GLU E 186 50.23 -21.64 11.83
N GLN E 187 51.01 -21.98 10.81
CA GLN E 187 51.13 -21.10 9.66
C GLN E 187 49.86 -21.14 8.80
N ILE E 188 49.34 -22.34 8.54
CA ILE E 188 48.09 -22.42 7.80
C ILE E 188 46.95 -21.86 8.62
N LEU E 189 46.99 -22.02 9.95
CA LEU E 189 45.97 -21.39 10.78
C LEU E 189 46.01 -19.89 10.66
N GLN E 190 47.21 -19.30 10.69
CA GLN E 190 47.33 -17.86 10.50
C GLN E 190 46.73 -17.44 9.16
N LEU E 191 47.04 -18.19 8.10
CA LEU E 191 46.51 -17.81 6.80
C LEU E 191 44.99 -17.97 6.74
N ALA E 192 44.45 -18.98 7.43
CA ALA E 192 43.00 -19.15 7.47
C ALA E 192 42.33 -17.98 8.19
N LEU E 193 42.90 -17.55 9.32
CA LEU E 193 42.35 -16.37 10.01
C LEU E 193 42.46 -15.13 9.14
N TRP E 194 43.56 -14.98 8.40
CA TRP E 194 43.68 -13.88 7.45
C TRP E 194 42.53 -13.88 6.44
N ALA E 195 42.31 -15.03 5.80
CA ALA E 195 41.25 -15.10 4.80
C ALA E 195 39.89 -14.81 5.43
N LEU E 196 39.62 -15.36 6.61
CA LEU E 196 38.32 -15.12 7.22
C LEU E 196 38.15 -13.65 7.59
N SER E 197 39.21 -13.01 8.11
CA SER E 197 39.13 -11.59 8.42
C SER E 197 38.80 -10.78 7.18
N ASN E 198 39.49 -11.06 6.07
CA ASN E 198 39.22 -10.29 4.86
C ASN E 198 37.82 -10.56 4.32
N ILE E 199 37.31 -11.78 4.49
CA ILE E 199 35.94 -12.06 4.08
C ILE E 199 34.97 -11.27 4.95
N ALA E 200 35.20 -11.26 6.25
CA ALA E 200 34.34 -10.56 7.20
C ALA E 200 34.51 -9.04 7.16
N SER E 201 35.38 -8.52 6.29
CA SER E 201 35.51 -7.09 6.11
C SER E 201 34.47 -6.51 5.16
N GLY E 202 33.52 -7.32 4.71
CA GLY E 202 32.51 -6.89 3.75
C GLY E 202 31.22 -6.42 4.39
N GLY E 203 30.12 -6.63 3.67
CA GLY E 203 28.82 -6.24 4.16
C GLY E 203 28.32 -7.16 5.27
N ASN E 204 27.17 -6.78 5.84
CA ASN E 204 26.59 -7.57 6.92
C ASN E 204 26.20 -8.96 6.45
N GLU E 205 25.86 -9.11 5.18
CA GLU E 205 25.50 -10.42 4.68
C GLU E 205 26.70 -11.37 4.70
N GLN E 206 27.88 -10.88 4.34
CA GLN E 206 29.08 -11.74 4.39
C GLN E 206 29.42 -12.10 5.83
N ILE E 207 29.29 -11.16 6.75
CA ILE E 207 29.56 -11.47 8.15
C ILE E 207 28.58 -12.52 8.65
N GLN E 208 27.31 -12.41 8.26
CA GLN E 208 26.34 -13.43 8.64
C GLN E 208 26.66 -14.79 8.02
N ALA E 209 27.21 -14.78 6.81
CA ALA E 209 27.65 -16.04 6.21
C ALA E 209 28.77 -16.66 7.02
N VAL E 210 29.75 -15.85 7.44
CA VAL E 210 30.84 -16.36 8.26
C VAL E 210 30.30 -16.93 9.57
N ILE E 211 29.33 -16.25 10.18
CA ILE E 211 28.74 -16.74 11.42
C ILE E 211 28.04 -18.06 11.20
N ASP E 212 27.27 -18.17 10.10
CA ASP E 212 26.58 -19.42 9.79
C ASP E 212 27.55 -20.55 9.57
N ALA E 213 28.76 -20.25 9.06
CA ALA E 213 29.75 -21.29 8.84
C ALA E 213 30.28 -21.91 10.12
N GLY E 214 30.00 -21.31 11.28
CA GLY E 214 30.42 -21.87 12.55
C GLY E 214 31.79 -21.45 13.02
N ALA E 215 32.19 -20.21 12.74
CA ALA E 215 33.54 -19.77 13.07
C ALA E 215 33.67 -19.26 14.51
N LEU E 216 32.63 -18.64 15.05
CA LEU E 216 32.75 -17.95 16.33
C LEU E 216 33.29 -18.82 17.46
N PRO E 217 32.86 -20.07 17.64
CA PRO E 217 33.44 -20.88 18.73
C PRO E 217 34.94 -21.01 18.63
N ALA E 218 35.47 -21.27 17.42
CA ALA E 218 36.91 -21.43 17.27
C ALA E 218 37.66 -20.18 17.70
N LEU E 219 37.19 -19.01 17.27
CA LEU E 219 37.88 -17.78 17.63
C LEU E 219 37.76 -17.46 19.12
N VAL E 220 36.56 -17.63 19.69
CA VAL E 220 36.41 -17.38 21.11
C VAL E 220 37.31 -18.31 21.91
N GLN E 221 37.50 -19.54 21.42
CA GLN E 221 38.40 -20.48 22.08
C GLN E 221 39.86 -20.04 21.95
N LEU E 222 40.25 -19.61 20.74
CA LEU E 222 41.63 -19.14 20.53
C LEU E 222 41.95 -17.91 21.35
N LEU E 223 40.94 -17.14 21.77
CA LEU E 223 41.22 -15.99 22.63
C LEU E 223 42.03 -16.36 23.86
N SER E 224 42.04 -17.63 24.25
CA SER E 224 42.81 -18.09 25.40
C SER E 224 44.11 -18.79 25.00
N SER E 225 44.56 -18.60 23.76
CA SER E 225 45.78 -19.25 23.31
C SER E 225 47.00 -18.53 23.86
N PRO E 226 48.06 -19.26 24.22
CA PRO E 226 49.31 -18.62 24.64
C PRO E 226 50.16 -18.11 23.49
N ASN E 227 49.68 -18.23 22.26
CA ASN E 227 50.43 -17.77 21.08
C ASN E 227 49.99 -16.35 20.73
N GLU E 228 50.85 -15.38 21.03
CA GLU E 228 50.48 -13.98 20.84
C GLU E 228 50.11 -13.69 19.38
N GLN E 229 50.72 -14.41 18.44
CA GLN E 229 50.41 -14.18 17.03
C GLN E 229 48.98 -14.61 16.72
N ILE E 230 48.62 -15.84 17.11
CA ILE E 230 47.24 -16.29 16.93
C ILE E 230 46.28 -15.43 17.72
N LEU E 231 46.71 -14.91 18.88
CA LEU E 231 45.85 -14.03 19.65
C LEU E 231 45.54 -12.76 18.87
N GLN E 232 46.57 -12.13 18.31
CA GLN E 232 46.37 -10.93 17.50
C GLN E 232 45.47 -11.23 16.30
N GLU E 233 45.67 -12.39 15.66
CA GLU E 233 44.86 -12.72 14.49
C GLU E 233 43.40 -12.96 14.86
N ALA E 234 43.16 -13.67 15.96
CA ALA E 234 41.79 -13.90 16.41
C ALA E 234 41.11 -12.59 16.80
N LEU E 235 41.86 -11.69 17.43
CA LEU E 235 41.30 -10.38 17.78
C LEU E 235 40.95 -9.59 16.53
N TRP E 236 41.83 -9.61 15.53
CA TRP E 236 41.54 -8.99 14.24
C TRP E 236 40.24 -9.54 13.66
N ALA E 237 40.12 -10.87 13.61
CA ALA E 237 38.93 -11.49 13.03
C ALA E 237 37.67 -11.11 13.78
N LEU E 238 37.73 -11.15 15.12
CA LEU E 238 36.56 -10.82 15.92
C LEU E 238 36.18 -9.35 15.76
N SER E 239 37.17 -8.46 15.70
CA SER E 239 36.87 -7.06 15.46
C SER E 239 36.15 -6.87 14.13
N ASN E 240 36.66 -7.49 13.07
CA ASN E 240 36.02 -7.29 11.77
C ASN E 240 34.64 -7.91 11.70
N ILE E 241 34.41 -9.03 12.39
CA ILE E 241 33.07 -9.61 12.39
C ILE E 241 32.11 -8.73 13.18
N ALA E 242 32.57 -8.22 14.32
CA ALA E 242 31.75 -7.39 15.19
C ALA E 242 31.59 -5.97 14.69
N SER E 243 32.14 -5.64 13.53
CA SER E 243 31.93 -4.31 12.95
C SER E 243 30.63 -4.21 12.17
N GLY E 244 29.79 -5.23 12.22
CA GLY E 244 28.56 -5.28 11.44
C GLY E 244 27.35 -4.82 12.20
N GLY E 245 26.19 -5.38 11.86
CA GLY E 245 24.94 -4.99 12.47
C GLY E 245 24.74 -5.60 13.84
N ASN E 246 23.65 -5.18 14.50
CA ASN E 246 23.38 -5.60 15.86
C ASN E 246 23.26 -7.12 15.96
N GLU E 247 22.71 -7.77 14.94
CA GLU E 247 22.60 -9.22 14.99
C GLU E 247 23.98 -9.87 15.03
N GLN E 248 24.93 -9.35 14.26
CA GLN E 248 26.27 -9.92 14.25
C GLN E 248 26.99 -9.71 15.59
N ILE E 249 26.88 -8.50 16.15
CA ILE E 249 27.48 -8.26 17.46
C ILE E 249 26.85 -9.18 18.50
N GLN E 250 25.54 -9.41 18.38
CA GLN E 250 24.86 -10.28 19.33
C GLN E 250 25.32 -11.73 19.18
N ALA E 251 25.56 -12.17 17.95
CA ALA E 251 26.12 -13.52 17.75
C ALA E 251 27.50 -13.63 18.37
N VAL E 252 28.33 -12.59 18.21
CA VAL E 252 29.65 -12.58 18.83
C VAL E 252 29.53 -12.68 20.35
N ILE E 253 28.61 -11.91 20.93
CA ILE E 253 28.44 -11.90 22.38
C ILE E 253 27.92 -13.24 22.89
N ASP E 254 27.02 -13.87 22.13
CA ASP E 254 26.48 -15.16 22.54
C ASP E 254 27.56 -16.21 22.67
N ALA E 255 28.63 -16.11 21.87
CA ALA E 255 29.72 -17.07 21.94
C ALA E 255 30.55 -16.93 23.20
N GLY E 256 30.32 -15.89 24.00
CA GLY E 256 31.03 -15.72 25.26
C GLY E 256 32.35 -14.97 25.15
N ALA E 257 32.45 -14.03 24.21
CA ALA E 257 33.71 -13.31 24.00
C ALA E 257 33.93 -12.20 25.01
N LEU E 258 32.84 -11.62 25.55
CA LEU E 258 32.98 -10.42 26.37
C LEU E 258 33.85 -10.63 27.60
N PRO E 259 33.67 -11.69 28.40
CA PRO E 259 34.57 -11.88 29.54
C PRO E 259 36.02 -12.00 29.12
N ALA E 260 36.30 -12.78 28.06
CA ALA E 260 37.67 -12.93 27.60
C ALA E 260 38.27 -11.59 27.17
N LEU E 261 37.49 -10.77 26.46
CA LEU E 261 38.00 -9.48 26.01
C LEU E 261 38.27 -8.54 27.18
N VAL E 262 37.33 -8.48 28.13
CA VAL E 262 37.54 -7.64 29.29
C VAL E 262 38.75 -8.13 30.08
N GLN E 263 39.00 -9.43 30.09
CA GLN E 263 40.20 -9.94 30.75
C GLN E 263 41.45 -9.50 30.03
N LEU E 264 41.45 -9.60 28.70
CA LEU E 264 42.61 -9.14 27.92
C LEU E 264 42.85 -7.65 28.07
N LEU E 265 41.84 -6.89 28.48
CA LEU E 265 42.08 -5.47 28.74
C LEU E 265 43.12 -5.22 29.82
N SER E 266 43.41 -6.20 30.68
CA SER E 266 44.38 -6.06 31.76
C SER E 266 45.75 -6.63 31.41
N SER E 267 46.02 -6.89 30.14
CA SER E 267 47.28 -7.50 29.71
C SER E 267 48.41 -6.47 29.68
N PRO E 268 49.66 -6.93 29.85
CA PRO E 268 50.82 -6.04 29.71
C PRO E 268 51.35 -5.88 28.29
N ASN E 269 50.74 -6.56 27.32
CA ASN E 269 51.13 -6.43 25.91
C ASN E 269 50.32 -5.31 25.26
N GLU E 270 51.00 -4.23 24.89
CA GLU E 270 50.31 -3.05 24.35
C GLU E 270 49.58 -3.37 23.05
N GLN E 271 50.16 -4.25 22.23
CA GLN E 271 49.49 -4.63 20.98
C GLN E 271 48.18 -5.34 21.27
N ILE E 272 48.20 -6.32 22.18
CA ILE E 272 46.98 -7.01 22.55
C ILE E 272 46.00 -6.04 23.19
N LEU E 273 46.52 -5.08 23.96
CA LEU E 273 45.64 -4.10 24.58
C LEU E 273 44.89 -3.29 23.53
N GLN E 274 45.62 -2.74 22.55
CA GLN E 274 44.97 -1.97 21.50
C GLN E 274 44.01 -2.83 20.69
N GLU E 275 44.36 -4.10 20.45
CA GLU E 275 43.46 -4.95 19.68
C GLU E 275 42.18 -5.25 20.45
N ALA E 276 42.30 -5.50 21.76
CA ALA E 276 41.11 -5.76 22.57
C ALA E 276 40.25 -4.51 22.70
N LEU E 277 40.87 -3.34 22.85
CA LEU E 277 40.10 -2.10 22.84
C LEU E 277 39.40 -1.89 21.51
N TRP E 278 40.10 -2.19 20.41
CA TRP E 278 39.50 -2.09 19.08
C TRP E 278 38.25 -2.98 19.01
N ALA E 279 38.38 -4.21 19.49
CA ALA E 279 37.28 -5.16 19.47
C ALA E 279 36.10 -4.65 20.31
N LEU E 280 36.37 -4.17 21.53
CA LEU E 280 35.28 -3.70 22.38
C LEU E 280 34.62 -2.46 21.78
N SER E 281 35.41 -1.57 21.17
CA SER E 281 34.81 -0.40 20.53
C SER E 281 33.88 -0.81 19.42
N ASN E 282 34.30 -1.75 18.57
CA ASN E 282 33.40 -2.23 17.53
C ASN E 282 32.17 -2.91 18.12
N ILE E 283 32.33 -3.60 19.25
CA ILE E 283 31.20 -4.28 19.88
C ILE E 283 30.21 -3.26 20.44
N ALA E 284 30.72 -2.28 21.19
CA ALA E 284 29.88 -1.24 21.77
C ALA E 284 29.45 -0.21 20.74
N SER E 285 29.31 -0.63 19.48
CA SER E 285 28.88 0.28 18.42
C SER E 285 27.52 -0.10 17.87
N GLY E 286 26.52 -0.28 18.76
CA GLY E 286 25.20 -0.63 18.27
C GLY E 286 24.08 -0.60 19.28
N GLY E 287 23.41 -1.75 19.44
CA GLY E 287 22.18 -1.78 20.21
C GLY E 287 22.39 -1.54 21.69
N ASN E 288 21.36 -0.97 22.31
CA ASN E 288 21.41 -0.78 23.76
C ASN E 288 21.53 -2.12 24.48
N GLU E 289 21.01 -3.19 23.88
CA GLU E 289 21.23 -4.50 24.47
C GLU E 289 22.71 -4.84 24.49
N GLN E 290 23.40 -4.60 23.37
CA GLN E 290 24.83 -4.90 23.31
C GLN E 290 25.63 -3.96 24.21
N LYS E 291 25.29 -2.67 24.22
CA LYS E 291 25.96 -1.75 25.13
C LYS E 291 25.79 -2.21 26.58
N GLN E 292 24.57 -2.66 26.92
CA GLN E 292 24.31 -3.13 28.28
C GLN E 292 25.10 -4.40 28.58
N ALA E 293 25.23 -5.30 27.61
CA ALA E 293 26.05 -6.50 27.82
C ALA E 293 27.52 -6.14 28.06
N VAL E 294 28.04 -5.20 27.29
CA VAL E 294 29.42 -4.75 27.49
C VAL E 294 29.56 -4.16 28.89
N LYS E 295 28.57 -3.37 29.31
CA LYS E 295 28.58 -2.83 30.65
C LYS E 295 28.59 -3.95 31.68
N GLU E 296 27.76 -4.97 31.46
CA GLU E 296 27.63 -6.11 32.36
C GLU E 296 28.88 -6.96 32.38
N ALA E 297 29.80 -6.77 31.42
CA ALA E 297 31.07 -7.47 31.47
C ALA E 297 32.11 -6.78 32.35
N GLY E 298 31.76 -5.67 33.00
CA GLY E 298 32.70 -5.00 33.88
C GLY E 298 33.73 -4.17 33.15
N ALA E 299 33.37 -3.61 31.99
CA ALA E 299 34.33 -2.89 31.16
C ALA E 299 34.55 -1.46 31.63
N LEU E 300 33.48 -0.78 32.08
CA LEU E 300 33.57 0.65 32.36
C LEU E 300 34.70 0.97 33.31
N GLU E 301 34.89 0.16 34.36
CA GLU E 301 35.96 0.43 35.31
C GLU E 301 37.32 0.41 34.62
N LYS E 302 37.59 -0.65 33.85
CA LYS E 302 38.89 -0.77 33.22
C LYS E 302 39.10 0.31 32.17
N LEU E 303 38.06 0.68 31.43
CA LEU E 303 38.22 1.73 30.44
C LEU E 303 38.48 3.08 31.10
N GLU E 304 37.78 3.39 32.20
CA GLU E 304 38.06 4.62 32.91
C GLU E 304 39.48 4.60 33.48
N GLN E 305 39.94 3.42 33.90
CA GLN E 305 41.29 3.31 34.44
C GLN E 305 42.34 3.50 33.34
N LEU E 306 42.07 3.01 32.14
CA LEU E 306 43.02 3.11 31.04
C LEU E 306 43.21 4.54 30.55
N GLN E 307 42.43 5.49 31.07
CA GLN E 307 42.75 6.88 30.80
C GLN E 307 43.98 7.34 31.57
N SER E 308 44.46 6.54 32.53
CA SER E 308 45.69 6.84 33.25
C SER E 308 46.89 6.05 32.73
N HIS E 309 46.68 5.12 31.80
CA HIS E 309 47.80 4.40 31.23
C HIS E 309 48.75 5.38 30.53
N GLU E 310 50.05 5.12 30.66
CA GLU E 310 51.02 6.09 30.15
C GLU E 310 50.95 6.21 28.63
N ASN E 311 50.65 5.11 27.94
CA ASN E 311 50.54 5.18 26.47
C ASN E 311 49.32 5.99 26.08
N GLU E 312 49.47 6.82 25.05
CA GLU E 312 48.44 7.77 24.68
C GLU E 312 47.41 7.19 23.71
N LYS E 313 47.84 6.34 22.78
CA LYS E 313 46.87 5.77 21.84
C LYS E 313 45.85 4.90 22.56
N ILE E 314 46.29 4.15 23.57
CA ILE E 314 45.35 3.35 24.35
C ILE E 314 44.38 4.27 25.08
N GLN E 315 44.86 5.40 25.59
CA GLN E 315 43.99 6.37 26.22
C GLN E 315 42.92 6.84 25.25
N LYS E 316 43.33 7.26 24.05
CA LYS E 316 42.36 7.77 23.08
C LYS E 316 41.35 6.70 22.70
N GLU E 317 41.80 5.47 22.46
CA GLU E 317 40.87 4.45 22.00
C GLU E 317 39.92 4.03 23.12
N ALA E 318 40.41 3.95 24.36
CA ALA E 318 39.55 3.60 25.48
C ALA E 318 38.53 4.70 25.74
N GLN E 319 38.94 5.97 25.67
CA GLN E 319 37.98 7.06 25.84
C GLN E 319 36.96 7.08 24.70
N GLU E 320 37.38 6.73 23.48
CA GLU E 320 36.44 6.63 22.37
C GLU E 320 35.40 5.55 22.65
N ALA E 321 35.85 4.39 23.15
CA ALA E 321 34.91 3.33 23.48
C ALA E 321 33.97 3.75 24.61
N LEU E 322 34.48 4.48 25.60
CA LEU E 322 33.64 4.96 26.68
C LEU E 322 32.57 5.92 26.15
N GLU E 323 32.98 6.86 25.28
CA GLU E 323 32.01 7.75 24.66
C GLU E 323 30.96 6.97 23.90
N LYS E 324 31.38 5.92 23.18
CA LYS E 324 30.44 5.08 22.44
C LYS E 324 29.48 4.38 23.39
N LEU E 325 29.93 4.01 24.59
CA LEU E 325 29.04 3.36 25.55
C LEU E 325 28.07 4.34 26.22
N GLN E 326 28.46 5.60 26.36
CA GLN E 326 27.60 6.62 26.96
C GLN E 326 26.73 7.32 25.94
N SER E 327 26.64 6.81 24.72
CA SER E 327 25.90 7.44 23.64
C SER E 327 24.51 6.81 23.51
N HIS E 328 23.62 7.56 22.86
CA HIS E 328 22.30 7.05 22.47
C HIS E 328 22.24 6.77 20.98
N GLY E 329 23.38 6.67 20.32
CA GLY E 329 23.43 6.33 18.91
C GLY E 329 24.46 5.25 18.65
N SER E 330 24.19 4.46 17.63
CA SER E 330 25.02 3.31 17.30
C SER E 330 25.68 3.51 15.94
N GLY E 331 26.91 3.01 15.82
CA GLY E 331 27.66 3.11 14.58
C GLY E 331 29.11 3.47 14.81
N GLY E 332 29.90 3.49 13.74
CA GLY E 332 31.31 3.83 13.86
C GLY E 332 32.23 2.64 14.00
N SER E 333 31.85 1.48 13.48
CA SER E 333 32.70 0.30 13.55
C SER E 333 33.95 0.49 12.69
N GLY E 334 34.98 -0.29 13.00
CA GLY E 334 36.23 -0.20 12.27
C GLY E 334 36.62 -1.48 11.55
N LYS E 335 36.53 -1.48 10.23
CA LYS E 335 36.94 -2.63 9.44
C LYS E 335 38.36 -2.44 8.93
N ARG E 336 39.09 -3.56 8.84
CA ARG E 336 40.50 -3.54 8.45
C ARG E 336 40.75 -4.67 7.46
N LYS E 337 41.37 -4.35 6.33
CA LYS E 337 41.74 -5.32 5.32
C LYS E 337 43.25 -5.41 5.19
N ARG E 338 43.72 -6.54 4.67
CA ARG E 338 45.14 -6.81 4.54
C ARG E 338 45.43 -7.55 3.24
N LYS E 339 46.45 -7.09 2.52
CA LYS E 339 46.89 -7.72 1.27
C LYS E 339 48.30 -8.28 1.44
N LEU E 340 48.54 -9.42 0.80
CA LEU E 340 49.85 -10.08 0.82
C LEU E 340 50.53 -9.86 -0.52
N LYS E 341 51.69 -9.22 -0.50
CA LYS E 341 52.48 -8.99 -1.70
C LYS E 341 53.92 -9.40 -1.40
N PHE E 342 54.48 -10.25 -2.27
CA PHE E 342 55.81 -10.82 -2.07
C PHE E 342 56.69 -10.57 -3.27
N LYS E 343 57.93 -10.19 -3.01
CA LYS E 343 58.94 -9.96 -4.03
C LYS E 343 59.80 -11.22 -4.18
N ARG E 344 60.84 -11.12 -5.01
CA ARG E 344 61.66 -12.28 -5.37
C ARG E 344 62.89 -11.83 -6.15
N PRO F 2 42.34 -9.28 -22.57
CA PRO F 2 42.44 -10.20 -21.44
C PRO F 2 42.05 -11.62 -21.82
N GLY F 3 42.54 -12.08 -22.97
CA GLY F 3 42.13 -13.35 -23.54
C GLY F 3 41.66 -13.16 -24.97
N SER F 4 42.59 -12.78 -25.85
CA SER F 4 42.25 -12.34 -27.19
C SER F 4 41.93 -13.50 -28.13
N GLU F 5 41.09 -14.43 -27.68
CA GLU F 5 40.72 -15.56 -28.51
C GLU F 5 39.50 -15.22 -29.36
N LEU F 6 38.60 -14.40 -28.82
CA LEU F 6 37.38 -14.04 -29.54
C LEU F 6 37.72 -13.09 -30.68
N PRO F 7 38.54 -12.06 -30.48
CA PRO F 7 38.90 -11.20 -31.62
C PRO F 7 39.54 -11.99 -32.73
N GLN F 8 40.46 -12.90 -32.40
CA GLN F 8 41.09 -13.72 -33.41
C GLN F 8 40.06 -14.56 -34.17
N MET F 9 39.10 -15.15 -33.45
CA MET F 9 38.09 -15.95 -34.13
C MET F 9 37.26 -15.10 -35.08
N VAL F 10 36.80 -13.94 -34.60
CA VAL F 10 35.93 -13.09 -35.41
C VAL F 10 36.66 -12.58 -36.64
N GLN F 11 37.91 -12.15 -36.47
CA GLN F 11 38.65 -11.64 -37.63
C GLN F 11 38.96 -12.77 -38.62
N GLN F 12 39.36 -13.94 -38.12
CA GLN F 12 39.68 -15.07 -38.99
C GLN F 12 38.45 -15.65 -39.68
N LEU F 13 37.25 -15.37 -39.18
CA LEU F 13 36.07 -15.93 -39.82
C LEU F 13 35.93 -15.47 -41.27
N ASN F 14 36.48 -14.32 -41.61
CA ASN F 14 36.48 -13.84 -42.98
C ASN F 14 37.80 -14.14 -43.70
N SER F 15 38.68 -14.92 -43.09
CA SER F 15 39.97 -15.25 -43.68
C SER F 15 39.80 -16.18 -44.87
N PRO F 16 40.71 -16.08 -45.86
CA PRO F 16 40.62 -16.97 -47.04
C PRO F 16 40.95 -18.42 -46.74
N ASP F 17 41.76 -18.70 -45.71
CA ASP F 17 42.14 -20.08 -45.45
C ASP F 17 40.92 -20.90 -45.09
N GLN F 18 40.81 -22.08 -45.71
CA GLN F 18 39.64 -22.93 -45.52
C GLN F 18 39.74 -23.74 -44.23
N GLN F 19 40.94 -24.23 -43.92
CA GLN F 19 41.11 -25.13 -42.77
C GLN F 19 40.83 -24.42 -41.45
N GLU F 20 41.38 -23.21 -41.28
CA GLU F 20 41.22 -22.46 -40.03
C GLU F 20 39.76 -22.07 -39.80
N LEU F 21 38.99 -21.89 -40.88
CA LEU F 21 37.58 -21.56 -40.73
C LEU F 21 36.83 -22.62 -39.93
N GLN F 22 37.13 -23.91 -40.18
CA GLN F 22 36.48 -24.98 -39.43
C GLN F 22 36.87 -24.95 -37.95
N SER F 23 38.13 -24.62 -37.64
CA SER F 23 38.53 -24.52 -36.25
C SER F 23 37.78 -23.39 -35.53
N ALA F 24 37.68 -22.24 -36.18
CA ALA F 24 36.92 -21.13 -35.61
C ALA F 24 35.45 -21.50 -35.43
N LEU F 25 34.86 -22.15 -36.44
CA LEU F 25 33.46 -22.54 -36.38
C LEU F 25 33.21 -23.54 -35.26
N ARG F 26 34.09 -24.55 -35.12
CA ARG F 26 33.91 -25.53 -34.07
C ARG F 26 34.02 -24.90 -32.69
N LYS F 27 35.04 -24.06 -32.49
CA LYS F 27 35.18 -23.42 -31.19
C LYS F 27 33.98 -22.55 -30.85
N LEU F 28 33.53 -21.75 -31.82
CA LEU F 28 32.39 -20.87 -31.58
C LEU F 28 31.13 -21.68 -31.33
N SER F 29 30.91 -22.76 -32.09
CA SER F 29 29.73 -23.58 -31.88
C SER F 29 29.73 -24.19 -30.48
N GLN F 30 30.86 -24.74 -30.05
CA GLN F 30 30.88 -25.37 -28.73
C GLN F 30 30.77 -24.35 -27.61
N ILE F 31 31.33 -23.15 -27.81
CA ILE F 31 31.23 -22.13 -26.77
C ILE F 31 29.81 -21.59 -26.68
N ALA F 32 29.18 -21.32 -27.83
CA ALA F 32 27.81 -20.84 -27.82
C ALA F 32 26.83 -21.92 -27.39
N SER F 33 27.24 -23.19 -27.45
CA SER F 33 26.40 -24.25 -26.93
C SER F 33 26.53 -24.34 -25.42
N GLY F 34 27.73 -24.07 -24.90
CA GLY F 34 27.98 -24.09 -23.47
C GLY F 34 26.91 -23.36 -22.68
N GLY F 35 27.17 -22.11 -22.33
CA GLY F 35 26.28 -21.34 -21.48
C GLY F 35 25.83 -20.06 -22.14
N ASN F 36 24.62 -19.62 -21.77
CA ASN F 36 24.04 -18.41 -22.37
C ASN F 36 24.95 -17.20 -22.20
N GLU F 37 25.66 -17.12 -21.07
CA GLU F 37 26.62 -16.03 -20.88
C GLU F 37 27.71 -16.10 -21.95
N GLN F 38 28.19 -17.30 -22.27
CA GLN F 38 29.20 -17.45 -23.30
C GLN F 38 28.64 -17.07 -24.67
N ILE F 39 27.40 -17.46 -24.97
CA ILE F 39 26.80 -17.08 -26.25
C ILE F 39 26.70 -15.56 -26.36
N GLN F 40 26.34 -14.89 -25.27
CA GLN F 40 26.30 -13.42 -25.30
C GLN F 40 27.69 -12.84 -25.52
N ALA F 41 28.71 -13.45 -24.90
CA ALA F 41 30.08 -13.01 -25.16
C ALA F 41 30.46 -13.19 -26.62
N VAL F 42 30.04 -14.30 -27.22
CA VAL F 42 30.31 -14.54 -28.64
C VAL F 42 29.66 -13.46 -29.49
N ILE F 43 28.41 -13.12 -29.17
CA ILE F 43 27.71 -12.08 -29.93
C ILE F 43 28.45 -10.75 -29.82
N ASP F 44 28.83 -10.38 -28.59
CA ASP F 44 29.53 -9.11 -28.38
C ASP F 44 30.83 -9.05 -29.17
N ALA F 45 31.44 -10.20 -29.47
CA ALA F 45 32.65 -10.22 -30.27
C ALA F 45 32.41 -9.79 -31.72
N GLY F 46 31.16 -9.72 -32.15
CA GLY F 46 30.85 -9.27 -33.50
C GLY F 46 30.99 -10.34 -34.56
N ALA F 47 30.63 -11.58 -34.25
CA ALA F 47 30.79 -12.69 -35.17
C ALA F 47 29.60 -12.91 -36.09
N LEU F 48 28.39 -12.53 -35.64
CA LEU F 48 27.18 -12.88 -36.38
C LEU F 48 27.15 -12.35 -37.82
N PRO F 49 27.55 -11.10 -38.10
CA PRO F 49 27.47 -10.62 -39.48
C PRO F 49 28.23 -11.48 -40.45
N ALA F 50 29.43 -11.91 -40.08
CA ALA F 50 30.20 -12.80 -40.94
C ALA F 50 29.46 -14.11 -41.16
N LEU F 51 28.78 -14.60 -40.11
CA LEU F 51 28.07 -15.86 -40.21
C LEU F 51 26.91 -15.79 -41.19
N VAL F 52 26.17 -14.68 -41.20
CA VAL F 52 25.01 -14.62 -42.09
C VAL F 52 25.45 -14.71 -43.56
N GLN F 53 26.59 -14.10 -43.91
CA GLN F 53 27.10 -14.23 -45.26
C GLN F 53 27.75 -15.58 -45.50
N LEU F 54 28.45 -16.11 -44.49
CA LEU F 54 29.08 -17.43 -44.61
C LEU F 54 28.03 -18.51 -44.84
N LEU F 55 26.77 -18.23 -44.49
CA LEU F 55 25.68 -19.15 -44.78
C LEU F 55 25.49 -19.37 -46.28
N SER F 56 26.13 -18.57 -47.14
CA SER F 56 25.99 -18.69 -48.58
C SER F 56 27.21 -19.35 -49.23
N SER F 57 27.99 -20.12 -48.47
CA SER F 57 29.19 -20.76 -49.02
C SER F 57 28.85 -22.03 -49.79
N PRO F 58 29.63 -22.36 -50.81
CA PRO F 58 29.38 -23.60 -51.58
C PRO F 58 29.86 -24.88 -50.89
N ASN F 59 30.58 -24.80 -49.78
CA ASN F 59 31.08 -25.97 -49.09
C ASN F 59 30.02 -26.49 -48.13
N GLU F 60 29.60 -27.75 -48.30
CA GLU F 60 28.56 -28.31 -47.46
C GLU F 60 29.03 -28.48 -46.03
N GLN F 61 30.31 -28.81 -45.82
CA GLN F 61 30.83 -29.00 -44.47
C GLN F 61 30.77 -27.70 -43.66
N ILE F 62 31.27 -26.62 -44.24
CA ILE F 62 31.24 -25.34 -43.54
C ILE F 62 29.81 -24.85 -43.37
N LEU F 63 28.92 -25.15 -44.32
CA LEU F 63 27.51 -24.81 -44.14
C LEU F 63 26.91 -25.52 -42.94
N GLN F 64 27.18 -26.83 -42.82
CA GLN F 64 26.69 -27.56 -41.66
C GLN F 64 27.26 -26.98 -40.37
N GLU F 65 28.53 -26.60 -40.37
CA GLU F 65 29.13 -26.05 -39.17
C GLU F 65 28.52 -24.69 -38.82
N ALA F 66 28.27 -23.86 -39.82
CA ALA F 66 27.66 -22.56 -39.57
C ALA F 66 26.22 -22.70 -39.07
N LEU F 67 25.45 -23.64 -39.64
CA LEU F 67 24.10 -23.88 -39.15
C LEU F 67 24.12 -24.44 -37.74
N TRP F 68 25.10 -25.30 -37.44
CA TRP F 68 25.28 -25.79 -36.07
C TRP F 68 25.47 -24.62 -35.11
N ALA F 69 26.44 -23.75 -35.41
CA ALA F 69 26.70 -22.60 -34.55
C ALA F 69 25.48 -21.71 -34.43
N LEU F 70 24.78 -21.46 -35.53
CA LEU F 70 23.61 -20.59 -35.49
C LEU F 70 22.50 -21.18 -34.65
N SER F 71 22.24 -22.49 -34.77
CA SER F 71 21.24 -23.14 -33.92
C SER F 71 21.62 -23.00 -32.46
N ASN F 72 22.89 -23.27 -32.14
CA ASN F 72 23.31 -23.18 -30.75
C ASN F 72 23.15 -21.75 -30.23
N ILE F 73 23.44 -20.75 -31.07
CA ILE F 73 23.21 -19.37 -30.68
C ILE F 73 21.73 -19.12 -30.48
N ALA F 74 20.88 -19.69 -31.34
CA ALA F 74 19.45 -19.52 -31.26
C ALA F 74 18.82 -20.39 -30.18
N SER F 75 19.64 -21.00 -29.33
CA SER F 75 19.16 -21.74 -28.17
C SER F 75 19.35 -20.94 -26.87
N GLY F 76 19.46 -19.62 -26.97
CA GLY F 76 19.68 -18.80 -25.80
C GLY F 76 18.57 -17.82 -25.49
N GLY F 77 18.91 -16.67 -24.91
CA GLY F 77 17.91 -15.69 -24.56
C GLY F 77 17.25 -15.07 -25.78
N ASN F 78 16.12 -14.41 -25.54
CA ASN F 78 15.39 -13.79 -26.64
C ASN F 78 16.14 -12.60 -27.23
N GLU F 79 16.92 -11.89 -26.42
CA GLU F 79 17.68 -10.76 -26.95
C GLU F 79 18.76 -11.24 -27.92
N GLN F 80 19.34 -12.40 -27.66
CA GLN F 80 20.32 -12.97 -28.58
C GLN F 80 19.68 -13.38 -29.89
N ILE F 81 18.48 -13.97 -29.83
CA ILE F 81 17.75 -14.29 -31.06
C ILE F 81 17.42 -13.02 -31.82
N GLN F 82 17.09 -11.94 -31.10
CA GLN F 82 16.83 -10.66 -31.76
C GLN F 82 18.08 -10.10 -32.42
N ALA F 83 19.24 -10.29 -31.78
CA ALA F 83 20.48 -9.87 -32.42
C ALA F 83 20.74 -10.68 -33.69
N VAL F 84 20.50 -11.99 -33.65
CA VAL F 84 20.63 -12.82 -34.85
C VAL F 84 19.70 -12.33 -35.94
N ILE F 85 18.45 -12.03 -35.58
CA ILE F 85 17.47 -11.57 -36.56
C ILE F 85 17.90 -10.24 -37.18
N ASP F 86 18.41 -9.33 -36.34
CA ASP F 86 18.88 -8.05 -36.85
C ASP F 86 20.02 -8.20 -37.85
N ALA F 87 20.75 -9.31 -37.79
CA ALA F 87 21.78 -9.58 -38.79
C ALA F 87 21.19 -9.88 -40.16
N GLY F 88 19.89 -10.14 -40.25
CA GLY F 88 19.26 -10.39 -41.53
C GLY F 88 19.37 -11.81 -42.01
N ALA F 89 19.44 -12.77 -41.09
CA ALA F 89 19.68 -14.17 -41.42
C ALA F 89 18.41 -14.93 -41.79
N LEU F 90 17.23 -14.29 -41.71
CA LEU F 90 15.98 -15.03 -41.88
C LEU F 90 15.73 -15.41 -43.34
N PRO F 91 15.87 -14.51 -44.32
CA PRO F 91 15.67 -14.94 -45.71
C PRO F 91 16.64 -16.03 -46.14
N ALA F 92 17.89 -15.97 -45.67
CA ALA F 92 18.82 -17.06 -45.95
C ALA F 92 18.28 -18.39 -45.44
N LEU F 93 17.75 -18.42 -44.21
CA LEU F 93 17.22 -19.66 -43.66
C LEU F 93 16.01 -20.15 -44.44
N VAL F 94 15.11 -19.24 -44.82
CA VAL F 94 13.93 -19.66 -45.57
C VAL F 94 14.34 -20.24 -46.92
N GLN F 95 15.27 -19.57 -47.61
CA GLN F 95 15.79 -20.13 -48.85
C GLN F 95 16.43 -21.49 -48.60
N LEU F 96 17.13 -21.65 -47.47
CA LEU F 96 17.74 -22.93 -47.15
C LEU F 96 16.70 -24.03 -46.97
N LEU F 97 15.49 -23.66 -46.54
CA LEU F 97 14.43 -24.67 -46.46
C LEU F 97 14.20 -25.36 -47.79
N SER F 98 14.43 -24.66 -48.90
CA SER F 98 14.37 -25.27 -50.24
C SER F 98 15.75 -25.81 -50.62
N SER F 99 15.96 -27.11 -50.36
CA SER F 99 17.26 -27.71 -50.66
C SER F 99 17.08 -29.20 -50.78
N PRO F 100 17.73 -29.85 -51.75
CA PRO F 100 17.61 -31.32 -51.86
C PRO F 100 18.52 -32.07 -50.92
N ASN F 101 19.38 -31.36 -50.18
CA ASN F 101 20.26 -31.99 -49.19
C ASN F 101 19.51 -32.10 -47.87
N GLU F 102 19.15 -33.33 -47.50
CA GLU F 102 18.34 -33.53 -46.30
C GLU F 102 19.06 -33.03 -45.04
N GLN F 103 20.39 -33.06 -45.03
CA GLN F 103 21.12 -32.62 -43.84
C GLN F 103 21.01 -31.11 -43.64
N ILE F 104 21.24 -30.35 -44.71
CA ILE F 104 21.08 -28.89 -44.62
C ILE F 104 19.63 -28.55 -44.28
N LEU F 105 18.68 -29.30 -44.82
CA LEU F 105 17.28 -29.05 -44.52
C LEU F 105 16.99 -29.27 -43.03
N GLN F 106 17.47 -30.39 -42.47
CA GLN F 106 17.26 -30.66 -41.06
C GLN F 106 17.90 -29.59 -40.18
N GLU F 107 19.11 -29.15 -40.53
CA GLU F 107 19.77 -28.12 -39.72
C GLU F 107 19.02 -26.80 -39.79
N ALA F 108 18.55 -26.44 -40.99
CA ALA F 108 17.79 -25.19 -41.13
C ALA F 108 16.48 -25.26 -40.37
N LEU F 109 15.80 -26.41 -40.40
CA LEU F 109 14.58 -26.57 -39.62
C LEU F 109 14.85 -26.44 -38.13
N TRP F 110 15.93 -27.07 -37.64
CA TRP F 110 16.33 -26.91 -36.25
C TRP F 110 16.50 -25.44 -35.89
N ALA F 111 17.27 -24.72 -36.71
CA ALA F 111 17.52 -23.31 -36.46
C ALA F 111 16.22 -22.51 -36.49
N LEU F 112 15.34 -22.80 -37.45
CA LEU F 112 14.10 -22.04 -37.56
C LEU F 112 13.20 -22.24 -36.35
N ARG F 113 13.03 -23.48 -35.90
CA ARG F 113 12.21 -23.69 -34.71
C ARG F 113 12.82 -23.00 -33.49
N ASN F 114 14.14 -23.10 -33.33
CA ASN F 114 14.77 -22.43 -32.19
C ASN F 114 14.58 -20.91 -32.27
N ILE F 115 14.59 -20.35 -33.47
CA ILE F 115 14.32 -18.93 -33.62
C ILE F 115 12.86 -18.64 -33.25
N ALA F 116 11.95 -19.50 -33.68
CA ALA F 116 10.52 -19.34 -33.47
C ALA F 116 10.08 -19.78 -32.08
N SER F 117 11.02 -20.00 -31.16
CA SER F 117 10.67 -20.29 -29.77
C SER F 117 10.76 -19.06 -28.87
N GLY F 118 10.87 -17.87 -29.45
CA GLY F 118 11.04 -16.63 -28.70
C GLY F 118 9.75 -15.85 -28.55
N GLY F 119 9.88 -14.52 -28.46
CA GLY F 119 8.71 -13.68 -28.29
C GLY F 119 7.84 -13.61 -29.53
N ASN F 120 6.62 -13.12 -29.34
CA ASN F 120 5.65 -13.06 -30.43
C ASN F 120 6.15 -12.18 -31.58
N GLU F 121 6.93 -11.13 -31.26
CA GLU F 121 7.50 -10.30 -32.31
C GLU F 121 8.46 -11.12 -33.17
N GLN F 122 9.24 -11.99 -32.53
CA GLN F 122 10.18 -12.82 -33.27
C GLN F 122 9.45 -13.84 -34.14
N ILE F 123 8.35 -14.41 -33.64
CA ILE F 123 7.54 -15.30 -34.47
C ILE F 123 7.00 -14.53 -35.67
N GLN F 124 6.57 -13.28 -35.46
CA GLN F 124 6.07 -12.48 -36.57
C GLN F 124 7.17 -12.20 -37.58
N ALA F 125 8.40 -11.98 -37.09
CA ALA F 125 9.54 -11.77 -37.99
C ALA F 125 9.82 -13.02 -38.82
N VAL F 126 9.73 -14.20 -38.19
CA VAL F 126 9.86 -15.45 -38.93
C VAL F 126 8.79 -15.56 -40.01
N ILE F 127 7.55 -15.22 -39.65
CA ILE F 127 6.43 -15.32 -40.60
C ILE F 127 6.66 -14.40 -41.79
N ASP F 128 7.08 -13.16 -41.51
CA ASP F 128 7.30 -12.19 -42.58
C ASP F 128 8.36 -12.67 -43.56
N ALA F 129 9.30 -13.50 -43.09
CA ALA F 129 10.32 -14.03 -44.00
C ALA F 129 9.75 -15.00 -45.02
N GLY F 130 8.50 -15.44 -44.86
CA GLY F 130 7.87 -16.31 -45.83
C GLY F 130 8.06 -17.79 -45.58
N ALA F 131 8.20 -18.19 -44.31
CA ALA F 131 8.52 -19.58 -43.99
C ALA F 131 7.29 -20.48 -44.04
N LEU F 132 6.13 -19.97 -43.63
CA LEU F 132 4.97 -20.81 -43.36
C LEU F 132 4.56 -21.70 -44.52
N PRO F 133 4.43 -21.21 -45.76
CA PRO F 133 4.01 -22.10 -46.85
C PRO F 133 4.97 -23.24 -47.06
N ALA F 134 6.27 -22.96 -46.98
CA ALA F 134 7.26 -24.02 -47.15
C ALA F 134 7.05 -25.12 -46.13
N LEU F 135 6.82 -24.76 -44.87
CA LEU F 135 6.63 -25.79 -43.86
C LEU F 135 5.34 -26.55 -44.10
N VAL F 136 4.27 -25.84 -44.45
CA VAL F 136 2.99 -26.52 -44.67
C VAL F 136 3.10 -27.52 -45.80
N GLN F 137 3.87 -27.19 -46.85
CA GLN F 137 4.07 -28.14 -47.93
C GLN F 137 5.02 -29.27 -47.50
N LEU F 138 6.02 -28.96 -46.68
CA LEU F 138 6.93 -29.99 -46.19
C LEU F 138 6.23 -31.00 -45.30
N LEU F 139 5.05 -30.65 -44.76
CA LEU F 139 4.32 -31.61 -43.95
C LEU F 139 3.99 -32.90 -44.69
N SER F 140 4.03 -32.89 -46.02
CA SER F 140 3.74 -34.10 -46.78
C SER F 140 4.96 -34.98 -47.01
N SER F 141 6.12 -34.60 -46.47
CA SER F 141 7.33 -35.36 -46.70
C SER F 141 7.21 -36.74 -46.08
N PRO F 142 7.66 -37.79 -46.79
CA PRO F 142 7.72 -39.13 -46.18
C PRO F 142 8.92 -39.35 -45.27
N ASN F 143 9.79 -38.36 -45.14
CA ASN F 143 10.96 -38.45 -44.25
C ASN F 143 10.54 -38.01 -42.85
N GLU F 144 10.44 -38.97 -41.93
CA GLU F 144 9.95 -38.65 -40.59
C GLU F 144 10.77 -37.56 -39.92
N GLN F 145 12.04 -37.41 -40.28
CA GLN F 145 12.85 -36.38 -39.64
C GLN F 145 12.42 -34.99 -40.07
N ILE F 146 12.32 -34.76 -41.39
CA ILE F 146 11.82 -33.49 -41.90
C ILE F 146 10.42 -33.22 -41.37
N LEU F 147 9.58 -34.25 -41.34
CA LEU F 147 8.22 -34.07 -40.85
C LEU F 147 8.21 -33.61 -39.40
N SER F 148 8.98 -34.27 -38.54
CA SER F 148 9.03 -33.91 -37.13
C SER F 148 9.57 -32.49 -36.94
N SER F 149 10.61 -32.13 -37.69
CA SER F 149 11.17 -30.79 -37.54
C SER F 149 10.19 -29.72 -37.99
N ALA F 150 9.52 -29.95 -39.12
CA ALA F 150 8.52 -28.99 -39.57
C ALA F 150 7.35 -28.90 -38.61
N LEU F 151 6.94 -30.03 -38.04
CA LEU F 151 5.86 -30.01 -37.04
C LEU F 151 6.24 -29.20 -35.81
N GLY F 152 7.47 -29.41 -35.31
CA GLY F 152 7.94 -28.62 -34.17
C GLY F 152 7.97 -27.14 -34.49
N ALA F 153 8.52 -26.80 -35.66
CA ALA F 153 8.55 -25.39 -36.06
C ALA F 153 7.15 -24.81 -36.14
N LEU F 154 6.20 -25.58 -36.69
CA LEU F 154 4.84 -25.09 -36.81
C LEU F 154 4.22 -24.86 -35.43
N SER F 155 4.43 -25.80 -34.51
N SER F 155 4.43 -25.80 -34.51
CA SER F 155 3.91 -25.62 -33.16
CA SER F 155 3.91 -25.62 -33.17
C SER F 155 4.47 -24.35 -32.53
C SER F 155 4.46 -24.35 -32.53
N ASN F 156 5.77 -24.13 -32.66
CA ASN F 156 6.36 -22.93 -32.07
C ASN F 156 5.80 -21.66 -32.71
N ILE F 157 5.62 -21.66 -34.03
CA ILE F 157 5.07 -20.46 -34.67
C ILE F 157 3.63 -20.23 -34.21
N ALA F 158 2.87 -21.32 -34.05
CA ALA F 158 1.48 -21.23 -33.63
C ALA F 158 1.34 -21.01 -32.13
N SER F 159 2.43 -20.98 -31.39
CA SER F 159 2.39 -20.70 -29.96
C SER F 159 2.43 -19.19 -29.66
N GLY F 160 2.10 -18.35 -30.63
CA GLY F 160 2.17 -16.91 -30.43
C GLY F 160 0.83 -16.23 -30.32
N GLY F 161 0.74 -14.99 -30.80
CA GLY F 161 -0.49 -14.24 -30.73
C GLY F 161 -1.54 -14.80 -31.66
N ASN F 162 -2.75 -14.25 -31.51
CA ASN F 162 -3.88 -14.70 -32.34
C ASN F 162 -3.63 -14.46 -33.82
N GLU F 163 -2.94 -13.35 -34.14
CA GLU F 163 -2.64 -13.09 -35.56
C GLU F 163 -1.71 -14.15 -36.12
N GLN F 164 -0.76 -14.63 -35.32
CA GLN F 164 0.14 -15.67 -35.80
C GLN F 164 -0.59 -16.98 -36.03
N ILE F 165 -1.50 -17.34 -35.12
CA ILE F 165 -2.27 -18.57 -35.32
C ILE F 165 -3.17 -18.44 -36.55
N GLN F 166 -3.73 -17.25 -36.77
CA GLN F 166 -4.56 -17.04 -37.95
C GLN F 166 -3.73 -17.15 -39.23
N ALA F 167 -2.49 -16.65 -39.20
CA ALA F 167 -1.60 -16.81 -40.34
C ALA F 167 -1.30 -18.29 -40.61
N VAL F 168 -1.03 -19.04 -39.53
CA VAL F 168 -0.79 -20.47 -39.67
C VAL F 168 -1.99 -21.16 -40.31
N ILE F 169 -3.19 -20.82 -39.86
CA ILE F 169 -4.39 -21.44 -40.40
C ILE F 169 -4.52 -21.09 -41.89
N ASP F 170 -4.34 -19.81 -42.23
CA ASP F 170 -4.44 -19.38 -43.61
C ASP F 170 -3.38 -20.05 -44.49
N ALA F 171 -2.28 -20.49 -43.91
CA ALA F 171 -1.27 -21.24 -44.66
C ALA F 171 -1.76 -22.61 -45.09
N GLY F 172 -2.86 -23.09 -44.52
CA GLY F 172 -3.43 -24.36 -44.91
C GLY F 172 -2.94 -25.56 -44.13
N ALA F 173 -2.59 -25.38 -42.87
CA ALA F 173 -2.02 -26.48 -42.09
C ALA F 173 -3.09 -27.40 -41.51
N LEU F 174 -4.24 -26.84 -41.13
CA LEU F 174 -5.22 -27.61 -40.37
C LEU F 174 -5.56 -28.96 -40.99
N PRO F 175 -5.86 -29.07 -42.28
CA PRO F 175 -6.18 -30.39 -42.84
C PRO F 175 -5.05 -31.40 -42.71
N ALA F 176 -3.81 -30.96 -42.94
CA ALA F 176 -2.68 -31.88 -42.80
C ALA F 176 -2.56 -32.39 -41.37
N LEU F 177 -2.72 -31.51 -40.39
CA LEU F 177 -2.59 -31.92 -38.99
C LEU F 177 -3.72 -32.86 -38.58
N VAL F 178 -4.96 -32.54 -38.96
CA VAL F 178 -6.07 -33.44 -38.64
C VAL F 178 -5.87 -34.80 -39.31
N GLN F 179 -5.32 -34.80 -40.52
CA GLN F 179 -4.99 -36.05 -41.17
C GLN F 179 -3.92 -36.81 -40.40
N LEU F 180 -2.87 -36.12 -39.96
CA LEU F 180 -1.80 -36.76 -39.22
C LEU F 180 -2.28 -37.35 -37.91
N LEU F 181 -3.41 -36.86 -37.39
CA LEU F 181 -3.93 -37.40 -36.14
C LEU F 181 -4.14 -38.92 -36.18
N SER F 182 -4.23 -39.53 -37.36
CA SER F 182 -4.45 -40.96 -37.48
C SER F 182 -3.16 -41.74 -37.79
N SER F 183 -1.99 -41.17 -37.48
CA SER F 183 -0.72 -41.81 -37.78
C SER F 183 -0.40 -42.91 -36.77
N PRO F 184 0.17 -44.03 -37.22
CA PRO F 184 0.67 -45.05 -36.29
C PRO F 184 2.06 -44.76 -35.74
N ASN F 185 2.67 -43.64 -36.12
CA ASN F 185 3.97 -43.24 -35.59
C ASN F 185 3.72 -42.29 -34.42
N GLU F 186 3.96 -42.77 -33.20
CA GLU F 186 3.64 -41.98 -32.02
C GLU F 186 4.43 -40.68 -31.98
N GLN F 187 5.62 -40.66 -32.55
CA GLN F 187 6.49 -39.51 -32.44
C GLN F 187 5.94 -38.32 -33.23
N ILE F 188 5.50 -38.55 -34.46
CA ILE F 188 4.89 -37.48 -35.24
C ILE F 188 3.51 -37.13 -34.68
N LEU F 189 2.78 -38.11 -34.15
CA LEU F 189 1.47 -37.84 -33.58
C LEU F 189 1.56 -36.87 -32.42
N GLN F 190 2.55 -37.06 -31.54
CA GLN F 190 2.75 -36.14 -30.44
C GLN F 190 2.94 -34.71 -30.95
N LEU F 191 3.75 -34.53 -32.00
CA LEU F 191 3.99 -33.20 -32.53
C LEU F 191 2.76 -32.62 -33.21
N ALA F 192 1.96 -33.47 -33.86
CA ALA F 192 0.71 -32.97 -34.44
C ALA F 192 -0.25 -32.49 -33.35
N LEU F 193 -0.35 -33.25 -32.26
CA LEU F 193 -1.19 -32.83 -31.14
C LEU F 193 -0.66 -31.54 -30.54
N TRP F 194 0.66 -31.40 -30.44
CA TRP F 194 1.24 -30.14 -29.99
C TRP F 194 0.79 -28.98 -30.87
N ALA F 195 0.94 -29.13 -32.19
CA ALA F 195 0.57 -28.04 -33.09
C ALA F 195 -0.91 -27.70 -32.94
N LEU F 196 -1.76 -28.72 -32.86
CA LEU F 196 -3.19 -28.46 -32.72
C LEU F 196 -3.50 -27.77 -31.39
N SER F 197 -2.82 -28.16 -30.31
CA SER F 197 -3.02 -27.50 -29.03
C SER F 197 -2.65 -26.02 -29.13
N ASN F 198 -1.48 -25.73 -29.68
CA ASN F 198 -1.05 -24.34 -29.77
C ASN F 198 -1.97 -23.54 -30.68
N ILE F 199 -2.52 -24.16 -31.72
CA ILE F 199 -3.49 -23.47 -32.57
C ILE F 199 -4.76 -23.16 -31.79
N ALA F 200 -5.25 -24.13 -31.03
CA ALA F 200 -6.48 -23.97 -30.27
C ALA F 200 -6.32 -23.09 -29.05
N SER F 201 -5.13 -22.57 -28.77
CA SER F 201 -4.94 -21.64 -27.67
C SER F 201 -5.28 -20.20 -28.06
N GLY F 202 -5.80 -19.99 -29.26
CA GLY F 202 -6.11 -18.65 -29.74
C GLY F 202 -7.54 -18.25 -29.46
N GLY F 203 -8.09 -17.43 -30.35
CA GLY F 203 -9.44 -16.93 -30.21
C GLY F 203 -10.48 -17.99 -30.53
N ASN F 204 -11.75 -17.61 -30.31
CA ASN F 204 -12.85 -18.54 -30.56
C ASN F 204 -12.93 -18.92 -32.03
N GLU F 205 -12.54 -18.01 -32.92
CA GLU F 205 -12.57 -18.32 -34.35
C GLU F 205 -11.54 -19.39 -34.71
N GLN F 206 -10.35 -19.32 -34.12
CA GLN F 206 -9.37 -20.37 -34.39
C GLN F 206 -9.85 -21.72 -33.87
N ILE F 207 -10.46 -21.72 -32.68
CA ILE F 207 -10.97 -22.98 -32.12
C ILE F 207 -12.07 -23.55 -33.00
N GLN F 208 -12.95 -22.68 -33.50
CA GLN F 208 -13.97 -23.16 -34.43
C GLN F 208 -13.35 -23.68 -35.71
N ALA F 209 -12.25 -23.08 -36.16
CA ALA F 209 -11.56 -23.59 -37.34
C ALA F 209 -11.01 -24.99 -37.08
N VAL F 210 -10.41 -25.20 -35.91
CA VAL F 210 -9.93 -26.53 -35.54
C VAL F 210 -11.07 -27.52 -35.51
N ILE F 211 -12.23 -27.10 -34.97
CA ILE F 211 -13.40 -27.97 -34.94
C ILE F 211 -13.86 -28.32 -36.35
N ASP F 212 -13.91 -27.34 -37.24
CA ASP F 212 -14.35 -27.55 -38.61
C ASP F 212 -13.41 -28.50 -39.35
N ALA F 213 -12.12 -28.51 -38.98
CA ALA F 213 -11.16 -29.38 -39.63
C ALA F 213 -11.42 -30.86 -39.37
N GLY F 214 -12.29 -31.18 -38.42
CA GLY F 214 -12.62 -32.57 -38.13
C GLY F 214 -11.73 -33.22 -37.09
N ALA F 215 -11.25 -32.45 -36.11
CA ALA F 215 -10.32 -32.96 -35.11
C ALA F 215 -11.02 -33.65 -33.95
N LEU F 216 -12.20 -33.18 -33.58
CA LEU F 216 -12.85 -33.67 -32.37
C LEU F 216 -13.05 -35.18 -32.37
N PRO F 217 -13.51 -35.82 -33.44
CA PRO F 217 -13.63 -37.28 -33.41
C PRO F 217 -12.31 -37.98 -33.14
N ALA F 218 -11.24 -37.52 -33.80
CA ALA F 218 -9.92 -38.11 -33.57
C ALA F 218 -9.51 -37.94 -32.12
N LEU F 219 -9.75 -36.77 -31.54
CA LEU F 219 -9.35 -36.54 -30.15
C LEU F 219 -10.16 -37.39 -29.19
N VAL F 220 -11.48 -37.49 -29.40
CA VAL F 220 -12.29 -38.33 -28.54
C VAL F 220 -11.86 -39.79 -28.65
N GLN F 221 -11.44 -40.22 -29.85
CA GLN F 221 -10.95 -41.58 -30.02
C GLN F 221 -9.64 -41.79 -29.28
N LEU F 222 -8.70 -40.84 -29.40
CA LEU F 222 -7.45 -40.95 -28.66
C LEU F 222 -7.67 -40.92 -27.15
N LEU F 223 -8.78 -40.34 -26.70
CA LEU F 223 -9.09 -40.38 -25.28
C LEU F 223 -9.11 -41.80 -24.72
N SER F 224 -9.28 -42.81 -25.56
CA SER F 224 -9.31 -44.19 -25.13
C SER F 224 -8.01 -44.94 -25.41
N SER F 225 -6.92 -44.21 -25.65
CA SER F 225 -5.64 -44.84 -25.97
C SER F 225 -4.97 -45.38 -24.71
N PRO F 226 -4.34 -46.55 -24.79
CA PRO F 226 -3.57 -47.06 -23.66
C PRO F 226 -2.19 -46.42 -23.50
N ASN F 227 -1.87 -45.44 -24.34
CA ASN F 227 -0.60 -44.73 -24.28
C ASN F 227 -0.80 -43.46 -23.46
N GLU F 228 -0.28 -43.46 -22.22
CA GLU F 228 -0.49 -42.34 -21.32
C GLU F 228 0.01 -41.02 -21.89
N GLN F 229 1.06 -41.08 -22.72
CA GLN F 229 1.59 -39.85 -23.32
C GLN F 229 0.62 -39.25 -24.32
N ILE F 230 0.12 -40.07 -25.25
CA ILE F 230 -0.88 -39.59 -26.20
C ILE F 230 -2.14 -39.15 -25.47
N LEU F 231 -2.49 -39.83 -24.37
CA LEU F 231 -3.66 -39.43 -23.59
C LEU F 231 -3.47 -38.02 -23.04
N GLN F 232 -2.32 -37.75 -22.42
CA GLN F 232 -2.04 -36.41 -21.91
C GLN F 232 -2.09 -35.38 -23.03
N GLU F 233 -1.56 -35.72 -24.19
CA GLU F 233 -1.56 -34.75 -25.29
C GLU F 233 -2.97 -34.47 -25.79
N ALA F 234 -3.79 -35.52 -25.92
CA ALA F 234 -5.18 -35.32 -26.35
C ALA F 234 -5.96 -34.52 -25.32
N LEU F 235 -5.70 -34.74 -24.03
CA LEU F 235 -6.37 -33.93 -23.02
C LEU F 235 -5.94 -32.47 -23.12
N TRP F 236 -4.65 -32.21 -23.36
CA TRP F 236 -4.22 -30.85 -23.60
C TRP F 236 -5.02 -30.22 -24.75
N ALA F 237 -5.10 -30.93 -25.88
CA ALA F 237 -5.80 -30.37 -27.03
C ALA F 237 -7.28 -30.11 -26.73
N LEU F 238 -7.95 -31.06 -26.08
CA LEU F 238 -9.36 -30.88 -25.77
C LEU F 238 -9.59 -29.76 -24.77
N SER F 239 -8.71 -29.62 -23.78
CA SER F 239 -8.81 -28.49 -22.87
C SER F 239 -8.70 -27.18 -23.63
N ASN F 240 -7.74 -27.09 -24.55
CA ASN F 240 -7.56 -25.84 -25.29
C ASN F 240 -8.76 -25.55 -26.20
N ILE F 241 -9.36 -26.59 -26.79
CA ILE F 241 -10.52 -26.36 -27.63
C ILE F 241 -11.74 -25.95 -26.79
N ALA F 242 -11.94 -26.60 -25.65
CA ALA F 242 -13.08 -26.32 -24.79
C ALA F 242 -12.88 -25.07 -23.93
N SER F 243 -11.76 -24.36 -24.09
CA SER F 243 -11.53 -23.11 -23.42
C SER F 243 -12.12 -21.91 -24.17
N GLY F 244 -12.87 -22.17 -25.23
CA GLY F 244 -13.41 -21.14 -26.08
C GLY F 244 -14.83 -20.78 -25.71
N GLY F 245 -15.62 -20.38 -26.71
CA GLY F 245 -16.98 -19.98 -26.48
C GLY F 245 -17.91 -21.16 -26.28
N ASN F 246 -19.16 -20.84 -25.94
CA ASN F 246 -20.13 -21.89 -25.62
C ASN F 246 -20.36 -22.81 -26.81
N GLU F 247 -20.33 -22.25 -28.03
CA GLU F 247 -20.51 -23.08 -29.21
C GLU F 247 -19.39 -24.13 -29.31
N GLN F 248 -18.16 -23.74 -28.98
CA GLN F 248 -17.05 -24.67 -29.06
C GLN F 248 -17.20 -25.78 -28.01
N ILE F 249 -17.53 -25.43 -26.77
CA ILE F 249 -17.71 -26.44 -25.74
C ILE F 249 -18.85 -27.38 -26.13
N GLN F 250 -19.92 -26.83 -26.72
CA GLN F 250 -21.03 -27.68 -27.13
C GLN F 250 -20.61 -28.62 -28.24
N ALA F 251 -19.81 -28.15 -29.19
CA ALA F 251 -19.30 -29.05 -30.22
C ALA F 251 -18.46 -30.15 -29.59
N VAL F 252 -17.62 -29.80 -28.61
CA VAL F 252 -16.83 -30.80 -27.91
C VAL F 252 -17.74 -31.84 -27.25
N ILE F 253 -18.81 -31.38 -26.61
CA ILE F 253 -19.73 -32.32 -25.96
C ILE F 253 -20.41 -33.20 -26.99
N ASP F 254 -20.74 -32.64 -28.16
CA ASP F 254 -21.35 -33.43 -29.22
C ASP F 254 -20.42 -34.56 -29.67
N ALA F 255 -19.11 -34.37 -29.57
CA ALA F 255 -18.15 -35.40 -29.96
C ALA F 255 -18.09 -36.58 -28.99
N GLY F 256 -18.78 -36.52 -27.86
CA GLY F 256 -18.79 -37.63 -26.92
C GLY F 256 -17.64 -37.65 -25.93
N ALA F 257 -17.16 -36.49 -25.49
CA ALA F 257 -16.01 -36.44 -24.59
C ALA F 257 -16.41 -36.72 -23.14
N LEU F 258 -17.65 -36.39 -22.76
CA LEU F 258 -18.02 -36.45 -21.35
C LEU F 258 -17.89 -37.84 -20.76
N PRO F 259 -18.38 -38.92 -21.40
CA PRO F 259 -18.20 -40.25 -20.80
C PRO F 259 -16.73 -40.62 -20.60
N ALA F 260 -15.88 -40.37 -21.61
CA ALA F 260 -14.47 -40.67 -21.46
C ALA F 260 -13.86 -39.88 -20.32
N LEU F 261 -14.23 -38.61 -20.19
CA LEU F 261 -13.69 -37.80 -19.11
C LEU F 261 -14.13 -38.30 -17.74
N VAL F 262 -15.42 -38.64 -17.61
CA VAL F 262 -15.91 -39.13 -16.32
C VAL F 262 -15.21 -40.44 -15.95
N GLN F 263 -14.94 -41.30 -16.95
CA GLN F 263 -14.21 -42.53 -16.65
C GLN F 263 -12.77 -42.22 -16.25
N LEU F 264 -12.10 -41.32 -16.97
CA LEU F 264 -10.74 -40.95 -16.59
C LEU F 264 -10.71 -40.31 -15.21
N LEU F 265 -11.83 -39.80 -14.73
CA LEU F 265 -11.86 -39.25 -13.38
C LEU F 265 -11.49 -40.30 -12.33
N SER F 266 -11.61 -41.58 -12.65
CA SER F 266 -11.29 -42.65 -11.71
C SER F 266 -9.89 -43.21 -11.92
N SER F 267 -9.04 -42.52 -12.66
CA SER F 267 -7.71 -43.05 -12.90
C SER F 267 -6.82 -42.88 -11.67
N PRO F 268 -5.87 -43.80 -11.47
CA PRO F 268 -4.89 -43.65 -10.39
C PRO F 268 -3.65 -42.84 -10.78
N ASN F 269 -3.57 -42.38 -12.02
CA ASN F 269 -2.42 -41.60 -12.49
C ASN F 269 -2.69 -40.13 -12.19
N GLU F 270 -1.93 -39.58 -11.25
CA GLU F 270 -2.20 -38.22 -10.79
C GLU F 270 -2.05 -37.19 -11.91
N GLN F 271 -1.10 -37.40 -12.82
CA GLN F 271 -0.92 -36.44 -13.91
C GLN F 271 -2.13 -36.44 -14.83
N ILE F 272 -2.56 -37.63 -15.29
CA ILE F 272 -3.73 -37.70 -16.15
C ILE F 272 -4.98 -37.28 -15.40
N LEU F 273 -5.05 -37.57 -14.11
CA LEU F 273 -6.20 -37.13 -13.30
C LEU F 273 -6.31 -35.61 -13.31
N GLN F 274 -5.19 -34.93 -13.05
CA GLN F 274 -5.19 -33.47 -13.08
C GLN F 274 -5.56 -32.96 -14.47
N GLU F 275 -5.10 -33.65 -15.53
CA GLU F 275 -5.42 -33.20 -16.88
C GLU F 275 -6.91 -33.35 -17.18
N ALA F 276 -7.52 -34.46 -16.74
CA ALA F 276 -8.95 -34.64 -16.93
C ALA F 276 -9.75 -33.63 -16.11
N LEU F 277 -9.30 -33.33 -14.90
CA LEU F 277 -9.94 -32.28 -14.11
C LEU F 277 -9.87 -30.94 -14.83
N TRP F 278 -8.71 -30.63 -15.41
CA TRP F 278 -8.57 -29.40 -16.20
C TRP F 278 -9.61 -29.37 -17.32
N ALA F 279 -9.72 -30.48 -18.06
CA ALA F 279 -10.67 -30.54 -19.16
C ALA F 279 -12.09 -30.30 -18.68
N LEU F 280 -12.49 -31.00 -17.61
CA LEU F 280 -13.85 -30.84 -17.11
C LEU F 280 -14.12 -29.45 -16.59
N SER F 281 -13.12 -28.82 -15.97
CA SER F 281 -13.30 -27.44 -15.51
C SER F 281 -13.57 -26.52 -16.69
N ASN F 282 -12.73 -26.62 -17.73
CA ASN F 282 -12.94 -25.77 -18.91
C ASN F 282 -14.29 -26.03 -19.54
N ILE F 283 -14.76 -27.29 -19.50
CA ILE F 283 -16.10 -27.57 -20.02
C ILE F 283 -17.18 -26.96 -19.15
N ALA F 284 -17.11 -27.19 -17.84
CA ALA F 284 -18.09 -26.67 -16.90
C ALA F 284 -17.83 -25.20 -16.57
N SER F 285 -17.21 -24.46 -17.50
CA SER F 285 -17.04 -23.03 -17.28
C SER F 285 -17.88 -22.21 -18.27
N GLY F 286 -19.04 -22.72 -18.67
CA GLY F 286 -19.83 -21.96 -19.62
C GLY F 286 -21.34 -21.99 -19.43
N GLY F 287 -22.04 -22.41 -20.49
CA GLY F 287 -23.48 -22.33 -20.48
C GLY F 287 -24.12 -23.31 -19.53
N ASN F 288 -25.31 -22.94 -19.03
CA ASN F 288 -26.06 -23.87 -18.19
C ASN F 288 -26.38 -25.15 -18.95
N GLU F 289 -26.48 -25.08 -20.28
CA GLU F 289 -26.65 -26.29 -21.08
C GLU F 289 -25.47 -27.22 -20.92
N GLN F 290 -24.26 -26.68 -21.04
CA GLN F 290 -23.07 -27.50 -20.88
C GLN F 290 -22.95 -28.01 -19.46
N LYS F 291 -23.26 -27.16 -18.48
CA LYS F 291 -23.22 -27.59 -17.09
C LYS F 291 -24.19 -28.74 -16.86
N GLN F 292 -25.38 -28.68 -17.45
CA GLN F 292 -26.33 -29.77 -17.29
C GLN F 292 -25.84 -31.04 -17.98
N ALA F 293 -25.22 -30.91 -19.15
CA ALA F 293 -24.66 -32.09 -19.80
C ALA F 293 -23.61 -32.75 -18.92
N VAL F 294 -22.74 -31.93 -18.33
CA VAL F 294 -21.70 -32.46 -17.45
C VAL F 294 -22.30 -33.13 -16.22
N LYS F 295 -23.30 -32.51 -15.61
CA LYS F 295 -23.92 -33.09 -14.43
C LYS F 295 -24.58 -34.42 -14.75
N GLU F 296 -25.39 -34.46 -15.81
CA GLU F 296 -26.05 -35.71 -16.18
C GLU F 296 -25.09 -36.73 -16.75
N ALA F 297 -23.85 -36.35 -17.03
CA ALA F 297 -22.83 -37.30 -17.44
C ALA F 297 -22.20 -38.03 -16.25
N GLY F 298 -22.70 -37.80 -15.05
CA GLY F 298 -22.20 -38.47 -13.87
C GLY F 298 -20.93 -37.89 -13.30
N ALA F 299 -20.70 -36.59 -13.47
CA ALA F 299 -19.47 -35.97 -12.99
C ALA F 299 -19.55 -35.61 -11.52
N LEU F 300 -20.71 -35.16 -11.06
CA LEU F 300 -20.86 -34.67 -9.69
C LEU F 300 -20.43 -35.71 -8.65
N GLU F 301 -20.85 -36.96 -8.84
CA GLU F 301 -20.50 -38.00 -7.85
C GLU F 301 -18.99 -38.18 -7.74
N LYS F 302 -18.31 -38.38 -8.87
CA LYS F 302 -16.86 -38.60 -8.83
C LYS F 302 -16.12 -37.35 -8.37
N LEU F 303 -16.61 -36.17 -8.75
CA LEU F 303 -15.97 -34.93 -8.34
C LEU F 303 -16.09 -34.74 -6.83
N GLU F 304 -17.26 -35.04 -6.26
CA GLU F 304 -17.44 -34.98 -4.82
C GLU F 304 -16.57 -36.01 -4.12
N GLN F 305 -16.41 -37.18 -4.74
CA GLN F 305 -15.62 -38.24 -4.10
C GLN F 305 -14.13 -37.89 -4.09
N LEU F 306 -13.64 -37.27 -5.16
CA LEU F 306 -12.22 -36.93 -5.22
C LEU F 306 -11.84 -35.80 -4.27
N GLN F 307 -12.81 -35.20 -3.58
CA GLN F 307 -12.48 -34.25 -2.52
C GLN F 307 -11.92 -34.94 -1.29
N SER F 308 -12.01 -36.27 -1.20
CA SER F 308 -11.41 -37.02 -0.12
C SER F 308 -10.08 -37.66 -0.49
N HIS F 309 -9.66 -37.56 -1.75
CA HIS F 309 -8.37 -38.11 -2.15
C HIS F 309 -7.25 -37.47 -1.34
N GLU F 310 -6.26 -38.29 -0.96
CA GLU F 310 -5.21 -37.81 -0.08
C GLU F 310 -4.36 -36.72 -0.74
N ASN F 311 -4.19 -36.78 -2.06
CA ASN F 311 -3.42 -35.76 -2.75
C ASN F 311 -4.12 -34.40 -2.67
N GLU F 312 -3.33 -33.34 -2.47
CA GLU F 312 -3.90 -32.04 -2.18
C GLU F 312 -4.30 -31.26 -3.43
N LYS F 313 -3.48 -31.30 -4.47
CA LYS F 313 -3.79 -30.55 -5.67
C LYS F 313 -5.05 -31.08 -6.35
N ILE F 314 -5.22 -32.41 -6.38
CA ILE F 314 -6.43 -32.97 -6.96
C ILE F 314 -7.65 -32.62 -6.13
N GLN F 315 -7.52 -32.61 -4.79
CA GLN F 315 -8.66 -32.16 -3.98
C GLN F 315 -9.07 -30.76 -4.36
N LYS F 316 -8.12 -29.84 -4.37
CA LYS F 316 -8.46 -28.45 -4.70
C LYS F 316 -9.03 -28.33 -6.11
N GLU F 317 -8.45 -29.05 -7.08
CA GLU F 317 -8.92 -28.90 -8.46
C GLU F 317 -10.31 -29.50 -8.64
N ALA F 318 -10.58 -30.62 -7.98
CA ALA F 318 -11.92 -31.21 -8.04
C ALA F 318 -12.93 -30.30 -7.37
N GLN F 319 -12.55 -29.67 -6.25
CA GLN F 319 -13.46 -28.75 -5.60
C GLN F 319 -13.74 -27.54 -6.48
N GLU F 320 -12.73 -27.08 -7.22
CA GLU F 320 -12.95 -25.96 -8.14
C GLU F 320 -13.89 -26.35 -9.27
N ALA F 321 -13.70 -27.54 -9.85
CA ALA F 321 -14.60 -27.96 -10.93
C ALA F 321 -16.02 -28.14 -10.41
N LEU F 322 -16.15 -28.69 -9.20
CA LEU F 322 -17.46 -28.83 -8.58
C LEU F 322 -18.09 -27.47 -8.33
N GLU F 323 -17.28 -26.50 -7.89
CA GLU F 323 -17.77 -25.14 -7.72
C GLU F 323 -18.32 -24.57 -9.01
N LYS F 324 -17.60 -24.77 -10.12
CA LYS F 324 -18.14 -24.30 -11.40
C LYS F 324 -19.42 -25.02 -11.77
N LEU F 325 -19.57 -26.28 -11.40
CA LEU F 325 -20.78 -27.00 -11.76
C LEU F 325 -21.97 -26.53 -10.92
N GLN F 326 -21.77 -26.38 -9.61
CA GLN F 326 -22.83 -25.99 -8.69
C GLN F 326 -23.13 -24.50 -8.71
N SER F 327 -22.26 -23.69 -9.32
CA SER F 327 -22.44 -22.24 -9.33
C SER F 327 -23.49 -21.82 -10.34
N HIS F 328 -23.35 -22.28 -11.59
CA HIS F 328 -24.23 -21.88 -12.68
C HIS F 328 -24.10 -20.38 -12.96
N GLY F 329 -22.86 -19.94 -13.14
CA GLY F 329 -22.54 -18.56 -13.45
C GLY F 329 -21.49 -18.45 -14.53
N SER F 330 -20.45 -17.66 -14.29
CA SER F 330 -19.40 -17.44 -15.27
C SER F 330 -18.05 -17.54 -14.58
N GLY F 331 -17.30 -18.60 -14.88
CA GLY F 331 -15.98 -18.81 -14.33
C GLY F 331 -14.89 -18.30 -15.25
N GLY F 332 -13.82 -19.07 -15.36
CA GLY F 332 -12.71 -18.70 -16.22
C GLY F 332 -12.25 -19.90 -17.03
N SER F 333 -11.79 -19.61 -18.24
CA SER F 333 -11.24 -20.63 -19.14
C SER F 333 -9.73 -20.42 -19.26
N GLY F 334 -8.97 -21.47 -19.00
CA GLY F 334 -7.52 -21.40 -18.98
C GLY F 334 -6.91 -22.01 -20.20
N LYS F 335 -6.15 -21.20 -20.94
CA LYS F 335 -5.46 -21.64 -22.14
C LYS F 335 -3.98 -21.83 -21.85
N ARG F 336 -3.36 -22.78 -22.56
CA ARG F 336 -1.97 -23.19 -22.32
C ARG F 336 -1.23 -23.30 -23.64
N LYS F 337 -0.06 -22.67 -23.72
CA LYS F 337 0.81 -22.72 -24.88
C LYS F 337 2.12 -23.42 -24.50
N ARG F 338 2.80 -23.95 -25.52
CA ARG F 338 4.04 -24.68 -25.33
C ARG F 338 5.03 -24.34 -26.44
N LYS F 339 6.28 -24.11 -26.04
CA LYS F 339 7.37 -23.79 -26.96
C LYS F 339 8.41 -24.91 -26.92
N LEU F 340 9.01 -25.19 -28.08
CA LEU F 340 10.06 -26.19 -28.20
C LEU F 340 11.40 -25.47 -28.39
N LYS F 341 12.33 -25.72 -27.47
CA LYS F 341 13.68 -25.15 -27.56
C LYS F 341 14.69 -26.28 -27.36
N PHE F 342 15.59 -26.45 -28.33
CA PHE F 342 16.56 -27.53 -28.29
C PHE F 342 17.97 -27.03 -28.51
N LYS F 343 18.89 -27.50 -27.68
CA LYS F 343 20.31 -27.28 -27.84
C LYS F 343 20.94 -28.52 -28.46
N ARG F 344 22.26 -28.54 -28.53
CA ARG F 344 22.97 -29.64 -29.19
C ARG F 344 24.47 -29.46 -29.10
CA CA G . -52.27 9.79 -19.52
CA CA H . -27.36 15.82 -12.94
CA CA I . -17.56 12.62 -4.84
CA CA J . -10.17 4.63 3.18
CA CA K . -39.83 14.78 -18.92
C1 EDO L . -38.88 -20.08 15.87
O1 EDO L . -37.83 -20.49 14.98
C2 EDO L . -39.55 -18.83 15.30
O2 EDO L . -40.01 -19.11 13.97
H11 EDO L . -39.62 -20.87 15.98
H12 EDO L . -38.47 -19.86 16.86
HO1 EDO L . -37.39 -21.27 15.35
H21 EDO L . -40.39 -18.54 15.93
H22 EDO L . -38.85 -18.00 15.29
HO2 EDO L . -40.39 -18.30 13.59
C1 EDO M . -33.36 26.33 -6.17
O1 EDO M . -33.41 25.88 -4.80
C2 EDO M . -33.35 25.12 -7.11
O2 EDO M . -33.99 24.00 -6.48
H11 EDO M . -34.22 26.95 -6.39
H12 EDO M . -32.46 26.92 -6.33
HO1 EDO M . -32.69 25.26 -4.64
H21 EDO M . -33.87 25.37 -8.03
H22 EDO M . -32.33 24.87 -7.36
HO2 EDO M . -34.06 23.28 -7.12
C1 EDO N . 1.61 -24.94 4.39
O1 EDO N . 2.56 -24.50 3.41
C2 EDO N . 0.41 -25.57 3.69
O2 EDO N . 0.85 -26.62 2.82
H11 EDO N . 2.08 -25.67 5.05
H12 EDO N . 1.29 -24.10 5.00
HO1 EDO N . 3.34 -24.13 3.85
H21 EDO N . -0.28 -25.97 4.43
H22 EDO N . -0.12 -24.81 3.11
HO2 EDO N . 0.09 -27.01 2.38
C1 EDO O . -20.23 11.24 -20.29
O1 EDO O . -19.21 12.20 -19.97
C2 EDO O . -19.81 10.40 -21.49
O2 EDO O . -19.75 11.22 -22.67
H11 EDO O . -20.42 10.60 -19.43
H12 EDO O . -21.16 11.76 -20.51
HO1 EDO O . -19.47 12.71 -19.19
H21 EDO O . -18.83 9.96 -21.30
H22 EDO O . -20.52 9.59 -21.64
HO2 EDO O . -19.50 10.68 -23.42
C1 EDO P . -32.34 7.53 -26.14
O1 EDO P . -32.37 7.24 -27.55
C2 EDO P . -32.69 9.00 -26.00
O2 EDO P . -31.90 9.73 -26.95
H11 EDO P . -33.06 6.91 -25.61
H12 EDO P . -31.34 7.32 -25.74
HO1 EDO P . -31.50 6.94 -27.84
H21 EDO P . -33.74 9.16 -26.19
H22 EDO P . -32.46 9.34 -24.99
HO2 EDO P . -32.48 10.24 -27.53
CA CA Q . 23.90 30.95 9.75
CA CA R . -10.51 15.28 9.55
C1 EDO S . 10.48 -11.92 25.35
O1 EDO S . 11.59 -11.72 24.47
C2 EDO S . 9.16 -11.73 24.58
O2 EDO S . 9.21 -12.45 23.35
H11 EDO S . 10.52 -12.92 25.78
H12 EDO S . 10.53 -11.20 26.16
HO1 EDO S . 12.42 -11.85 24.96
H21 EDO S . 8.34 -12.12 25.19
H22 EDO S . 8.99 -10.68 24.39
HO2 EDO S . 8.38 -12.32 22.86
C1 EDO T . 5.56 13.91 -1.64
O1 EDO T . 5.80 13.66 -3.03
C2 EDO T . 5.71 15.41 -1.37
O2 EDO T . 5.76 16.12 -2.61
H11 EDO T . 4.55 13.58 -1.37
H12 EDO T . 6.27 13.36 -1.03
HO1 EDO T . 6.75 13.63 -3.19
H21 EDO T . 4.86 15.76 -0.77
H22 EDO T . 6.62 15.60 -0.80
HO2 EDO T . 4.91 16.55 -2.77
CA CA U . 10.71 28.84 4.91
CA CA V . -0.69 22.58 5.38
CA CA W . -18.20 8.66 19.76
CA CA X . 51.46 -33.51 3.30
CA CA Y . 53.75 -34.30 -9.55
CA CA Z . 51.95 -27.59 15.57
CA CA AA . 59.10 -31.19 -21.23
CA CA BA . 54.64 -4.45 28.35
C1 EDO CA . 45.07 12.57 28.02
O1 EDO CA . 45.08 13.25 29.28
C2 EDO CA . 45.23 13.55 26.86
O2 EDO CA . 46.56 14.09 26.87
H11 EDO CA . 45.86 11.83 27.99
H12 EDO CA . 44.12 12.04 27.91
HO1 EDO CA . 44.96 12.61 30.00
H21 EDO CA . 45.04 13.05 25.92
H22 EDO CA . 44.50 14.36 26.97
HO2 EDO CA . 46.66 14.70 26.13
C1 EDO DA . 38.30 4.01 14.64
O1 EDO DA . 38.66 5.23 15.30
C2 EDO DA . 37.40 3.18 15.56
O2 EDO DA . 36.21 3.91 15.88
H11 EDO DA . 37.76 4.23 13.72
H12 EDO DA . 39.19 3.45 14.39
HO1 EDO DA . 39.20 5.77 14.70
H21 EDO DA . 37.14 2.24 15.07
H22 EDO DA . 37.94 2.94 16.48
HO2 EDO DA . 35.64 3.37 16.45
C1 EDO EA . 40.90 -24.74 18.98
O1 EDO EA . 41.22 -23.65 18.10
C2 EDO EA . 39.38 -24.86 19.06
O2 EDO EA . 38.86 -24.69 17.73
H11 EDO EA . 41.33 -25.68 18.58
H12 EDO EA . 41.31 -24.58 19.97
HO1 EDO EA . 41.99 -23.88 17.56
H21 EDO EA . 39.10 -25.83 19.45
H22 EDO EA . 38.99 -24.09 19.72
HO2 EDO EA . 38.31 -23.90 17.70
CA CA FA . 18.98 -35.48 -51.46
#